data_4ZTZ
#
_entry.id   4ZTZ
#
_cell.length_a   217.600
_cell.length_b   217.600
_cell.length_c   165.709
_cell.angle_alpha   90.00
_cell.angle_beta   90.00
_cell.angle_gamma   90.00
#
_symmetry.space_group_name_H-M   'P 41 21 2'
#
loop_
_entity.id
_entity.type
_entity.pdbx_description
1 polymer 'DNA polymerase subunit gamma-1'
2 polymer 'DNA polymerase subunit gamma-2, mitochondrial'
3 polymer 'DNA (25-MER)'
4 polymer "DNA (5'-D(P*AP*AP*GP*AP*CP*GP*AP*GP*GP*GP*CP*CP*AP*GP*TP*GP*CP*CP*GP*TP*AP*C)-3')"
5 non-polymer 'MAGNESIUM ION'
6 non-polymer "2'-DEOXYCYTIDINE-5'-TRIPHOSPHATE"
#
loop_
_entity_poly.entity_id
_entity_poly.type
_entity_poly.pdbx_seq_one_letter_code
_entity_poly.pdbx_strand_id
1 'polypeptide(L)'
;MVPASDPSDGQRRRQQQQQQQQQQQQQPQQPQVLSSEGGQLRHNPLDIQMLSRGLHEQIFGQGGEMPGEAAVRRSVEHLQ
KHGLWGQPAVPLPDVELRLPPLYGDNLDQHFRLLAQKQSLPYLEAANLLLQAQLPPKPPAWAWAEGWTRYGPEGEAVPVA
IPEERALVFAVAVCLAEGTCPTLAVAISPSAWYSWCSQRLVEERYSWTSQLSPADLIPLEVPTGASSPTQRDWQEQLVVG
HNVSFDRAHIREQYLIQGSRMRFLDTMSMHMAISGLSSFQRSLWIAAKQGKHKVQPPTKQGQKSQRKARRGPAISSWDWL
DISSVNSLAEVHRLYVGGPPLEKEPRELFVKGTMKDIRENFQDLMQYCAQDVWATHEVFQQQLPLFLERCPHPVTLAGML
EMGVSYLPVNQNWERYLAEAQGTYEELQREMKKSLMDLANDACQLLSGERYKEDPWLWDLEWDLQEFKQKKAKKVKKEPA
TASKLPIEGAGAPGDPMDQEDLGPCSEEEEFQQDVMARACLQKLKGTTELLPKRPQHLPGHPGWYRKLCPRLDDPAWTPG
PSLLSLQMRVTPKLMALTWDGFPLHYSERHGWGYLVPGRRDNLAKLPTGTTLESAGVVCPYRAIESLYRKHCLEQGKQQL
MPQEAGLAEEFLLTDNSAIWQTVEELDYLEVEAEAKMENLRAAVPGQPLALTARGGPKDTQPSYHHGNGPYNDVDIPGCW
FFKLPHKDGNSCNVGSPFAKDFLPKMEDGTLQAGPGGASGPRALEINKMISFWRNAHKRISSQMVVWLPRSALPRAVIRH
PDYDEEGLYGAILPQVVTAGTITRRAVEPTWLTASNARPDRVGSELKAMVQAPPGYTLVGADVDSQELWIAAVLGDAHFA
GMHGCTAFGWMTLQGRKSRGTDLHSKTATTVGISREHAKIFNYGRIYGAGQPFAERLLMQFNHRLTQQEAAEKAQQMYAA
TKGLRWYRLSDEGEWLVRELNLPVDRTEGGWISLQDLRKVQRETARKSQWKKWEVVAERAWKGGTESEMFNKLESIATSD
IPRTPVLGCCISRALEPSAVQEEFMTSRVNWVVQSSAVDYLHLMLVAMKWLFEEFAIDGRFCISIHDEVRYLVREEDRYR
AALALQITNLLTRCMFAYKLGLNDLPQSVAFFSAVDIDRCLRKEVTMDCKTPSNPTGMERRYGIPQGEALDIYQIIELTK
GSLEKRSQPGPAAALEHHHHHH
;
A
2 'polypeptide(L)'
;MDAGQPELLTERSSPKGGHVKSHAELEGNGEHPEAPGSGEGSEALLEICQRRHFLSGSKQQLSRDSLLSGCHPGFGPLGV
ELRKNLAAEWWTSVVVFREQVFPVDALHHKPGPLLPGDSAFRLVSAETLREILQDKELSKEQLVAFLENVLKTSGKLREN
LLHGALEHYVNCLDLVNKRLPYGLAQIGVCFHPVFDTKQIRNGVKSIGEKTEASLVWFTPPRTSNQWLDFWLRHRLQWWR
KFAMSPSNFSSSDCQDEEGRKGNKLYYNFPWGKELIETLWNLGDHELLHMYPGNVSKLHGRDGRKNVVPCVLSVNGDLDR
GMLAYLYDSFQLTENSFTRKKNLHRKVLKLHPCLAPIKVALDVGRGPTLELRQVCQGLFNELLENGISVWPGYLETMQSS
LEQLYSKYDEMSILFTVLVTETTLENGLIHLRSRDTTMKEMMHISKLKDFLIKYISSAKNVAAALEHHHHHH
;
B,C
3 'polydeoxyribonucleotide'
;(DG)(DC)(DG)(DA)(DT)(DA)(DC)(DG)(DG)(DC)(DA)(DC)(DT)(DG)(DG)(DC)(DC)(DC)(DT)(DC)
(DG)(DT)(DC)(DT)(DT)(DT)(DT)
;
T
4 'polydeoxyribonucleotide'
;(DA)(DA)(DA)(DA)(DG)(DA)(DC)(DG)(DA)(DG)(DG)(DG)(DC)(DC)(DA)(DG)(DT)(DG)(DC)(DC)
(DG)(DT)(DA)(DOC)
;
P
#
# COMPACT_ATOMS: atom_id res chain seq x y z
N MET A 50 -31.10 -3.71 49.86
CA MET A 50 -31.99 -4.84 50.07
C MET A 50 -31.47 -6.10 49.35
N LEU A 51 -30.63 -6.88 50.03
CA LEU A 51 -30.19 -6.57 51.39
C LEU A 51 -28.70 -6.88 51.50
N SER A 52 -28.16 -6.79 52.72
CA SER A 52 -26.76 -7.11 53.00
C SER A 52 -25.79 -6.39 52.06
N ARG A 53 -26.08 -5.12 51.80
CA ARG A 53 -25.23 -4.27 50.97
C ARG A 53 -25.02 -4.82 49.55
N GLY A 54 -26.08 -5.38 48.97
CA GLY A 54 -26.03 -5.82 47.60
C GLY A 54 -26.45 -7.27 47.33
N LEU A 55 -27.70 -7.44 46.91
CA LEU A 55 -28.18 -8.74 46.43
C LEU A 55 -29.45 -8.55 45.60
N HIS A 56 -29.74 -9.54 44.75
CA HIS A 56 -30.95 -9.51 43.93
C HIS A 56 -31.86 -10.68 44.24
N GLU A 57 -33.07 -10.62 43.70
CA GLU A 57 -34.01 -11.73 43.81
C GLU A 57 -33.46 -12.95 43.07
N GLN A 58 -33.15 -14.00 43.83
CA GLN A 58 -32.55 -15.18 43.22
C GLN A 58 -33.19 -16.46 43.73
N ILE A 59 -33.15 -17.49 42.90
CA ILE A 59 -33.60 -18.82 43.28
C ILE A 59 -32.44 -19.79 43.06
N PHE A 60 -31.32 -19.51 43.71
CA PHE A 60 -30.12 -20.33 43.58
C PHE A 60 -29.71 -20.94 44.92
N GLY A 61 -30.68 -21.04 45.82
CA GLY A 61 -30.43 -21.59 47.14
C GLY A 61 -31.08 -20.75 48.23
N GLN A 62 -31.97 -21.39 48.98
CA GLN A 62 -32.72 -20.69 50.03
C GLN A 62 -31.85 -20.46 51.27
N GLY A 63 -30.92 -21.36 51.52
CA GLY A 63 -30.02 -21.24 52.66
C GLY A 63 -28.62 -21.73 52.34
N GLY A 64 -27.63 -20.87 52.53
CA GLY A 64 -27.85 -19.53 53.03
C GLY A 64 -26.82 -19.15 54.09
N GLU A 65 -27.09 -18.08 54.82
CA GLU A 65 -26.25 -17.65 55.94
C GLU A 65 -26.02 -18.81 56.91
N MET A 66 -24.78 -19.15 57.27
CA MET A 66 -23.49 -18.48 56.95
C MET A 66 -23.39 -17.00 57.32
N PRO A 67 -23.51 -16.68 58.63
CA PRO A 67 -23.36 -15.29 59.05
C PRO A 67 -21.89 -14.90 59.32
N GLY A 68 -21.23 -15.62 60.22
CA GLY A 68 -19.86 -15.33 60.59
C GLY A 68 -19.73 -13.99 61.27
N GLU A 69 -20.49 -13.82 62.36
CA GLU A 69 -20.60 -12.54 63.07
C GLU A 69 -19.24 -12.00 63.53
N ALA A 70 -18.38 -12.88 64.00
CA ALA A 70 -17.04 -12.48 64.43
C ALA A 70 -16.23 -11.98 63.22
N ALA A 71 -16.32 -12.72 62.13
CA ALA A 71 -15.61 -12.38 60.90
C ALA A 71 -16.09 -11.05 60.32
N VAL A 72 -17.40 -10.80 60.40
CA VAL A 72 -17.94 -9.55 59.87
C VAL A 72 -17.70 -8.40 60.83
N ARG A 73 -17.45 -8.70 62.10
CA ARG A 73 -17.06 -7.66 63.04
C ARG A 73 -15.61 -7.27 62.74
N ARG A 74 -14.79 -8.26 62.44
CA ARG A 74 -13.40 -8.02 62.06
C ARG A 74 -13.35 -7.21 60.77
N SER A 75 -14.20 -7.58 59.82
CA SER A 75 -14.24 -6.92 58.52
C SER A 75 -14.75 -5.49 58.64
N VAL A 76 -15.80 -5.29 59.42
CA VAL A 76 -16.37 -3.96 59.61
C VAL A 76 -15.37 -3.04 60.33
N GLU A 77 -14.72 -3.56 61.37
CA GLU A 77 -13.72 -2.78 62.09
C GLU A 77 -12.57 -2.41 61.16
N HIS A 78 -12.13 -3.39 60.37
CA HIS A 78 -11.07 -3.18 59.38
C HIS A 78 -11.44 -2.08 58.38
N LEU A 79 -12.67 -2.15 57.87
CA LEU A 79 -13.15 -1.18 56.89
C LEU A 79 -13.45 0.18 57.53
N GLN A 80 -13.50 0.21 58.85
CA GLN A 80 -13.73 1.46 59.57
C GLN A 80 -12.42 2.17 59.84
N LYS A 81 -11.38 1.41 60.18
CA LYS A 81 -10.07 1.98 60.46
C LYS A 81 -9.29 2.23 59.16
N HIS A 82 -9.70 1.55 58.09
CA HIS A 82 -9.03 1.67 56.81
C HIS A 82 -8.98 3.10 56.21
N GLY A 83 -10.09 3.84 56.13
CA GLY A 83 -11.42 3.43 56.56
C GLY A 83 -12.51 3.89 55.62
N LEU A 84 -13.47 2.99 55.35
CA LEU A 84 -14.58 3.29 54.46
C LEU A 84 -15.92 2.98 55.12
N TRP A 85 -16.61 4.02 55.58
CA TRP A 85 -17.94 3.85 56.17
C TRP A 85 -18.87 4.98 55.74
N GLY A 86 -18.66 5.50 54.54
CA GLY A 86 -19.52 6.52 53.98
C GLY A 86 -20.26 5.99 52.78
N GLN A 87 -21.23 5.10 53.03
CA GLN A 87 -21.99 4.46 51.97
C GLN A 87 -22.85 5.46 51.21
N PRO A 88 -22.87 5.35 49.88
CA PRO A 88 -23.65 6.25 49.01
C PRO A 88 -25.15 5.94 49.04
N ALA A 89 -25.48 4.70 49.39
CA ALA A 89 -26.88 4.25 49.45
C ALA A 89 -27.61 4.51 48.14
N VAL A 90 -27.10 3.93 47.05
CA VAL A 90 -27.70 4.08 45.74
C VAL A 90 -28.09 2.73 45.14
N PRO A 91 -29.27 2.20 45.54
CA PRO A 91 -29.74 0.90 45.08
C PRO A 91 -29.99 0.83 43.58
N LEU A 92 -29.34 -0.11 42.90
CA LEU A 92 -29.56 -0.31 41.47
C LEU A 92 -30.92 -0.97 41.26
N PRO A 93 -31.57 -0.67 40.12
CA PRO A 93 -32.90 -1.23 39.83
C PRO A 93 -32.88 -2.76 39.74
N ASP A 94 -33.60 -3.41 40.66
CA ASP A 94 -33.69 -4.86 40.67
C ASP A 94 -34.53 -5.37 39.50
N VAL A 95 -34.17 -6.53 38.97
CA VAL A 95 -34.86 -7.09 37.82
C VAL A 95 -35.65 -8.34 38.19
N GLU A 96 -36.93 -8.37 37.82
CA GLU A 96 -37.79 -9.50 38.08
C GLU A 96 -38.17 -10.21 36.79
N LEU A 97 -37.50 -11.32 36.50
CA LEU A 97 -37.76 -12.09 35.29
C LEU A 97 -37.79 -13.59 35.59
N ARG A 98 -38.57 -14.33 34.80
CA ARG A 98 -38.67 -15.78 34.98
C ARG A 98 -37.44 -16.48 34.42
N LEU A 99 -36.56 -16.92 35.32
CA LEU A 99 -35.31 -17.56 34.94
C LEU A 99 -35.54 -18.89 34.23
N PRO A 100 -34.63 -19.24 33.30
CA PRO A 100 -34.65 -20.54 32.61
C PRO A 100 -34.58 -21.72 33.59
N PRO A 101 -35.08 -22.90 33.18
CA PRO A 101 -35.14 -24.06 34.07
C PRO A 101 -33.76 -24.55 34.53
N LEU A 102 -33.63 -24.78 35.83
CA LEU A 102 -32.42 -25.36 36.40
C LEU A 102 -32.60 -26.87 36.57
N TYR A 103 -31.50 -27.62 36.51
CA TYR A 103 -31.57 -29.07 36.52
C TYR A 103 -31.24 -29.66 37.89
N GLY A 104 -30.71 -28.83 38.78
CA GLY A 104 -30.41 -29.27 40.13
C GLY A 104 -29.13 -30.08 40.25
N ASP A 105 -28.59 -30.18 41.46
CA ASP A 105 -29.16 -29.54 42.63
C ASP A 105 -28.69 -28.09 42.73
N ASN A 106 -27.41 -27.87 42.45
CA ASN A 106 -26.86 -26.52 42.38
C ASN A 106 -26.59 -26.13 40.94
N LEU A 107 -26.04 -24.94 40.74
CA LEU A 107 -25.69 -24.50 39.39
C LEU A 107 -24.39 -25.17 38.94
N ASP A 108 -23.67 -25.74 39.90
CA ASP A 108 -22.47 -26.52 39.61
C ASP A 108 -22.82 -27.75 38.77
N GLN A 109 -23.81 -28.51 39.24
CA GLN A 109 -24.26 -29.68 38.52
C GLN A 109 -25.01 -29.28 37.26
N HIS A 110 -25.52 -28.06 37.24
CA HIS A 110 -26.16 -27.51 36.05
C HIS A 110 -25.13 -27.38 34.93
N PHE A 111 -24.11 -26.57 35.17
CA PHE A 111 -23.04 -26.37 34.20
C PHE A 111 -22.31 -27.67 33.89
N ARG A 112 -22.22 -28.55 34.88
CA ARG A 112 -21.54 -29.83 34.70
C ARG A 112 -22.32 -30.73 33.72
N LEU A 113 -23.62 -30.84 33.95
CA LEU A 113 -24.47 -31.66 33.08
C LEU A 113 -24.58 -31.05 31.69
N LEU A 114 -24.58 -29.72 31.62
CA LEU A 114 -24.58 -29.04 30.33
C LEU A 114 -23.32 -29.36 29.55
N ALA A 115 -22.17 -29.14 30.19
CA ALA A 115 -20.88 -29.37 29.57
C ALA A 115 -20.70 -30.84 29.17
N GLN A 116 -21.24 -31.74 29.98
CA GLN A 116 -21.16 -33.16 29.69
C GLN A 116 -22.04 -33.53 28.50
N LYS A 117 -23.28 -33.02 28.48
CA LYS A 117 -24.20 -33.35 27.40
C LYS A 117 -23.79 -32.67 26.10
N GLN A 118 -22.92 -31.68 26.20
CA GLN A 118 -22.41 -30.99 25.03
C GLN A 118 -21.16 -31.67 24.47
N SER A 119 -20.38 -32.29 25.36
CA SER A 119 -19.10 -32.88 24.96
C SER A 119 -19.10 -34.40 25.03
N LEU A 120 -20.28 -34.99 25.27
CA LEU A 120 -20.38 -36.44 25.36
C LEU A 120 -20.11 -37.17 24.02
N PRO A 121 -20.71 -36.70 22.90
CA PRO A 121 -20.44 -37.43 21.66
C PRO A 121 -18.97 -37.31 21.23
N TYR A 122 -18.37 -36.16 21.50
CA TYR A 122 -16.99 -35.94 21.12
C TYR A 122 -16.05 -36.74 22.02
N LEU A 123 -16.43 -36.91 23.28
CA LEU A 123 -15.68 -37.77 24.18
C LEU A 123 -15.78 -39.22 23.73
N GLU A 124 -16.96 -39.62 23.27
CA GLU A 124 -17.16 -40.95 22.73
C GLU A 124 -16.27 -41.19 21.52
N ALA A 125 -16.24 -40.22 20.62
CA ALA A 125 -15.40 -40.31 19.43
C ALA A 125 -13.92 -40.35 19.79
N ALA A 126 -13.53 -39.55 20.77
CA ALA A 126 -12.16 -39.54 21.27
C ALA A 126 -11.77 -40.90 21.81
N ASN A 127 -12.68 -41.50 22.56
CA ASN A 127 -12.47 -42.84 23.10
C ASN A 127 -12.40 -43.87 21.98
N LEU A 128 -13.13 -43.62 20.89
CA LEU A 128 -13.06 -44.48 19.71
C LEU A 128 -11.70 -44.36 19.05
N LEU A 129 -11.09 -43.18 19.16
CA LEU A 129 -9.74 -42.98 18.66
C LEU A 129 -8.70 -43.62 19.59
N LEU A 130 -9.03 -43.70 20.87
CA LEU A 130 -8.11 -44.26 21.85
C LEU A 130 -7.99 -45.78 21.75
N GLN A 131 -9.12 -46.47 21.67
CA GLN A 131 -9.12 -47.93 21.58
C GLN A 131 -8.97 -48.40 20.14
N ALA A 132 -8.54 -47.50 19.26
CA ALA A 132 -8.39 -47.81 17.85
C ALA A 132 -7.22 -48.72 17.57
N GLN A 133 -7.49 -49.89 17.00
CA GLN A 133 -6.45 -50.80 16.56
C GLN A 133 -6.01 -50.41 15.14
N LEU A 134 -4.71 -50.23 14.97
CA LEU A 134 -4.17 -49.59 13.78
C LEU A 134 -3.78 -50.56 12.67
N PRO A 135 -4.37 -50.38 11.48
CA PRO A 135 -3.90 -51.05 10.26
C PRO A 135 -2.71 -50.31 9.66
N PRO A 136 -1.70 -51.04 9.17
CA PRO A 136 -0.42 -50.45 8.73
C PRO A 136 -0.57 -49.50 7.54
N LYS A 137 0.42 -48.65 7.34
CA LYS A 137 0.44 -47.72 6.21
C LYS A 137 0.47 -48.49 4.89
N PRO A 138 -0.17 -47.93 3.86
CA PRO A 138 -0.17 -48.51 2.51
C PRO A 138 1.23 -48.55 1.90
N PRO A 139 1.50 -49.54 1.05
CA PRO A 139 2.79 -49.67 0.37
C PRO A 139 3.01 -48.56 -0.66
N ALA A 140 1.91 -47.97 -1.12
CA ALA A 140 1.98 -46.89 -2.10
C ALA A 140 0.74 -45.99 -1.99
N TRP A 141 0.94 -44.69 -2.21
CA TRP A 141 -0.14 -43.72 -2.12
C TRP A 141 -0.78 -43.50 -3.49
N ALA A 142 -2.11 -43.43 -3.51
CA ALA A 142 -2.84 -43.25 -4.76
C ALA A 142 -2.72 -41.83 -5.30
N TRP A 143 -2.39 -41.72 -6.58
CA TRP A 143 -2.27 -40.43 -7.23
C TRP A 143 -3.59 -40.05 -7.91
N ALA A 144 -4.65 -40.01 -7.11
CA ALA A 144 -5.98 -39.72 -7.63
C ALA A 144 -6.68 -38.61 -6.86
N GLU A 145 -7.43 -37.78 -7.58
CA GLU A 145 -8.17 -36.66 -7.00
C GLU A 145 -9.26 -37.15 -6.06
N GLY A 146 -9.42 -36.45 -4.93
CA GLY A 146 -10.43 -36.82 -3.95
C GLY A 146 -9.84 -37.66 -2.84
N TRP A 147 -10.70 -38.37 -2.11
CA TRP A 147 -10.23 -39.20 -1.02
C TRP A 147 -9.94 -40.62 -1.50
N THR A 148 -8.94 -41.25 -0.90
CA THR A 148 -8.64 -42.64 -1.20
C THR A 148 -8.59 -43.44 0.09
N ARG A 149 -9.48 -44.42 0.20
CA ARG A 149 -9.57 -45.28 1.35
C ARG A 149 -8.60 -46.45 1.23
N TYR A 150 -7.79 -46.66 2.26
CA TYR A 150 -6.90 -47.81 2.34
C TYR A 150 -7.32 -48.72 3.49
N GLY A 151 -7.94 -49.84 3.15
CA GLY A 151 -8.40 -50.78 4.14
C GLY A 151 -7.55 -52.04 4.19
N PRO A 152 -8.07 -53.14 3.61
CA PRO A 152 -7.35 -54.42 3.59
C PRO A 152 -6.11 -54.36 2.71
N GLU A 153 -4.94 -54.56 3.33
CA GLU A 153 -3.65 -54.57 2.64
C GLU A 153 -3.38 -53.27 1.89
N GLY A 154 -4.03 -52.19 2.32
CA GLY A 154 -3.80 -50.88 1.74
C GLY A 154 -4.22 -50.74 0.29
N GLU A 155 -5.34 -51.36 -0.07
CA GLU A 155 -5.87 -51.22 -1.42
C GLU A 155 -6.44 -49.82 -1.61
N ALA A 156 -6.43 -49.34 -2.86
CA ALA A 156 -6.92 -47.99 -3.16
C ALA A 156 -8.40 -48.00 -3.51
N VAL A 157 -9.23 -47.47 -2.62
CA VAL A 157 -10.67 -47.40 -2.85
C VAL A 157 -11.12 -45.95 -2.98
N PRO A 158 -11.43 -45.51 -4.22
CA PRO A 158 -11.87 -44.14 -4.50
C PRO A 158 -13.11 -43.74 -3.69
N VAL A 159 -12.97 -42.73 -2.86
CA VAL A 159 -14.06 -42.25 -2.01
C VAL A 159 -14.17 -40.73 -2.08
N ALA A 160 -15.40 -40.23 -2.05
CA ALA A 160 -15.64 -38.79 -2.02
C ALA A 160 -15.48 -38.22 -0.61
N ILE A 161 -16.07 -38.90 0.37
CA ILE A 161 -16.01 -38.46 1.75
C ILE A 161 -15.75 -39.61 2.72
N PRO A 162 -14.69 -39.50 3.53
CA PRO A 162 -14.35 -40.52 4.53
C PRO A 162 -15.38 -40.56 5.66
N GLU A 163 -16.36 -41.45 5.55
CA GLU A 163 -17.43 -41.54 6.54
C GLU A 163 -16.92 -42.19 7.83
N GLU A 164 -16.53 -41.36 8.78
CA GLU A 164 -16.02 -41.84 10.06
C GLU A 164 -16.52 -40.97 11.21
N ARG A 165 -16.67 -41.58 12.38
CA ARG A 165 -17.08 -40.85 13.58
C ARG A 165 -16.01 -39.85 13.98
N ALA A 166 -14.75 -40.29 13.91
CA ALA A 166 -13.62 -39.45 14.29
C ALA A 166 -12.36 -39.83 13.52
N LEU A 167 -11.46 -38.87 13.34
CA LEU A 167 -10.20 -39.12 12.68
C LEU A 167 -9.17 -38.05 13.00
N VAL A 168 -7.89 -38.40 12.88
CA VAL A 168 -6.83 -37.41 12.97
C VAL A 168 -6.66 -36.79 11.60
N PHE A 169 -6.10 -35.58 11.54
CA PHE A 169 -6.04 -34.87 10.28
C PHE A 169 -4.86 -33.90 10.21
N ALA A 170 -4.20 -33.89 9.05
CA ALA A 170 -3.16 -32.89 8.78
C ALA A 170 -3.13 -32.55 7.30
N VAL A 171 -3.56 -31.35 6.96
CA VAL A 171 -3.62 -30.91 5.57
C VAL A 171 -2.29 -30.35 5.10
N ALA A 172 -2.04 -30.48 3.80
CA ALA A 172 -0.84 -29.91 3.18
C ALA A 172 -1.24 -28.85 2.17
N VAL A 173 -0.39 -27.85 1.99
CA VAL A 173 -0.70 -26.76 1.07
C VAL A 173 0.57 -26.22 0.43
N CYS A 174 0.59 -26.16 -0.90
CA CYS A 174 1.71 -25.60 -1.62
C CYS A 174 1.73 -24.08 -1.43
N LEU A 175 2.70 -23.59 -0.67
CA LEU A 175 2.79 -22.18 -0.34
C LEU A 175 3.16 -21.33 -1.55
N ALA A 176 3.81 -21.97 -2.51
CA ALA A 176 4.28 -21.29 -3.73
C ALA A 176 3.14 -20.58 -4.46
N GLU A 177 1.96 -21.19 -4.43
CA GLU A 177 0.77 -20.58 -5.02
C GLU A 177 -0.44 -20.84 -4.15
N GLY A 178 -0.28 -20.66 -2.85
CA GLY A 178 -1.33 -20.90 -1.89
C GLY A 178 -2.42 -19.84 -1.94
N THR A 179 -3.34 -19.88 -0.98
CA THR A 179 -3.30 -20.88 0.08
C THR A 179 -4.34 -21.98 -0.16
N CYS A 180 -4.17 -22.71 -1.26
CA CYS A 180 -5.09 -23.79 -1.59
C CYS A 180 -4.48 -25.15 -1.28
N PRO A 181 -5.24 -26.00 -0.57
CA PRO A 181 -4.80 -27.35 -0.19
C PRO A 181 -4.27 -28.14 -1.38
N THR A 182 -3.32 -29.05 -1.14
CA THR A 182 -2.74 -29.85 -2.20
C THR A 182 -2.70 -31.33 -1.83
N LEU A 183 -2.47 -31.60 -0.54
CA LEU A 183 -2.45 -32.97 -0.03
C LEU A 183 -3.12 -33.06 1.33
N ALA A 184 -3.44 -34.28 1.74
CA ALA A 184 -3.99 -34.53 3.07
C ALA A 184 -3.93 -36.02 3.40
N VAL A 185 -3.73 -36.32 4.68
CA VAL A 185 -3.77 -37.69 5.17
C VAL A 185 -4.60 -37.75 6.44
N ALA A 186 -5.46 -38.75 6.55
CA ALA A 186 -6.30 -38.90 7.73
C ALA A 186 -6.50 -40.37 8.07
N ILE A 187 -6.11 -40.76 9.28
CA ILE A 187 -6.32 -42.14 9.72
C ILE A 187 -7.57 -42.22 10.58
N SER A 188 -8.19 -43.39 10.57
CA SER A 188 -9.41 -43.62 11.32
C SER A 188 -9.29 -44.90 12.14
N PRO A 189 -10.15 -45.07 13.15
CA PRO A 189 -10.15 -46.31 13.93
C PRO A 189 -10.38 -47.56 13.07
N SER A 190 -10.81 -47.37 11.83
CA SER A 190 -11.06 -48.48 10.93
C SER A 190 -9.94 -48.67 9.90
N ALA A 191 -9.62 -47.61 9.18
CA ALA A 191 -8.63 -47.70 8.09
C ALA A 191 -7.96 -46.36 7.80
N TRP A 192 -7.26 -46.28 6.66
CA TRP A 192 -6.54 -45.07 6.29
C TRP A 192 -7.24 -44.29 5.18
N TYR A 193 -6.86 -43.02 5.05
CA TYR A 193 -7.40 -42.16 4.00
C TYR A 193 -6.36 -41.15 3.51
N SER A 194 -6.33 -40.93 2.20
CA SER A 194 -5.44 -39.90 1.64
C SER A 194 -6.16 -39.05 0.61
N TRP A 195 -6.25 -37.75 0.88
CA TRP A 195 -6.95 -36.82 -0.01
C TRP A 195 -6.01 -36.01 -0.89
N CYS A 196 -6.22 -36.08 -2.20
CA CYS A 196 -5.46 -35.25 -3.13
C CYS A 196 -6.36 -34.17 -3.73
N SER A 197 -5.81 -32.97 -3.87
CA SER A 197 -6.56 -31.85 -4.45
C SER A 197 -6.61 -31.95 -5.96
N GLN A 198 -7.27 -30.99 -6.59
CA GLN A 198 -7.45 -31.00 -8.04
C GLN A 198 -6.17 -30.66 -8.78
N ARG A 199 -5.10 -30.42 -8.03
CA ARG A 199 -3.79 -30.12 -8.62
C ARG A 199 -3.07 -31.40 -9.03
N LEU A 200 -3.68 -32.14 -9.93
CA LEU A 200 -3.07 -33.33 -10.50
C LEU A 200 -2.93 -33.16 -12.01
N VAL A 201 -3.62 -32.16 -12.55
CA VAL A 201 -3.54 -31.84 -13.97
C VAL A 201 -2.92 -30.46 -14.18
N GLU A 202 -1.94 -30.37 -15.07
CA GLU A 202 -1.27 -29.11 -15.34
C GLU A 202 -2.16 -28.15 -16.11
N GLU A 203 -2.66 -27.13 -15.42
CA GLU A 203 -3.48 -26.09 -16.04
C GLU A 203 -3.01 -24.71 -15.62
N ARG A 204 -3.62 -23.69 -16.21
CA ARG A 204 -3.35 -22.31 -15.79
C ARG A 204 -4.48 -21.85 -14.88
N TYR A 205 -4.54 -22.42 -13.68
CA TYR A 205 -5.63 -22.19 -12.74
C TYR A 205 -5.82 -20.73 -12.34
N SER A 206 -7.04 -20.39 -11.95
CA SER A 206 -7.35 -19.08 -11.42
C SER A 206 -7.90 -19.22 -10.01
N TRP A 207 -7.16 -18.71 -9.04
CA TRP A 207 -7.52 -18.90 -7.64
C TRP A 207 -8.27 -17.71 -7.07
N THR A 208 -9.57 -17.87 -6.90
CA THR A 208 -10.40 -16.88 -6.22
C THR A 208 -10.97 -17.52 -4.96
N SER A 209 -10.30 -18.57 -4.50
CA SER A 209 -10.67 -19.33 -3.31
C SER A 209 -12.12 -19.82 -3.36
N GLN A 210 -12.38 -20.77 -4.25
CA GLN A 210 -13.70 -21.39 -4.36
C GLN A 210 -13.88 -22.44 -3.27
N LEU A 211 -14.89 -23.29 -3.42
CA LEU A 211 -15.05 -24.41 -2.50
C LEU A 211 -14.16 -25.56 -2.94
N SER A 212 -12.86 -25.31 -2.91
CA SER A 212 -11.84 -26.28 -3.26
C SER A 212 -11.18 -26.98 -2.06
N PRO A 213 -11.12 -26.33 -0.87
CA PRO A 213 -10.74 -27.06 0.34
C PRO A 213 -11.40 -28.42 0.54
N ALA A 214 -10.77 -29.27 1.34
CA ALA A 214 -11.18 -30.66 1.50
C ALA A 214 -12.59 -30.82 2.06
N ASP A 215 -13.33 -31.76 1.48
CA ASP A 215 -14.65 -32.13 1.97
C ASP A 215 -14.53 -33.20 3.05
N LEU A 216 -15.19 -32.99 4.19
CA LEU A 216 -15.02 -33.89 5.32
C LEU A 216 -16.35 -34.25 5.99
N ILE A 217 -17.31 -33.34 5.92
CA ILE A 217 -18.59 -33.53 6.59
C ILE A 217 -19.53 -34.39 5.74
N PRO A 218 -20.36 -35.22 6.39
CA PRO A 218 -21.37 -36.02 5.70
C PRO A 218 -22.70 -35.29 5.59
N LEU A 219 -23.49 -35.62 4.58
CA LEU A 219 -24.79 -34.98 4.40
C LEU A 219 -25.88 -35.73 5.17
N GLU A 220 -26.91 -35.00 5.58
CA GLU A 220 -28.03 -35.61 6.29
C GLU A 220 -29.06 -36.17 5.31
N VAL A 221 -29.52 -35.32 4.40
CA VAL A 221 -30.48 -35.74 3.39
C VAL A 221 -29.96 -35.41 1.99
N GLN A 234 -23.07 -37.88 18.12
CA GLN A 234 -23.16 -37.44 16.73
C GLN A 234 -22.80 -35.97 16.57
N GLU A 235 -22.04 -35.66 15.51
CA GLU A 235 -21.63 -36.67 14.54
C GLU A 235 -20.11 -36.80 14.42
N GLN A 236 -19.42 -35.68 14.37
CA GLN A 236 -18.01 -35.68 13.99
C GLN A 236 -17.06 -35.20 15.09
N LEU A 237 -15.79 -35.58 14.94
CA LEU A 237 -14.72 -35.07 15.79
C LEU A 237 -13.38 -35.20 15.07
N VAL A 238 -12.70 -34.08 14.88
CA VAL A 238 -11.44 -34.07 14.17
C VAL A 238 -10.31 -33.55 15.04
N VAL A 239 -9.34 -34.43 15.34
CA VAL A 239 -8.19 -34.04 16.13
C VAL A 239 -6.98 -33.76 15.22
N GLY A 240 -6.04 -32.98 15.74
CA GLY A 240 -4.84 -32.65 14.98
C GLY A 240 -3.93 -31.67 15.69
N HIS A 241 -2.66 -31.66 15.30
CA HIS A 241 -1.71 -30.69 15.83
C HIS A 241 -1.91 -29.36 15.11
N ASN A 242 -2.25 -28.32 15.86
CA ASN A 242 -2.71 -27.05 15.29
C ASN A 242 -3.88 -27.33 14.35
N VAL A 243 -4.96 -27.86 14.92
CA VAL A 243 -6.09 -28.37 14.15
C VAL A 243 -6.87 -27.26 13.46
N SER A 244 -6.72 -26.03 13.93
CA SER A 244 -7.45 -24.90 13.37
C SER A 244 -7.06 -24.64 11.92
N PHE A 245 -5.77 -24.82 11.63
CA PHE A 245 -5.25 -24.66 10.26
C PHE A 245 -5.87 -25.69 9.32
N ASP A 246 -6.04 -26.91 9.82
CA ASP A 246 -6.64 -27.98 9.03
C ASP A 246 -8.13 -27.71 8.83
N ARG A 247 -8.77 -27.22 9.89
CA ARG A 247 -10.17 -26.83 9.84
C ARG A 247 -10.41 -25.75 8.79
N ALA A 248 -9.44 -24.85 8.68
CA ALA A 248 -9.51 -23.77 7.69
C ALA A 248 -9.55 -24.32 6.26
N HIS A 249 -9.08 -25.55 6.08
CA HIS A 249 -9.08 -26.18 4.77
C HIS A 249 -10.19 -27.21 4.65
N ILE A 250 -11.29 -27.00 5.38
CA ILE A 250 -12.45 -27.87 5.28
C ILE A 250 -13.55 -27.18 4.46
N ARG A 251 -14.12 -27.92 3.51
CA ARG A 251 -15.09 -27.37 2.57
C ARG A 251 -16.36 -26.84 3.22
N GLU A 252 -16.90 -27.60 4.17
CA GLU A 252 -18.22 -27.31 4.71
C GLU A 252 -18.21 -26.43 5.96
N GLN A 253 -17.03 -25.99 6.38
CA GLN A 253 -16.91 -25.21 7.61
C GLN A 253 -17.18 -23.73 7.37
N TYR A 254 -17.17 -23.32 6.10
CA TYR A 254 -17.32 -21.91 5.76
C TYR A 254 -18.79 -21.50 5.64
N LEU A 255 -19.69 -22.47 5.66
CA LEU A 255 -21.12 -22.20 5.55
C LEU A 255 -21.61 -21.32 6.70
N ILE A 256 -22.65 -20.53 6.43
CA ILE A 256 -23.22 -19.63 7.44
C ILE A 256 -23.79 -20.44 8.61
N GLN A 257 -24.52 -21.49 8.28
CA GLN A 257 -25.11 -22.36 9.30
C GLN A 257 -24.11 -23.40 9.80
N GLY A 258 -24.61 -24.38 10.56
CA GLY A 258 -23.77 -25.42 11.12
C GLY A 258 -23.04 -24.95 12.36
N SER A 259 -22.18 -25.79 12.92
CA SER A 259 -21.94 -27.13 12.40
C SER A 259 -21.80 -28.15 13.54
N ARG A 260 -22.01 -29.42 13.22
CA ARG A 260 -21.90 -30.49 14.21
C ARG A 260 -20.45 -30.84 14.50
N MET A 261 -19.61 -30.75 13.47
CA MET A 261 -18.20 -31.11 13.60
C MET A 261 -17.42 -30.13 14.46
N ARG A 262 -16.79 -30.64 15.52
CA ARG A 262 -15.90 -29.83 16.34
C ARG A 262 -14.46 -30.35 16.23
N PHE A 263 -13.53 -29.65 16.85
CA PHE A 263 -12.11 -29.98 16.70
C PHE A 263 -11.38 -30.05 18.02
N LEU A 264 -10.40 -30.95 18.11
CA LEU A 264 -9.56 -31.10 19.29
C LEU A 264 -8.10 -30.88 18.90
N ASP A 265 -7.40 -30.05 19.65
CA ASP A 265 -6.03 -29.68 19.30
C ASP A 265 -5.01 -30.28 20.27
N THR A 266 -4.10 -31.09 19.74
CA THR A 266 -3.09 -31.74 20.57
C THR A 266 -2.06 -30.75 21.09
N MET A 267 -1.88 -29.64 20.37
CA MET A 267 -0.97 -28.58 20.78
C MET A 267 -1.51 -27.86 22.00
N SER A 268 -2.77 -27.44 21.90
CA SER A 268 -3.45 -26.77 22.99
C SER A 268 -3.57 -27.69 24.21
N MET A 269 -3.82 -28.97 23.93
CA MET A 269 -3.94 -29.97 24.97
C MET A 269 -2.60 -30.15 25.68
N HIS A 270 -1.51 -30.16 24.90
CA HIS A 270 -0.17 -30.21 25.46
C HIS A 270 0.10 -29.00 26.33
N MET A 271 -0.44 -27.86 25.91
CA MET A 271 -0.27 -26.63 26.66
C MET A 271 -1.01 -26.70 27.99
N ALA A 272 -2.16 -27.37 27.99
CA ALA A 272 -2.95 -27.52 29.21
C ALA A 272 -2.31 -28.51 30.17
N ILE A 273 -1.77 -29.59 29.62
CA ILE A 273 -1.15 -30.64 30.44
C ILE A 273 0.22 -30.22 30.93
N SER A 274 1.19 -30.16 30.00
CA SER A 274 2.57 -29.85 30.35
C SER A 274 3.10 -28.70 29.49
N GLY A 275 2.56 -27.50 29.72
CA GLY A 275 3.00 -26.33 28.99
C GLY A 275 4.02 -25.52 29.77
N LEU A 276 4.70 -24.61 29.07
CA LEU A 276 5.69 -23.74 29.70
C LEU A 276 5.63 -22.33 29.12
N SER A 277 6.04 -21.34 29.91
CA SER A 277 6.02 -19.95 29.48
C SER A 277 7.08 -19.69 28.41
N SER A 278 6.97 -18.54 27.74
CA SER A 278 7.92 -18.16 26.70
C SER A 278 9.32 -17.98 27.28
N PHE A 279 9.39 -17.42 28.48
CA PHE A 279 10.66 -17.26 29.18
C PHE A 279 11.30 -18.62 29.43
N GLN A 280 10.46 -19.62 29.65
CA GLN A 280 10.94 -20.99 29.82
C GLN A 280 11.38 -21.57 28.47
N ARG A 281 10.60 -21.30 27.43
CA ARG A 281 10.93 -21.77 26.09
C ARG A 281 12.30 -21.27 25.65
N SER A 282 12.63 -20.05 26.05
CA SER A 282 13.89 -19.43 25.69
C SER A 282 15.08 -20.22 26.22
N LEU A 283 15.03 -20.59 27.50
CA LEU A 283 16.13 -21.33 28.11
C LEU A 283 15.93 -22.84 28.02
N TRP A 284 14.80 -23.26 27.46
CA TRP A 284 14.56 -24.67 27.20
C TRP A 284 15.32 -25.09 25.96
N ILE A 285 15.24 -24.26 24.92
CA ILE A 285 15.95 -24.51 23.67
C ILE A 285 17.42 -24.13 23.82
N ALA A 286 17.74 -23.39 24.87
CA ALA A 286 19.12 -23.00 25.16
C ALA A 286 19.90 -24.21 25.67
N ALA A 287 19.18 -25.22 26.12
CA ALA A 287 19.80 -26.48 26.54
C ALA A 287 20.37 -27.22 25.34
N LYS A 288 21.50 -26.75 24.84
CA LYS A 288 22.13 -27.34 23.66
C LYS A 288 23.62 -26.99 23.61
N ALA A 313 18.50 -19.47 40.41
CA ALA A 313 18.50 -20.55 39.42
C ALA A 313 19.25 -21.77 39.93
N ILE A 314 19.00 -22.14 41.18
CA ILE A 314 19.65 -23.29 41.79
C ILE A 314 19.01 -24.60 41.34
N SER A 315 17.69 -24.66 41.40
CA SER A 315 16.94 -25.83 40.95
C SER A 315 15.96 -25.46 39.85
N SER A 316 16.44 -24.73 38.86
CA SER A 316 15.59 -24.26 37.77
C SER A 316 15.68 -25.15 36.54
N TRP A 317 16.43 -26.24 36.65
CA TRP A 317 16.62 -27.16 35.53
C TRP A 317 16.02 -28.54 35.81
N ASP A 318 15.11 -28.60 36.77
CA ASP A 318 14.47 -29.87 37.13
C ASP A 318 13.26 -30.16 36.25
N TRP A 319 12.60 -29.11 35.79
CA TRP A 319 11.42 -29.27 34.95
C TRP A 319 11.77 -29.39 33.47
N LEU A 320 13.07 -29.40 33.19
CA LEU A 320 13.58 -29.39 31.81
C LEU A 320 13.19 -30.65 31.04
N ASP A 321 13.04 -31.77 31.74
CA ASP A 321 12.76 -33.04 31.10
C ASP A 321 11.31 -33.49 31.29
N ILE A 322 10.53 -32.71 32.03
CA ILE A 322 9.15 -33.06 32.29
C ILE A 322 8.21 -32.30 31.37
N SER A 323 8.75 -31.31 30.67
CA SER A 323 7.97 -30.51 29.73
C SER A 323 8.70 -30.35 28.41
N SER A 324 8.06 -29.69 27.45
CA SER A 324 8.65 -29.48 26.14
C SER A 324 8.00 -28.33 25.38
N VAL A 325 8.61 -27.92 24.28
CA VAL A 325 8.07 -26.87 23.43
C VAL A 325 6.90 -27.44 22.62
N ASN A 326 6.12 -26.56 22.00
CA ASN A 326 4.87 -26.98 21.35
C ASN A 326 5.06 -27.63 19.98
N SER A 327 6.31 -27.81 19.57
CA SER A 327 6.61 -28.45 18.29
C SER A 327 6.08 -29.89 18.27
N LEU A 328 5.65 -30.36 17.11
CA LEU A 328 5.09 -31.71 16.98
C LEU A 328 6.14 -32.77 17.29
N ALA A 329 7.34 -32.59 16.76
CA ALA A 329 8.44 -33.53 16.99
C ALA A 329 8.79 -33.58 18.47
N GLU A 330 8.81 -32.42 19.11
CA GLU A 330 9.18 -32.32 20.51
C GLU A 330 8.07 -32.83 21.44
N VAL A 331 6.82 -32.51 21.11
CA VAL A 331 5.70 -32.94 21.92
C VAL A 331 5.50 -34.46 21.77
N HIS A 332 5.92 -35.00 20.63
CA HIS A 332 5.89 -36.44 20.39
C HIS A 332 7.03 -37.09 21.14
N ARG A 333 8.20 -36.44 21.17
CA ARG A 333 9.34 -36.93 21.92
C ARG A 333 9.06 -36.88 23.41
N LEU A 334 8.08 -36.05 23.80
CA LEU A 334 7.72 -35.92 25.20
C LEU A 334 6.66 -36.93 25.62
N TYR A 335 5.54 -36.98 24.89
CA TYR A 335 4.42 -37.82 25.31
C TYR A 335 4.53 -39.27 24.82
N VAL A 336 5.21 -39.47 23.69
CA VAL A 336 5.40 -40.82 23.16
C VAL A 336 6.80 -41.30 23.47
N GLY A 337 7.79 -40.43 23.31
CA GLY A 337 9.15 -40.73 23.66
C GLY A 337 9.80 -41.80 22.81
N GLY A 338 9.23 -42.04 21.63
CA GLY A 338 9.79 -43.01 20.71
C GLY A 338 10.97 -42.45 19.95
N PRO A 339 11.29 -43.04 18.80
CA PRO A 339 12.36 -42.53 17.94
C PRO A 339 12.00 -41.17 17.35
N PRO A 340 13.01 -40.30 17.13
CA PRO A 340 12.78 -38.95 16.62
C PRO A 340 12.20 -38.97 15.21
N LEU A 341 11.06 -38.31 15.01
CA LEU A 341 10.42 -38.27 13.70
C LEU A 341 11.18 -37.32 12.77
N GLU A 342 11.41 -37.77 11.54
CA GLU A 342 12.16 -36.99 10.57
C GLU A 342 11.30 -35.89 9.96
N LYS A 343 11.89 -34.72 9.78
CA LYS A 343 11.19 -33.60 9.15
C LYS A 343 11.74 -33.37 7.74
N GLU A 344 10.91 -32.80 6.87
CA GLU A 344 11.30 -32.54 5.49
C GLU A 344 12.51 -31.60 5.43
N PRO A 345 13.65 -32.11 4.95
CA PRO A 345 14.91 -31.36 4.90
C PRO A 345 14.93 -30.27 3.83
N ARG A 346 14.07 -30.40 2.84
CA ARG A 346 14.02 -29.43 1.74
C ARG A 346 12.93 -28.39 1.95
N GLU A 347 12.03 -28.66 2.91
CA GLU A 347 10.89 -27.80 3.17
C GLU A 347 10.12 -27.51 1.89
N LEU A 348 9.86 -28.55 1.13
CA LEU A 348 9.33 -28.45 -0.23
C LEU A 348 7.99 -27.73 -0.34
N PHE A 349 7.18 -27.83 0.71
CA PHE A 349 5.84 -27.23 0.67
C PHE A 349 5.87 -25.71 0.82
N VAL A 350 6.97 -25.19 1.37
CA VAL A 350 7.09 -23.75 1.58
C VAL A 350 8.21 -23.13 0.76
N LYS A 351 9.14 -23.98 0.31
CA LYS A 351 10.32 -23.51 -0.41
C LYS A 351 10.24 -23.83 -1.90
N GLY A 352 9.50 -24.88 -2.24
CA GLY A 352 9.44 -25.35 -3.60
C GLY A 352 8.12 -25.05 -4.30
N THR A 353 8.12 -25.27 -5.62
CA THR A 353 6.92 -25.04 -6.42
C THR A 353 6.05 -26.29 -6.48
N MET A 354 5.02 -26.24 -7.31
CA MET A 354 4.14 -27.39 -7.50
C MET A 354 4.85 -28.46 -8.32
N LYS A 355 5.82 -28.04 -9.12
CA LYS A 355 6.57 -28.94 -9.99
C LYS A 355 7.35 -29.99 -9.21
N ASP A 356 8.18 -29.53 -8.27
CA ASP A 356 9.03 -30.44 -7.49
C ASP A 356 8.27 -31.16 -6.39
N ILE A 357 6.97 -30.89 -6.29
CA ILE A 357 6.12 -31.62 -5.35
C ILE A 357 5.66 -32.92 -5.97
N ARG A 358 5.24 -32.86 -7.23
CA ARG A 358 4.81 -34.06 -7.96
C ARG A 358 5.98 -35.03 -8.15
N GLU A 359 7.18 -34.49 -8.28
CA GLU A 359 8.38 -35.31 -8.42
C GLU A 359 8.65 -36.11 -7.15
N ASN A 360 8.27 -35.54 -6.01
CA ASN A 360 8.47 -36.20 -4.72
C ASN A 360 7.14 -36.41 -4.00
N PHE A 361 6.10 -36.75 -4.76
CA PHE A 361 4.76 -36.92 -4.23
C PHE A 361 4.66 -38.02 -3.18
N GLN A 362 5.19 -39.20 -3.52
CA GLN A 362 5.12 -40.36 -2.65
C GLN A 362 5.76 -40.06 -1.29
N ASP A 363 6.94 -39.45 -1.33
CA ASP A 363 7.68 -39.14 -0.11
C ASP A 363 6.94 -38.13 0.75
N LEU A 364 6.41 -37.07 0.13
CA LEU A 364 5.66 -36.05 0.86
C LEU A 364 4.41 -36.63 1.51
N MET A 365 3.71 -37.48 0.77
CA MET A 365 2.57 -38.21 1.31
C MET A 365 2.98 -39.03 2.52
N GLN A 366 4.14 -39.68 2.41
CA GLN A 366 4.68 -40.50 3.49
C GLN A 366 4.93 -39.65 4.73
N TYR A 367 5.54 -38.49 4.54
CA TYR A 367 5.81 -37.56 5.63
C TYR A 367 4.53 -37.09 6.31
N CYS A 368 3.52 -36.77 5.50
CA CYS A 368 2.23 -36.35 6.03
C CYS A 368 1.61 -37.46 6.88
N ALA A 369 1.73 -38.69 6.39
CA ALA A 369 1.24 -39.85 7.12
C ALA A 369 1.97 -40.00 8.45
N GLN A 370 3.28 -39.77 8.44
CA GLN A 370 4.07 -39.82 9.65
C GLN A 370 3.59 -38.77 10.65
N ASP A 371 3.24 -37.60 10.12
CA ASP A 371 2.73 -36.51 10.96
C ASP A 371 1.39 -36.88 11.61
N VAL A 372 0.46 -37.41 10.82
CA VAL A 372 -0.85 -37.75 11.37
C VAL A 372 -0.75 -38.93 12.34
N TRP A 373 0.26 -39.76 12.14
CA TRP A 373 0.48 -40.91 13.01
C TRP A 373 1.03 -40.45 14.36
N ALA A 374 2.06 -39.61 14.32
CA ALA A 374 2.65 -39.03 15.52
C ALA A 374 1.59 -38.25 16.29
N THR A 375 0.80 -37.46 15.57
CA THR A 375 -0.28 -36.70 16.19
C THR A 375 -1.31 -37.63 16.83
N HIS A 376 -1.60 -38.73 16.15
CA HIS A 376 -2.53 -39.72 16.68
C HIS A 376 -2.05 -40.27 18.02
N GLU A 377 -0.79 -40.70 18.05
CA GLU A 377 -0.18 -41.21 19.27
C GLU A 377 -0.22 -40.18 20.40
N VAL A 378 0.28 -38.98 20.09
CA VAL A 378 0.29 -37.88 21.06
C VAL A 378 -1.09 -37.65 21.65
N PHE A 379 -2.11 -37.61 20.79
CA PHE A 379 -3.49 -37.46 21.24
C PHE A 379 -3.90 -38.59 22.17
N GLN A 380 -3.57 -39.81 21.78
CA GLN A 380 -3.91 -41.00 22.58
C GLN A 380 -3.33 -40.91 23.98
N GLN A 381 -2.11 -40.39 24.09
CA GLN A 381 -1.46 -40.30 25.39
C GLN A 381 -1.87 -39.04 26.16
N GLN A 382 -2.40 -38.05 25.45
CA GLN A 382 -2.75 -36.78 26.07
C GLN A 382 -4.17 -36.74 26.62
N LEU A 383 -5.12 -37.30 25.87
CA LEU A 383 -6.53 -37.25 26.24
C LEU A 383 -6.81 -37.69 27.69
N PRO A 384 -6.26 -38.85 28.12
CA PRO A 384 -6.54 -39.22 29.52
C PRO A 384 -5.81 -38.32 30.51
N LEU A 385 -4.60 -37.88 30.15
CA LEU A 385 -3.84 -36.97 30.99
C LEU A 385 -4.59 -35.64 31.16
N PHE A 386 -5.12 -35.13 30.05
CA PHE A 386 -5.88 -33.89 30.07
C PHE A 386 -7.18 -34.07 30.86
N LEU A 387 -7.82 -35.22 30.70
CA LEU A 387 -9.04 -35.52 31.43
C LEU A 387 -8.78 -35.57 32.93
N GLU A 388 -7.59 -36.03 33.30
CA GLU A 388 -7.20 -36.08 34.70
C GLU A 388 -6.90 -34.67 35.24
N ARG A 389 -6.13 -33.90 34.47
CA ARG A 389 -5.69 -32.59 34.89
C ARG A 389 -6.80 -31.54 34.78
N CYS A 390 -7.69 -31.73 33.82
CA CYS A 390 -8.86 -30.86 33.67
C CYS A 390 -10.14 -31.67 33.77
N PRO A 391 -10.50 -32.08 35.00
CA PRO A 391 -11.61 -33.01 35.24
C PRO A 391 -12.98 -32.42 34.92
N HIS A 392 -13.14 -31.13 35.12
CA HIS A 392 -14.42 -30.48 34.87
C HIS A 392 -14.70 -30.39 33.38
N PRO A 393 -15.89 -30.84 32.95
CA PRO A 393 -16.27 -30.88 31.54
C PRO A 393 -16.46 -29.50 30.91
N VAL A 394 -16.63 -28.48 31.74
CA VAL A 394 -16.80 -27.11 31.25
C VAL A 394 -15.60 -26.69 30.42
N THR A 395 -14.41 -27.06 30.88
CA THR A 395 -13.19 -26.77 30.16
C THR A 395 -13.17 -27.48 28.80
N LEU A 396 -13.67 -28.71 28.79
CA LEU A 396 -13.68 -29.52 27.57
C LEU A 396 -14.63 -28.94 26.52
N ALA A 397 -15.89 -28.77 26.89
CA ALA A 397 -16.89 -28.24 25.97
C ALA A 397 -16.54 -26.81 25.56
N GLY A 398 -16.01 -26.06 26.51
CA GLY A 398 -15.55 -24.70 26.25
C GLY A 398 -14.48 -24.69 25.20
N MET A 399 -13.51 -25.59 25.34
CA MET A 399 -12.44 -25.74 24.35
C MET A 399 -12.97 -26.22 23.02
N LEU A 400 -14.09 -26.96 23.06
CA LEU A 400 -14.71 -27.45 21.84
C LEU A 400 -15.34 -26.32 21.04
N GLU A 401 -16.07 -25.44 21.73
CA GLU A 401 -16.74 -24.33 21.06
C GLU A 401 -15.76 -23.20 20.74
N MET A 402 -14.68 -23.12 21.50
CA MET A 402 -13.69 -22.05 21.33
C MET A 402 -12.78 -22.33 20.14
N GLY A 403 -13.03 -23.43 19.44
CA GLY A 403 -12.21 -23.83 18.31
C GLY A 403 -12.93 -23.75 16.98
N VAL A 404 -14.20 -23.34 17.01
CA VAL A 404 -14.99 -23.24 15.79
C VAL A 404 -15.44 -21.81 15.50
N SER A 405 -14.52 -20.87 15.64
CA SER A 405 -14.81 -19.46 15.38
C SER A 405 -15.09 -19.22 13.90
N TYR A 406 -15.78 -18.11 13.60
CA TYR A 406 -16.26 -17.86 12.25
C TYR A 406 -16.36 -16.36 11.95
N LEU A 407 -15.63 -15.90 10.95
CA LEU A 407 -15.65 -14.47 10.60
C LEU A 407 -16.20 -14.24 9.20
N PRO A 408 -17.45 -13.74 9.11
CA PRO A 408 -18.12 -13.47 7.83
C PRO A 408 -17.65 -12.18 7.18
N VAL A 409 -17.34 -12.23 5.89
CA VAL A 409 -16.86 -11.05 5.16
C VAL A 409 -17.42 -11.00 3.75
N ASN A 410 -17.06 -9.94 3.03
CA ASN A 410 -17.51 -9.73 1.66
C ASN A 410 -16.44 -9.03 0.82
N GLN A 411 -16.84 -8.45 -0.32
CA GLN A 411 -15.91 -7.78 -1.22
C GLN A 411 -15.26 -6.57 -0.54
N ASN A 412 -15.95 -6.04 0.47
CA ASN A 412 -15.44 -4.95 1.27
C ASN A 412 -14.09 -5.28 1.88
N TRP A 413 -13.84 -6.57 2.10
CA TRP A 413 -12.55 -7.04 2.56
C TRP A 413 -11.46 -6.74 1.54
N GLU A 414 -11.72 -7.10 0.29
CA GLU A 414 -10.76 -6.88 -0.78
C GLU A 414 -10.52 -5.38 -0.98
N ARG A 415 -11.61 -4.61 -0.97
CA ARG A 415 -11.51 -3.16 -1.07
C ARG A 415 -10.67 -2.58 0.06
N TYR A 416 -10.88 -3.10 1.26
CA TYR A 416 -10.12 -2.70 2.44
C TYR A 416 -8.63 -2.96 2.25
N LEU A 417 -8.31 -4.16 1.77
CA LEU A 417 -6.92 -4.52 1.49
C LEU A 417 -6.28 -3.55 0.51
N ALA A 418 -6.96 -3.32 -0.61
CA ALA A 418 -6.45 -2.44 -1.66
C ALA A 418 -6.21 -1.02 -1.15
N GLU A 419 -7.22 -0.45 -0.47
CA GLU A 419 -7.13 0.92 0.03
C GLU A 419 -6.06 1.08 1.10
N ALA A 420 -6.02 0.14 2.04
CA ALA A 420 -5.04 0.18 3.12
C ALA A 420 -3.62 0.09 2.58
N GLN A 421 -3.39 -0.88 1.69
CA GLN A 421 -2.07 -1.05 1.09
C GLN A 421 -1.69 0.18 0.28
N GLY A 422 -2.68 0.79 -0.37
CA GLY A 422 -2.45 2.01 -1.12
C GLY A 422 -1.98 3.15 -0.23
N THR A 423 -2.72 3.40 0.85
CA THR A 423 -2.36 4.45 1.80
C THR A 423 -0.97 4.21 2.39
N TYR A 424 -0.72 2.97 2.80
CA TYR A 424 0.59 2.59 3.33
C TYR A 424 1.71 2.90 2.33
N GLU A 425 1.53 2.48 1.08
CA GLU A 425 2.52 2.72 0.05
C GLU A 425 2.73 4.21 -0.21
N GLU A 426 1.67 4.98 -0.08
CA GLU A 426 1.76 6.43 -0.28
C GLU A 426 2.57 7.10 0.82
N LEU A 427 2.18 6.86 2.07
CA LEU A 427 2.88 7.45 3.21
C LEU A 427 4.34 7.02 3.25
N GLN A 428 4.58 5.74 2.97
CA GLN A 428 5.95 5.23 2.90
C GLN A 428 6.72 5.89 1.77
N ARG A 429 6.03 6.15 0.66
CA ARG A 429 6.65 6.82 -0.47
C ARG A 429 7.09 8.24 -0.10
N GLU A 430 6.22 8.96 0.60
CA GLU A 430 6.53 10.31 1.06
C GLU A 430 7.72 10.32 2.02
N MET A 431 7.63 9.48 3.05
CA MET A 431 8.69 9.35 4.05
C MET A 431 10.04 9.05 3.39
N LYS A 432 10.07 7.99 2.58
CA LYS A 432 11.30 7.57 1.92
C LYS A 432 11.79 8.63 0.94
N LYS A 433 10.87 9.41 0.38
CA LYS A 433 11.23 10.49 -0.54
C LYS A 433 11.99 11.58 0.20
N SER A 434 11.42 12.02 1.33
CA SER A 434 12.05 13.05 2.14
C SER A 434 13.40 12.58 2.67
N LEU A 435 13.42 11.39 3.24
CA LEU A 435 14.64 10.85 3.82
C LEU A 435 15.75 10.62 2.79
N MET A 436 15.37 10.16 1.60
CA MET A 436 16.35 9.94 0.55
C MET A 436 16.81 11.28 -0.02
N ASP A 437 15.96 12.30 0.10
CA ASP A 437 16.36 13.65 -0.28
C ASP A 437 17.43 14.16 0.68
N LEU A 438 17.19 13.98 1.98
CA LEU A 438 18.18 14.35 2.99
C LEU A 438 19.48 13.56 2.81
N ALA A 439 19.35 12.30 2.39
CA ALA A 439 20.51 11.44 2.17
C ALA A 439 21.23 11.80 0.87
N ASN A 440 20.54 12.50 -0.02
CA ASN A 440 21.14 12.92 -1.28
C ASN A 440 21.87 14.27 -1.17
N ASP A 441 21.25 15.21 -0.46
CA ASP A 441 21.83 16.55 -0.34
C ASP A 441 22.95 16.61 0.70
N ALA A 442 23.11 15.53 1.47
CA ALA A 442 24.16 15.48 2.47
C ALA A 442 25.38 14.72 1.96
N CYS A 443 25.23 14.11 0.78
CA CYS A 443 26.28 13.31 0.17
C CYS A 443 27.31 14.19 -0.53
N GLN A 444 26.99 15.48 -0.66
CA GLN A 444 27.81 16.40 -1.43
C GLN A 444 29.06 16.88 -0.69
N LEU A 445 29.02 16.82 0.64
CA LEU A 445 30.14 17.34 1.44
C LEU A 445 31.25 16.30 1.62
N LEU A 446 31.49 15.52 0.58
CA LEU A 446 32.62 14.59 0.57
C LEU A 446 33.85 15.32 0.02
N SER A 447 33.61 16.25 -0.89
CA SER A 447 34.67 17.04 -1.48
C SER A 447 34.68 18.47 -0.93
N GLY A 448 35.75 18.84 -0.25
CA GLY A 448 36.88 17.95 -0.03
C GLY A 448 37.21 17.77 1.44
N GLU A 449 36.92 16.59 1.97
CA GLU A 449 37.19 16.25 3.36
C GLU A 449 36.50 17.20 4.34
N ARG A 450 35.39 17.79 3.91
CA ARG A 450 34.64 18.73 4.73
C ARG A 450 33.59 18.03 5.58
N TYR A 451 33.53 16.70 5.46
CA TYR A 451 32.56 15.91 6.23
C TYR A 451 32.97 15.81 7.69
N LYS A 452 34.25 16.06 7.96
CA LYS A 452 34.77 16.00 9.32
C LYS A 452 34.19 17.13 10.17
N GLU A 453 33.88 18.24 9.51
CA GLU A 453 33.32 19.41 10.20
C GLU A 453 31.86 19.17 10.58
N ASP A 454 31.21 18.27 9.85
CA ASP A 454 29.82 17.92 10.13
C ASP A 454 29.70 17.20 11.46
N PRO A 455 28.96 17.79 12.42
CA PRO A 455 28.81 17.25 13.77
C PRO A 455 27.89 16.04 13.86
N TRP A 456 27.36 15.58 12.73
CA TRP A 456 26.47 14.43 12.72
C TRP A 456 27.01 13.30 11.86
N LEU A 457 27.72 13.63 10.80
CA LEU A 457 28.16 12.65 9.81
C LEU A 457 29.68 12.53 9.74
N TRP A 458 30.27 11.81 10.68
CA TRP A 458 31.72 11.63 10.68
C TRP A 458 32.13 10.24 11.19
N ASP A 459 31.15 9.45 11.62
CA ASP A 459 31.43 8.10 12.11
C ASP A 459 31.57 7.11 10.97
N LEU A 460 30.82 7.35 9.89
CA LEU A 460 30.68 6.38 8.81
C LEU A 460 31.91 6.34 7.90
N GLU A 461 31.75 5.66 6.76
CA GLU A 461 32.87 5.29 5.90
C GLU A 461 33.50 6.45 5.13
N TRP A 462 32.69 7.11 4.29
CA TRP A 462 33.16 8.13 3.36
C TRP A 462 34.26 7.58 2.45
N ASP A 463 34.05 6.38 1.92
CA ASP A 463 35.04 5.72 1.07
C ASP A 463 34.99 6.21 -0.37
N LEU A 464 36.13 6.13 -1.05
CA LEU A 464 36.21 6.48 -2.46
C LEU A 464 36.97 5.38 -3.20
N GLN A 465 36.22 4.50 -3.86
CA GLN A 465 36.82 3.33 -4.51
C GLN A 465 36.80 3.46 -6.03
N GLU A 466 37.79 2.85 -6.68
CA GLU A 466 37.90 2.87 -8.14
C GLU A 466 38.66 1.65 -8.64
N PHE A 467 38.03 0.49 -8.53
CA PHE A 467 38.66 -0.78 -8.89
C PHE A 467 37.78 -1.55 -9.89
N LYS A 468 38.37 -2.37 -10.77
CA LYS A 468 39.82 -2.55 -10.93
C LYS A 468 40.09 -2.97 -12.37
N GLN A 469 41.36 -3.20 -12.70
CA GLN A 469 41.73 -3.70 -14.03
C GLN A 469 43.05 -4.44 -14.02
N LYS A 470 43.17 -5.42 -14.92
CA LYS A 470 44.41 -6.17 -15.08
C LYS A 470 44.97 -5.97 -16.49
N LYS A 471 46.29 -5.80 -16.57
CA LYS A 471 46.94 -5.45 -17.82
C LYS A 471 46.97 -6.60 -18.84
N ALA A 472 46.68 -6.25 -20.09
CA ALA A 472 46.72 -7.21 -21.19
C ALA A 472 47.24 -6.54 -22.46
N LYS A 473 47.10 -5.22 -22.52
CA LYS A 473 47.60 -4.45 -23.67
C LYS A 473 49.00 -3.93 -23.43
N LYS A 474 49.78 -3.82 -24.50
CA LYS A 474 51.21 -3.57 -24.43
C LYS A 474 51.72 -3.04 -25.77
N VAL A 475 52.86 -2.33 -25.82
CA VAL A 475 53.75 -2.08 -24.69
C VAL A 475 54.48 -0.74 -24.81
N LYS A 476 54.82 -0.15 -23.66
CA LYS A 476 55.79 0.93 -23.56
C LYS A 476 55.46 2.20 -24.36
N LYS A 477 54.23 2.67 -24.22
CA LYS A 477 53.84 3.98 -24.76
C LYS A 477 52.63 4.50 -23.99
N GLU A 478 52.65 5.78 -23.65
CA GLU A 478 51.60 6.37 -22.82
C GLU A 478 50.25 6.39 -23.53
N PRO A 479 49.23 5.76 -22.91
CA PRO A 479 47.87 5.73 -23.45
C PRO A 479 46.96 6.77 -22.81
N ALA A 480 47.48 7.47 -21.80
CA ALA A 480 46.67 8.42 -21.04
C ALA A 480 46.49 9.75 -21.78
N THR A 481 47.37 10.02 -22.74
CA THR A 481 47.29 11.25 -23.51
C THR A 481 46.99 10.96 -24.98
N ALA A 482 46.98 9.68 -25.33
CA ALA A 482 46.70 9.25 -26.70
C ALA A 482 45.29 8.69 -26.81
N LEU A 502 35.11 25.20 -36.05
CA LEU A 502 34.24 26.34 -36.24
C LEU A 502 33.73 26.41 -37.67
N GLY A 503 34.13 25.44 -38.49
CA GLY A 503 33.74 25.39 -39.88
C GLY A 503 32.25 25.20 -40.09
N PRO A 504 31.63 26.10 -40.87
CA PRO A 504 30.20 26.07 -41.17
C PRO A 504 29.88 25.40 -42.51
N CYS A 505 28.98 24.42 -42.48
CA CYS A 505 28.60 23.68 -43.69
C CYS A 505 27.25 22.98 -43.53
N SER A 506 26.93 22.12 -44.50
CA SER A 506 25.69 21.37 -44.49
C SER A 506 25.79 20.15 -45.41
N GLU A 507 26.43 19.09 -44.93
CA GLU A 507 26.66 17.90 -45.74
C GLU A 507 25.83 16.72 -45.27
N GLU A 508 25.32 15.94 -46.22
CA GLU A 508 24.50 14.78 -45.90
C GLU A 508 24.77 13.63 -46.87
N GLU A 509 25.73 13.85 -47.78
CA GLU A 509 26.08 12.86 -48.79
C GLU A 509 26.54 11.55 -48.16
N GLU A 510 27.02 11.63 -46.92
CA GLU A 510 27.43 10.45 -46.16
C GLU A 510 26.24 9.92 -45.37
N PHE A 511 25.26 9.38 -46.09
CA PHE A 511 24.02 8.90 -45.49
C PHE A 511 24.26 7.78 -44.48
N GLN A 512 25.22 6.92 -44.79
CA GLN A 512 25.48 5.73 -43.97
C GLN A 512 26.70 5.88 -43.07
N GLN A 513 27.09 7.11 -42.77
CA GLN A 513 28.17 7.33 -41.82
C GLN A 513 27.65 7.13 -40.41
N ASP A 514 26.33 7.23 -40.27
CA ASP A 514 25.68 7.01 -38.99
C ASP A 514 25.77 5.54 -38.59
N VAL A 515 25.65 4.66 -39.58
CA VAL A 515 25.77 3.22 -39.33
C VAL A 515 27.24 2.86 -39.18
N MET A 516 28.12 3.74 -39.65
CA MET A 516 29.55 3.59 -39.47
C MET A 516 29.92 3.88 -38.02
N ALA A 517 29.40 4.99 -37.51
CA ALA A 517 29.60 5.37 -36.12
C ALA A 517 28.89 4.38 -35.19
N ARG A 518 27.77 3.84 -35.65
CA ARG A 518 27.04 2.82 -34.90
C ARG A 518 27.84 1.53 -34.80
N ALA A 519 28.33 1.07 -35.95
CA ALA A 519 29.14 -0.14 -36.00
C ALA A 519 30.39 0.01 -35.15
N CYS A 520 31.01 1.19 -35.22
CA CYS A 520 32.19 1.48 -34.41
C CYS A 520 31.84 1.46 -32.93
N LEU A 521 30.65 1.97 -32.60
CA LEU A 521 30.17 1.99 -31.22
C LEU A 521 30.00 0.58 -30.66
N GLN A 522 29.35 -0.29 -31.43
CA GLN A 522 29.12 -1.66 -30.99
C GLN A 522 30.42 -2.44 -30.90
N LYS A 523 31.27 -2.27 -31.92
CA LYS A 523 32.57 -2.94 -31.95
C LYS A 523 33.46 -2.49 -30.80
N LEU A 524 33.28 -1.26 -30.36
CA LEU A 524 34.00 -0.75 -29.19
C LEU A 524 33.39 -1.32 -27.91
N LYS A 525 32.06 -1.46 -27.92
CA LYS A 525 31.32 -1.94 -26.76
C LYS A 525 31.67 -3.39 -26.41
N GLY A 526 31.70 -4.25 -27.41
CA GLY A 526 31.89 -5.67 -27.20
C GLY A 526 33.26 -6.11 -26.70
N THR A 527 34.20 -5.18 -26.60
CA THR A 527 35.58 -5.52 -26.24
C THR A 527 35.90 -5.31 -24.76
N THR A 528 35.06 -4.54 -24.07
CA THR A 528 35.37 -4.15 -22.69
C THR A 528 34.82 -5.14 -21.67
N GLU A 529 33.88 -5.97 -22.08
CA GLU A 529 33.13 -6.83 -21.16
C GLU A 529 34.01 -7.81 -20.37
N LEU A 530 35.08 -8.31 -20.97
CA LEU A 530 35.91 -9.30 -20.29
C LEU A 530 36.91 -8.66 -19.33
N LEU A 531 36.92 -7.33 -19.27
CA LEU A 531 37.78 -6.62 -18.33
C LEU A 531 37.25 -6.71 -16.90
N PRO A 532 35.96 -6.40 -16.67
CA PRO A 532 35.48 -6.64 -15.30
C PRO A 532 34.80 -7.99 -15.20
N LYS A 533 34.53 -8.44 -13.98
CA LYS A 533 33.93 -9.75 -13.78
C LYS A 533 32.49 -9.65 -13.27
N ARG A 534 32.35 -9.29 -11.99
CA ARG A 534 31.04 -9.19 -11.36
C ARG A 534 30.71 -7.73 -11.03
N PRO A 535 29.51 -7.29 -11.45
CA PRO A 535 29.07 -5.90 -11.18
C PRO A 535 28.88 -5.63 -9.68
N GLN A 536 29.74 -4.79 -9.12
CA GLN A 536 29.65 -4.41 -7.71
C GLN A 536 28.82 -3.15 -7.54
N HIS A 537 28.52 -2.81 -6.29
CA HIS A 537 27.76 -1.61 -6.00
C HIS A 537 28.59 -0.38 -6.33
N LEU A 538 27.91 0.75 -6.56
CA LEU A 538 28.57 1.98 -6.99
C LEU A 538 29.68 2.42 -6.04
N PRO A 539 30.94 2.35 -6.50
CA PRO A 539 32.12 2.67 -5.69
C PRO A 539 32.39 4.17 -5.60
N GLY A 540 31.87 4.94 -6.55
CA GLY A 540 32.06 6.37 -6.55
C GLY A 540 31.42 7.04 -5.36
N HIS A 541 30.28 6.50 -4.92
CA HIS A 541 29.56 7.03 -3.78
C HIS A 541 30.08 6.44 -2.47
N PRO A 542 30.03 7.23 -1.38
CA PRO A 542 30.50 6.81 -0.05
C PRO A 542 29.82 5.52 0.44
N GLY A 543 30.48 4.83 1.36
CA GLY A 543 29.99 3.55 1.86
C GLY A 543 28.62 3.61 2.52
N TRP A 544 28.40 4.66 3.30
CA TRP A 544 27.11 4.87 3.96
C TRP A 544 26.01 5.02 2.93
N TYR A 545 26.38 5.53 1.76
CA TYR A 545 25.43 5.72 0.67
C TYR A 545 25.27 4.42 -0.12
N ARG A 546 26.32 3.63 -0.18
CA ARG A 546 26.27 2.32 -0.83
C ARG A 546 25.31 1.41 -0.10
N LYS A 547 25.46 1.32 1.22
CA LYS A 547 24.60 0.48 2.05
C LYS A 547 23.16 0.98 2.00
N LEU A 548 22.99 2.27 1.76
CA LEU A 548 21.67 2.89 1.73
C LEU A 548 21.07 2.83 0.31
N CYS A 549 21.56 1.90 -0.50
CA CYS A 549 21.07 1.71 -1.86
C CYS A 549 20.81 0.24 -2.16
N PRO A 550 19.83 -0.04 -3.03
CA PRO A 550 19.57 -1.42 -3.48
C PRO A 550 20.58 -1.89 -4.52
N ARG A 551 20.87 -3.18 -4.53
CA ARG A 551 21.84 -3.75 -5.46
C ARG A 551 21.38 -3.59 -6.90
N LEU A 552 22.34 -3.45 -7.82
CA LEU A 552 22.02 -3.24 -9.23
C LEU A 552 21.36 -4.47 -9.85
N ASP A 553 21.87 -5.66 -9.51
CA ASP A 553 21.33 -6.90 -10.07
C ASP A 553 20.16 -7.42 -9.24
N ASP A 554 19.43 -6.51 -8.60
CA ASP A 554 18.28 -6.88 -7.79
C ASP A 554 16.99 -6.66 -8.58
N PRO A 555 16.11 -7.68 -8.61
CA PRO A 555 14.84 -7.62 -9.34
C PRO A 555 13.93 -6.49 -8.87
N ALA A 556 14.07 -6.07 -7.61
CA ALA A 556 13.24 -5.01 -7.06
C ALA A 556 14.02 -3.71 -6.93
N TRP A 557 14.83 -3.39 -7.93
CA TRP A 557 15.67 -2.20 -7.90
C TRP A 557 14.88 -0.92 -8.07
N THR A 558 15.06 0.01 -7.14
CA THR A 558 14.45 1.33 -7.22
C THR A 558 15.54 2.39 -7.28
N PRO A 559 15.32 3.45 -8.08
CA PRO A 559 16.35 4.46 -8.30
C PRO A 559 16.70 5.24 -7.04
N GLY A 560 17.93 5.75 -6.99
CA GLY A 560 18.39 6.53 -5.85
C GLY A 560 18.56 5.69 -4.61
N PRO A 561 18.77 6.36 -3.46
CA PRO A 561 18.93 5.67 -2.18
C PRO A 561 17.60 5.19 -1.61
N SER A 562 17.37 3.88 -1.68
CA SER A 562 16.16 3.30 -1.11
C SER A 562 16.48 2.77 0.28
N LEU A 563 15.56 1.98 0.83
CA LEU A 563 15.74 1.35 2.14
C LEU A 563 15.93 2.37 3.26
N LEU A 564 15.28 3.53 3.11
CA LEU A 564 15.35 4.58 4.13
C LEU A 564 14.38 4.28 5.26
N SER A 565 14.78 4.64 6.48
CA SER A 565 14.07 4.24 7.68
C SER A 565 14.60 5.05 8.89
N LEU A 566 13.85 5.24 9.98
CA LEU A 566 12.43 4.90 10.22
C LEU A 566 12.03 3.43 10.01
N GLN A 567 12.53 2.53 10.86
CA GLN A 567 13.36 2.89 12.02
C GLN A 567 14.80 2.41 11.87
N MET A 568 15.57 3.09 11.02
CA MET A 568 16.99 2.80 10.86
C MET A 568 17.79 3.64 11.85
N ARG A 569 19.10 3.48 11.87
CA ARG A 569 19.93 4.14 12.87
C ARG A 569 20.82 5.23 12.28
N VAL A 570 20.98 5.23 10.96
CA VAL A 570 21.79 6.23 10.29
C VAL A 570 21.00 7.51 10.04
N THR A 571 19.81 7.35 9.49
CA THR A 571 18.99 8.49 9.10
C THR A 571 18.48 9.41 10.23
N PRO A 572 18.21 8.88 11.44
CA PRO A 572 17.80 9.85 12.47
C PRO A 572 18.93 10.76 12.93
N LYS A 573 20.14 10.22 12.99
CA LYS A 573 21.31 11.03 13.33
C LYS A 573 21.67 11.91 12.15
N LEU A 574 21.23 11.48 10.96
CA LEU A 574 21.53 12.19 9.73
C LEU A 574 20.87 13.58 9.64
N MET A 575 19.81 13.79 10.40
CA MET A 575 19.03 15.02 10.23
C MET A 575 18.63 15.74 11.53
N ALA A 576 18.48 14.99 12.62
CA ALA A 576 17.83 15.53 13.82
C ALA A 576 18.77 16.27 14.77
N LEU A 577 18.23 17.32 15.39
CA LEU A 577 18.90 17.99 16.50
C LEU A 577 18.57 17.21 17.78
N THR A 578 19.45 17.30 18.77
CA THR A 578 19.41 16.35 19.88
C THR A 578 19.26 16.96 21.28
N TRP A 579 18.02 17.14 21.70
CA TRP A 579 17.70 17.50 23.09
C TRP A 579 18.54 18.65 23.64
N ASP A 580 18.36 19.85 23.08
CA ASP A 580 19.13 21.02 23.45
C ASP A 580 20.64 20.78 23.30
N GLY A 581 21.00 19.88 22.39
CA GLY A 581 22.37 19.56 22.10
C GLY A 581 22.78 19.34 20.65
N PHE A 582 24.08 19.20 20.41
CA PHE A 582 24.62 18.82 19.13
C PHE A 582 24.47 17.40 18.43
N PRO A 583 25.26 16.46 19.00
CA PRO A 583 25.07 15.11 18.47
C PRO A 583 24.26 14.01 19.15
N LEU A 584 23.72 13.10 18.34
CA LEU A 584 23.16 11.86 18.83
C LEU A 584 24.24 10.79 18.70
N HIS A 585 24.07 9.65 19.37
CA HIS A 585 25.07 8.59 19.27
C HIS A 585 24.50 7.23 19.66
N TYR A 586 25.26 6.18 19.39
CA TYR A 586 24.84 4.82 19.71
C TYR A 586 26.04 3.93 20.03
N SER A 587 25.85 3.01 20.98
CA SER A 587 26.88 2.06 21.36
C SER A 587 26.24 0.86 22.04
N GLU A 588 25.67 1.11 23.22
CA GLU A 588 24.88 0.11 23.93
C GLU A 588 23.45 0.60 24.00
N ARG A 589 23.28 1.89 23.73
CA ARG A 589 21.98 2.54 23.75
C ARG A 589 22.08 3.85 23.00
N HIS A 590 20.96 4.27 22.40
CA HIS A 590 20.93 5.50 21.62
C HIS A 590 20.90 6.72 22.54
N GLY A 591 20.55 7.87 21.98
CA GLY A 591 20.46 9.10 22.76
C GLY A 591 19.48 8.95 23.91
N TRP A 592 20.00 9.06 25.13
CA TRP A 592 19.21 8.83 26.34
C TRP A 592 17.94 9.66 26.41
N GLY A 593 16.87 9.06 26.92
CA GLY A 593 15.60 9.72 27.06
C GLY A 593 14.66 8.99 28.00
N TYR A 594 13.48 8.64 27.51
CA TYR A 594 12.48 7.95 28.33
C TYR A 594 12.36 6.48 27.93
N LEU A 595 12.73 5.60 28.85
CA LEU A 595 12.67 4.15 28.63
C LEU A 595 13.40 3.73 27.36
N ASN A 602 25.67 16.11 48.95
CA ASN A 602 25.18 15.08 48.05
C ASN A 602 25.38 15.48 46.60
N LEU A 603 26.63 15.76 46.24
CA LEU A 603 26.94 16.17 44.88
C LEU A 603 27.68 15.06 44.14
N ALA A 604 27.15 14.69 42.98
CA ALA A 604 27.75 13.65 42.17
C ALA A 604 28.55 14.25 41.04
N LYS A 605 29.81 13.88 40.97
CA LYS A 605 30.69 14.41 39.91
C LYS A 605 31.58 13.41 39.16
N LEU A 606 32.02 13.79 37.95
CA LEU A 606 32.89 12.95 37.12
C LEU A 606 33.98 13.72 36.35
N PRO A 607 35.06 13.01 36.02
CA PRO A 607 36.24 13.53 35.31
C PRO A 607 36.15 13.83 33.80
N THR A 608 37.13 14.57 33.28
CA THR A 608 37.23 14.97 31.88
C THR A 608 38.62 14.64 31.30
N GLY A 609 38.73 14.47 29.98
CA GLY A 609 40.03 14.15 29.41
C GLY A 609 40.17 14.28 27.89
N THR A 610 41.19 15.02 27.46
CA THR A 610 41.46 15.21 26.03
C THR A 610 42.93 14.98 25.72
N THR A 611 43.22 14.17 24.71
CA THR A 611 44.61 13.88 24.28
C THR A 611 44.76 13.44 22.82
N LEU A 612 45.98 13.50 22.28
CA LEU A 612 46.22 13.10 20.88
C LEU A 612 47.28 11.99 20.66
N GLU A 613 46.92 10.96 19.90
CA GLU A 613 47.83 9.85 19.62
C GLU A 613 47.83 9.41 18.14
N SER A 614 46.71 8.84 17.71
CA SER A 614 46.53 8.37 16.33
C SER A 614 46.86 6.88 16.17
N ALA A 615 46.34 6.29 15.09
CA ALA A 615 45.49 7.00 14.14
C ALA A 615 44.03 6.56 14.25
N GLY A 616 43.17 7.52 14.57
CA GLY A 616 41.75 7.28 14.72
C GLY A 616 40.98 8.42 14.09
N VAL A 617 39.72 8.16 13.77
CA VAL A 617 38.85 9.17 13.15
C VAL A 617 38.83 10.44 13.98
N VAL A 618 38.98 11.58 13.31
CA VAL A 618 39.02 12.85 13.96
C VAL A 618 37.65 13.17 14.47
N CYS A 619 37.58 13.89 15.57
CA CYS A 619 36.27 14.26 16.09
C CYS A 619 36.26 15.77 16.23
N PRO A 620 35.07 16.35 16.14
CA PRO A 620 34.93 17.80 16.24
C PRO A 620 34.04 18.17 17.39
N TYR A 621 34.51 19.07 18.24
CA TYR A 621 33.73 19.50 19.39
C TYR A 621 33.47 20.99 19.37
N ARG A 622 33.56 21.65 18.23
CA ARG A 622 33.32 23.06 18.29
C ARG A 622 31.95 23.31 17.71
N ALA A 623 31.73 22.71 16.55
CA ALA A 623 30.46 22.86 15.85
C ALA A 623 29.31 22.51 16.80
N ILE A 624 29.57 21.63 17.76
CA ILE A 624 28.59 21.26 18.76
C ILE A 624 28.28 22.44 19.67
N GLU A 625 29.33 23.06 20.21
CA GLU A 625 29.17 24.19 21.12
C GLU A 625 28.54 25.37 20.39
N SER A 626 28.95 25.58 19.14
CA SER A 626 28.38 26.66 18.33
C SER A 626 26.91 26.39 18.02
N LEU A 627 26.58 25.12 17.82
CA LEU A 627 25.20 24.71 17.58
C LEU A 627 24.37 25.00 18.82
N TYR A 628 24.96 24.74 19.99
CA TYR A 628 24.29 25.04 21.25
C TYR A 628 24.09 26.54 21.40
N ARG A 629 25.06 27.31 20.94
CA ARG A 629 24.96 28.77 20.96
C ARG A 629 23.81 29.24 20.10
N LYS A 630 23.72 28.70 18.89
CA LYS A 630 22.65 29.05 17.96
C LYS A 630 21.30 28.63 18.52
N HIS A 631 21.29 27.53 19.26
CA HIS A 631 20.05 27.00 19.85
C HIS A 631 19.52 27.91 20.95
N CYS A 632 20.41 28.42 21.78
CA CYS A 632 20.03 29.28 22.89
C CYS A 632 20.04 30.76 22.48
N LEU A 633 20.16 31.01 21.19
CA LEU A 633 20.19 32.38 20.67
C LEU A 633 18.82 33.02 20.80
N GLU A 634 17.77 32.19 20.77
CA GLU A 634 16.41 32.67 20.89
C GLU A 634 16.14 33.22 22.29
N PRO A 710 30.61 18.07 30.60
CA PRO A 710 29.85 17.17 31.46
C PRO A 710 28.98 17.92 32.47
N TYR A 711 29.49 19.05 32.96
CA TYR A 711 28.78 19.87 33.94
C TYR A 711 28.98 21.35 33.66
N ASN A 712 27.95 22.17 33.90
CA ASN A 712 26.69 21.72 34.47
C ASN A 712 25.67 21.37 33.38
N ASP A 713 24.39 21.64 33.65
CA ASP A 713 23.31 21.40 32.70
C ASP A 713 23.23 19.93 32.29
N VAL A 714 23.17 19.04 33.27
CA VAL A 714 23.16 17.61 33.00
C VAL A 714 21.87 16.94 33.47
N ASP A 715 21.31 17.45 34.57
CA ASP A 715 20.10 16.88 35.16
C ASP A 715 18.87 17.19 34.31
N ILE A 716 18.42 18.44 34.32
CA ILE A 716 17.23 18.83 33.57
C ILE A 716 17.53 19.49 32.21
N PRO A 717 18.60 20.31 32.10
CA PRO A 717 18.88 20.77 30.73
C PRO A 717 19.53 19.68 29.88
N GLY A 718 20.03 20.05 28.71
CA GLY A 718 20.67 19.09 27.82
C GLY A 718 21.95 19.60 27.19
N CYS A 719 22.96 18.73 27.16
CA CYS A 719 24.25 19.05 26.54
C CYS A 719 25.07 17.79 26.29
N TRP A 720 26.04 17.88 25.39
CA TRP A 720 26.92 16.75 25.09
C TRP A 720 28.35 17.12 25.39
N PHE A 721 29.11 16.14 25.89
CA PHE A 721 30.50 16.37 26.28
C PHE A 721 31.42 16.41 25.07
N PHE A 722 32.58 15.76 25.21
CA PHE A 722 33.57 15.75 24.14
C PHE A 722 33.83 14.34 23.64
N LYS A 723 34.30 13.48 24.53
CA LYS A 723 34.70 12.13 24.14
C LYS A 723 34.07 11.06 25.03
N LEU A 724 34.72 10.78 26.15
CA LEU A 724 34.36 9.70 27.09
C LEU A 724 34.20 8.34 26.33
N PRO A 725 32.98 7.83 26.04
CA PRO A 725 31.54 8.04 26.26
C PRO A 725 30.98 7.24 27.45
N HIS A 726 30.20 7.92 28.28
CA HIS A 726 29.53 7.27 29.41
C HIS A 726 28.16 7.89 29.72
N LYS A 727 27.50 7.36 30.74
CA LYS A 727 26.16 7.81 31.10
C LYS A 727 26.14 9.27 31.53
N ASP A 728 26.58 9.52 32.76
CA ASP A 728 26.71 10.88 33.31
C ASP A 728 25.37 11.63 33.39
N GLY A 729 24.31 10.92 33.73
CA GLY A 729 23.02 11.55 33.95
C GLY A 729 21.89 11.01 33.11
N ASN A 730 21.68 9.70 33.17
CA ASN A 730 20.59 9.06 32.43
C ASN A 730 19.58 8.42 33.37
N SER A 731 18.31 8.43 33.00
CA SER A 731 17.27 7.85 33.83
C SER A 731 16.93 6.43 33.40
N CYS A 732 16.74 6.25 32.09
CA CYS A 732 16.40 4.94 31.54
C CYS A 732 17.61 4.00 31.58
N ASN A 733 17.34 2.72 31.76
CA ASN A 733 18.41 1.72 31.84
C ASN A 733 18.46 0.82 30.62
N VAL A 734 17.96 1.31 29.48
CA VAL A 734 17.90 0.50 28.28
C VAL A 734 18.29 1.27 27.01
N GLY A 735 17.69 2.45 26.83
CA GLY A 735 17.92 3.23 25.62
C GLY A 735 16.78 3.08 24.64
N SER A 736 16.82 3.82 23.55
CA SER A 736 15.72 3.82 22.59
C SER A 736 16.13 4.33 21.20
N PRO A 737 16.49 3.41 20.29
CA PRO A 737 16.73 3.72 18.89
C PRO A 737 15.59 3.25 17.99
N PHE A 738 14.78 4.17 17.46
CA PHE A 738 14.96 5.60 17.67
C PHE A 738 13.73 6.20 18.36
N ALA A 739 13.82 7.47 18.74
CA ALA A 739 12.69 8.21 19.30
C ALA A 739 11.46 8.13 18.40
N LYS A 740 10.60 7.16 18.66
CA LYS A 740 9.48 6.88 17.78
C LYS A 740 8.12 7.08 18.44
N ASP A 741 8.12 7.34 19.74
CA ASP A 741 6.88 7.66 20.43
C ASP A 741 7.10 8.80 21.42
N PHE A 742 7.74 9.86 20.93
CA PHE A 742 7.95 11.06 21.73
C PHE A 742 7.36 12.28 21.03
N LEU A 743 6.16 12.11 20.46
CA LEU A 743 5.45 13.21 19.84
C LEU A 743 5.19 14.38 20.81
N PRO A 744 4.81 14.09 22.07
CA PRO A 744 4.71 15.24 22.98
C PRO A 744 6.08 15.83 23.30
N LYS A 745 7.14 15.04 23.14
CA LYS A 745 8.49 15.52 23.37
C LYS A 745 9.11 15.99 22.05
N MET A 746 8.30 15.99 20.99
CA MET A 746 8.72 16.47 19.68
C MET A 746 7.92 17.71 19.31
N GLU A 747 6.76 17.85 19.95
CA GLU A 747 5.87 18.98 19.70
C GLU A 747 5.79 19.88 20.93
N ASP A 748 6.94 20.20 21.51
CA ASP A 748 7.01 21.09 22.66
C ASP A 748 8.35 21.83 22.68
N GLY A 749 9.02 21.86 21.54
CA GLY A 749 10.33 22.49 21.45
C GLY A 749 11.43 21.45 21.46
N THR A 750 11.80 21.00 22.65
CA THR A 750 12.83 19.99 22.81
C THR A 750 12.21 18.59 22.86
N LEU A 751 12.57 17.73 21.90
CA LEU A 751 13.56 18.05 20.88
C LEU A 751 12.92 18.34 19.53
N GLN A 752 13.72 18.85 18.59
CA GLN A 752 13.26 19.14 17.25
C GLN A 752 14.26 18.64 16.21
N ALA A 753 13.97 18.90 14.93
CA ALA A 753 14.87 18.52 13.86
C ALA A 753 15.24 19.72 12.99
N GLY A 754 16.26 19.57 12.17
CA GLY A 754 16.72 20.63 11.30
C GLY A 754 17.85 20.22 10.39
N PRO A 755 17.69 20.44 9.07
CA PRO A 755 16.51 21.06 8.47
C PRO A 755 15.36 20.06 8.26
N GLY A 756 14.15 20.47 8.63
CA GLY A 756 13.92 21.78 9.22
C GLY A 756 12.44 22.12 9.32
N GLY A 757 12.07 22.80 10.40
CA GLY A 757 10.71 23.23 10.61
C GLY A 757 9.85 22.16 11.26
N ALA A 758 8.68 21.91 10.68
CA ALA A 758 7.76 20.91 11.21
C ALA A 758 7.93 19.57 10.50
N SER A 759 9.08 19.39 9.87
CA SER A 759 9.39 18.14 9.17
C SER A 759 9.53 16.99 10.14
N GLY A 760 10.11 17.28 11.31
CA GLY A 760 10.28 16.30 12.36
C GLY A 760 8.98 15.67 12.86
N PRO A 761 8.12 16.48 13.50
CA PRO A 761 6.84 16.00 14.03
C PRO A 761 5.96 15.37 12.96
N ARG A 762 6.09 15.83 11.72
CA ARG A 762 5.34 15.24 10.62
C ARG A 762 5.89 13.85 10.27
N ALA A 763 7.21 13.71 10.31
CA ALA A 763 7.84 12.42 10.07
C ALA A 763 7.45 11.42 11.14
N LEU A 764 7.47 11.87 12.40
CA LEU A 764 7.02 11.05 13.51
C LEU A 764 5.55 10.67 13.34
N GLU A 765 4.74 11.60 12.85
CA GLU A 765 3.33 11.35 12.58
C GLU A 765 3.17 10.24 11.55
N ILE A 766 3.90 10.36 10.45
CA ILE A 766 3.87 9.36 9.37
C ILE A 766 4.28 7.99 9.90
N ASN A 767 5.32 7.96 10.72
CA ASN A 767 5.77 6.71 11.33
C ASN A 767 4.69 6.10 12.21
N LYS A 768 4.01 6.93 12.99
CA LYS A 768 2.94 6.46 13.87
C LYS A 768 1.74 5.96 13.09
N MET A 769 1.50 6.57 11.93
CA MET A 769 0.37 6.19 11.07
C MET A 769 0.55 4.80 10.48
N ILE A 770 1.76 4.49 10.04
CA ILE A 770 2.02 3.22 9.37
C ILE A 770 2.68 2.19 10.28
N SER A 771 2.69 2.47 11.58
CA SER A 771 3.33 1.58 12.56
C SER A 771 2.65 0.22 12.60
N PHE A 772 1.31 0.22 12.56
CA PHE A 772 0.55 -1.01 12.66
C PHE A 772 0.63 -1.83 11.38
N TRP A 773 0.36 -1.20 10.25
CA TRP A 773 0.30 -1.90 8.97
C TRP A 773 1.67 -2.43 8.54
N ARG A 774 2.73 -1.84 9.06
CA ARG A 774 4.08 -2.29 8.72
C ARG A 774 4.35 -3.66 9.30
N ASN A 775 3.91 -3.88 10.55
CA ASN A 775 4.18 -5.12 11.25
C ASN A 775 3.03 -6.11 11.16
N ALA A 776 2.15 -5.92 10.20
CA ALA A 776 0.94 -6.75 10.13
C ALA A 776 0.46 -7.05 8.71
N HIS A 777 0.82 -6.20 7.75
CA HIS A 777 0.29 -6.29 6.38
C HIS A 777 0.40 -7.69 5.77
N LYS A 778 1.45 -8.41 6.13
CA LYS A 778 1.62 -9.77 5.64
C LYS A 778 0.53 -10.68 6.20
N ARG A 779 0.15 -10.43 7.45
CA ARG A 779 -0.82 -11.28 8.13
C ARG A 779 -2.26 -11.01 7.70
N ILE A 780 -2.52 -9.80 7.19
CA ILE A 780 -3.88 -9.45 6.77
C ILE A 780 -4.07 -9.63 5.27
N SER A 781 -3.04 -9.34 4.49
CA SER A 781 -3.14 -9.49 3.04
C SER A 781 -3.20 -10.96 2.66
N SER A 782 -2.42 -11.78 3.37
CA SER A 782 -2.39 -13.21 3.11
C SER A 782 -3.50 -13.95 3.88
N GLN A 783 -4.18 -13.21 4.75
CA GLN A 783 -5.33 -13.75 5.49
C GLN A 783 -6.36 -14.26 4.50
N MET A 784 -6.29 -15.54 4.17
CA MET A 784 -7.14 -16.11 3.13
C MET A 784 -8.61 -16.06 3.50
N VAL A 785 -9.46 -16.29 2.51
CA VAL A 785 -10.91 -16.24 2.70
C VAL A 785 -11.62 -16.95 1.57
N VAL A 786 -12.49 -17.91 1.93
CA VAL A 786 -13.24 -18.67 0.94
C VAL A 786 -14.60 -18.03 0.68
N TRP A 787 -14.98 -17.92 -0.58
CA TRP A 787 -16.27 -17.36 -0.96
C TRP A 787 -17.26 -18.45 -1.31
N LEU A 788 -18.44 -18.40 -0.68
CA LEU A 788 -19.49 -19.37 -0.99
C LEU A 788 -20.46 -18.81 -2.02
N PRO A 789 -20.64 -19.54 -3.14
CA PRO A 789 -21.51 -19.10 -4.24
C PRO A 789 -22.98 -19.05 -3.83
N ARG A 790 -23.84 -18.58 -4.73
CA ARG A 790 -25.25 -18.45 -4.43
C ARG A 790 -25.94 -19.81 -4.32
N SER A 791 -25.22 -20.86 -4.70
CA SER A 791 -25.74 -22.22 -4.61
C SER A 791 -25.74 -22.73 -3.18
N ALA A 792 -24.75 -22.30 -2.41
CA ALA A 792 -24.59 -22.79 -1.03
C ALA A 792 -24.63 -21.66 -0.01
N LEU A 793 -25.76 -20.96 0.05
CA LEU A 793 -25.98 -19.94 1.08
C LEU A 793 -27.46 -19.90 1.45
N PRO A 794 -27.78 -19.43 2.66
CA PRO A 794 -29.17 -19.34 3.11
C PRO A 794 -30.03 -18.55 2.14
N ARG A 795 -31.03 -19.22 1.55
CA ARG A 795 -31.92 -18.60 0.59
C ARG A 795 -32.80 -17.56 1.26
N ALA A 796 -32.97 -17.68 2.58
CA ALA A 796 -33.71 -16.70 3.36
C ALA A 796 -32.92 -15.39 3.46
N VAL A 797 -31.62 -15.47 3.19
CA VAL A 797 -30.77 -14.29 3.14
C VAL A 797 -30.88 -13.65 1.74
N ILE A 798 -31.05 -14.49 0.72
CA ILE A 798 -31.30 -14.00 -0.62
C ILE A 798 -32.65 -13.26 -0.65
N ARG A 799 -33.62 -13.80 0.08
CA ARG A 799 -34.93 -13.15 0.20
C ARG A 799 -34.80 -11.77 0.83
N HIS A 800 -33.83 -11.62 1.73
CA HIS A 800 -33.54 -10.33 2.35
C HIS A 800 -33.04 -9.34 1.29
N PRO A 801 -33.54 -8.09 1.34
CA PRO A 801 -33.25 -7.07 0.33
C PRO A 801 -31.77 -6.67 0.23
N ASP A 802 -30.90 -7.65 0.03
CA ASP A 802 -29.46 -7.40 -0.19
C ASP A 802 -28.84 -8.53 -0.99
N TYR A 803 -28.02 -8.19 -1.98
CA TYR A 803 -27.33 -9.20 -2.78
C TYR A 803 -25.79 -9.21 -2.66
N ASP A 804 -25.09 -8.06 -2.74
CA ASP A 804 -25.64 -6.73 -2.99
C ASP A 804 -24.96 -6.10 -4.20
N GLU A 805 -25.73 -5.93 -5.28
CA GLU A 805 -25.22 -5.39 -6.53
C GLU A 805 -24.02 -6.19 -7.03
N GLU A 806 -24.28 -7.44 -7.39
CA GLU A 806 -23.25 -8.38 -7.84
C GLU A 806 -22.14 -8.52 -6.81
N GLY A 807 -22.50 -8.49 -5.53
CA GLY A 807 -21.53 -8.59 -4.46
C GLY A 807 -21.23 -10.03 -4.07
N LEU A 808 -20.01 -10.26 -3.59
CA LEU A 808 -19.58 -11.59 -3.18
C LEU A 808 -19.60 -11.73 -1.66
N TYR A 809 -20.23 -12.80 -1.18
CA TYR A 809 -20.23 -13.09 0.25
C TYR A 809 -19.38 -14.32 0.57
N GLY A 810 -18.64 -14.25 1.66
CA GLY A 810 -17.79 -15.36 2.07
C GLY A 810 -17.42 -15.25 3.53
N ALA A 811 -16.38 -15.98 3.93
CA ALA A 811 -15.95 -15.98 5.32
C ALA A 811 -14.55 -16.57 5.50
N ILE A 812 -14.01 -16.41 6.70
CA ILE A 812 -12.73 -16.99 7.08
C ILE A 812 -12.78 -17.44 8.54
N LEU A 813 -12.28 -18.65 8.78
CA LEU A 813 -12.14 -19.14 10.14
C LEU A 813 -10.83 -18.66 10.72
N PRO A 814 -10.90 -17.93 11.84
CA PRO A 814 -9.77 -17.25 12.50
C PRO A 814 -8.52 -18.13 12.67
N GLN A 815 -8.68 -19.44 12.64
CA GLN A 815 -7.55 -20.36 12.80
C GLN A 815 -6.88 -20.12 14.15
N VAL A 816 -7.56 -20.52 15.22
CA VAL A 816 -7.13 -20.22 16.57
C VAL A 816 -6.69 -21.48 17.34
N VAL A 817 -5.48 -21.43 17.90
CA VAL A 817 -5.03 -22.47 18.80
C VAL A 817 -5.81 -22.35 20.11
N THR A 818 -6.53 -23.42 20.45
CA THR A 818 -7.51 -23.40 21.53
C THR A 818 -6.93 -22.99 22.89
N ALA A 819 -5.67 -23.32 23.12
CA ALA A 819 -5.04 -23.05 24.40
C ALA A 819 -3.54 -22.81 24.27
N GLY A 820 -3.15 -21.53 24.35
CA GLY A 820 -1.76 -21.17 24.39
C GLY A 820 -1.45 -20.49 25.69
N THR A 821 -0.41 -20.95 26.39
CA THR A 821 0.04 -20.41 27.66
C THR A 821 -0.06 -18.89 27.71
N ILE A 822 -0.57 -18.32 28.80
CA ILE A 822 -1.22 -19.03 29.90
C ILE A 822 -2.27 -18.00 30.35
N THR A 823 -3.44 -18.43 30.82
CA THR A 823 -3.77 -19.83 31.07
C THR A 823 -4.74 -20.41 30.05
N ARG A 824 -4.20 -21.17 29.11
CA ARG A 824 -5.00 -21.80 28.06
C ARG A 824 -5.80 -20.76 27.27
N ARG A 825 -5.29 -19.53 27.22
CA ARG A 825 -5.93 -18.49 26.44
C ARG A 825 -5.78 -18.77 24.95
N ALA A 826 -6.65 -18.14 24.15
CA ALA A 826 -6.59 -18.30 22.71
C ALA A 826 -5.29 -17.72 22.16
N VAL A 827 -4.79 -18.33 21.08
CA VAL A 827 -3.60 -17.81 20.39
C VAL A 827 -3.83 -17.76 18.89
N GLU A 828 -3.72 -16.56 18.32
CA GLU A 828 -3.95 -16.35 16.91
C GLU A 828 -3.07 -15.21 16.38
N PRO A 829 -2.30 -15.49 15.31
CA PRO A 829 -1.30 -14.57 14.76
C PRO A 829 -1.83 -13.19 14.38
N THR A 830 -3.09 -13.09 13.96
CA THR A 830 -3.59 -11.86 13.37
C THR A 830 -4.71 -11.17 14.16
N TRP A 831 -5.77 -11.92 14.44
CA TRP A 831 -7.00 -11.34 14.97
C TRP A 831 -6.98 -11.02 16.46
N LEU A 832 -6.10 -11.69 17.20
CA LEU A 832 -5.99 -11.42 18.63
C LEU A 832 -5.09 -10.22 18.89
N THR A 833 -4.31 -9.84 17.88
CA THR A 833 -3.46 -8.66 17.97
C THR A 833 -3.96 -7.59 17.02
N ALA A 834 -5.24 -7.67 16.67
CA ALA A 834 -5.86 -6.73 15.75
C ALA A 834 -6.08 -5.38 16.42
N SER A 835 -5.59 -4.32 15.78
CA SER A 835 -5.69 -2.98 16.31
C SER A 835 -7.15 -2.52 16.46
N ASN A 836 -7.37 -1.52 17.30
CA ASN A 836 -8.71 -1.00 17.53
C ASN A 836 -9.00 0.20 16.64
N ALA A 837 -10.22 0.73 16.75
CA ALA A 837 -10.66 1.83 15.91
C ALA A 837 -9.99 3.15 16.29
N ARG A 838 -8.82 3.40 15.73
CA ARG A 838 -8.11 4.66 15.93
C ARG A 838 -7.98 5.42 14.62
N PRO A 839 -8.36 6.71 14.62
CA PRO A 839 -8.31 7.55 13.42
C PRO A 839 -6.89 7.91 13.00
N ASP A 840 -5.90 7.28 13.63
CA ASP A 840 -4.50 7.54 13.33
C ASP A 840 -3.88 6.43 12.50
N ARG A 841 -4.09 5.19 12.91
CA ARG A 841 -3.49 4.03 12.26
C ARG A 841 -4.15 3.72 10.93
N VAL A 842 -3.37 3.20 9.98
CA VAL A 842 -3.85 2.97 8.63
C VAL A 842 -4.87 1.84 8.54
N GLY A 843 -4.49 0.63 8.94
CA GLY A 843 -5.37 -0.52 8.84
C GLY A 843 -6.26 -0.72 10.06
N SER A 844 -6.53 0.37 10.78
CA SER A 844 -7.27 0.31 12.04
C SER A 844 -8.72 -0.15 11.87
N GLU A 845 -9.15 -0.30 10.63
CA GLU A 845 -10.52 -0.70 10.34
C GLU A 845 -10.65 -2.22 10.30
N LEU A 846 -9.53 -2.91 10.43
CA LEU A 846 -9.47 -4.36 10.34
C LEU A 846 -10.51 -5.04 11.25
N LYS A 847 -10.65 -4.51 12.46
CA LYS A 847 -11.60 -5.06 13.42
C LYS A 847 -13.04 -4.93 12.91
N ALA A 848 -13.33 -3.81 12.25
CA ALA A 848 -14.69 -3.52 11.83
C ALA A 848 -14.97 -3.90 10.37
N MET A 849 -14.09 -4.72 9.79
CA MET A 849 -14.30 -5.20 8.43
C MET A 849 -14.99 -6.55 8.42
N VAL A 850 -15.15 -7.14 9.61
CA VAL A 850 -15.91 -8.38 9.73
C VAL A 850 -17.39 -8.03 9.75
N GLN A 851 -17.99 -7.99 8.58
CA GLN A 851 -19.38 -7.56 8.44
C GLN A 851 -20.34 -8.74 8.35
N ALA A 852 -21.41 -8.66 9.14
CA ALA A 852 -22.41 -9.72 9.16
C ALA A 852 -23.18 -9.77 7.85
N PRO A 853 -23.51 -10.98 7.39
CA PRO A 853 -24.34 -11.17 6.20
C PRO A 853 -25.73 -10.55 6.38
N PRO A 854 -26.38 -10.19 5.28
CA PRO A 854 -27.72 -9.58 5.33
C PRO A 854 -28.74 -10.49 6.00
N GLY A 855 -29.56 -9.92 6.88
CA GLY A 855 -30.50 -10.70 7.65
C GLY A 855 -29.88 -11.13 8.97
N TYR A 856 -28.56 -11.13 9.00
CA TYR A 856 -27.82 -11.48 10.20
C TYR A 856 -27.19 -10.25 10.85
N THR A 857 -26.91 -10.36 12.14
CA THR A 857 -26.22 -9.30 12.88
C THR A 857 -25.51 -9.92 14.07
N LEU A 858 -24.37 -9.34 14.45
CA LEU A 858 -23.61 -9.88 15.58
C LEU A 858 -23.94 -9.16 16.88
N VAL A 859 -24.09 -9.96 17.93
CA VAL A 859 -24.36 -9.48 19.28
C VAL A 859 -23.29 -9.99 20.23
N GLY A 860 -22.57 -9.06 20.86
CA GLY A 860 -21.49 -9.44 21.75
C GLY A 860 -21.42 -8.58 23.00
N ALA A 861 -20.45 -8.88 23.87
CA ALA A 861 -20.30 -8.14 25.11
C ALA A 861 -18.88 -8.29 25.67
N ASP A 862 -18.47 -7.31 26.46
CA ASP A 862 -17.17 -7.32 27.10
C ASP A 862 -17.32 -7.25 28.62
N VAL A 863 -16.80 -8.25 29.31
CA VAL A 863 -16.90 -8.32 30.77
C VAL A 863 -16.22 -7.13 31.43
N ASP A 864 -16.96 -6.39 32.25
CA ASP A 864 -16.43 -5.20 32.89
C ASP A 864 -16.75 -5.16 34.39
N SER A 865 -15.81 -5.63 35.22
CA SER A 865 -14.54 -6.18 34.75
C SER A 865 -14.34 -7.57 35.32
N GLN A 866 -13.46 -8.37 34.71
CA GLN A 866 -13.31 -9.75 35.15
C GLN A 866 -12.22 -9.93 36.21
N GLU A 867 -10.95 -9.78 35.83
CA GLU A 867 -9.83 -10.16 36.69
C GLU A 867 -9.78 -9.35 38.00
N LEU A 868 -10.23 -8.10 37.93
CA LEU A 868 -10.26 -7.25 39.11
C LEU A 868 -11.24 -7.81 40.15
N TRP A 869 -12.46 -8.06 39.72
CA TRP A 869 -13.49 -8.63 40.58
C TRP A 869 -13.13 -10.04 41.01
N ILE A 870 -12.32 -10.70 40.19
CA ILE A 870 -11.81 -12.03 40.48
C ILE A 870 -10.88 -11.98 41.70
N ALA A 871 -9.87 -11.11 41.64
CA ALA A 871 -8.96 -10.93 42.76
C ALA A 871 -9.74 -10.47 44.00
N ALA A 872 -10.71 -9.60 43.78
CA ALA A 872 -11.57 -9.11 44.85
C ALA A 872 -12.26 -10.26 45.58
N VAL A 873 -12.94 -11.12 44.81
CA VAL A 873 -13.65 -12.26 45.37
C VAL A 873 -12.71 -13.23 46.07
N LEU A 874 -11.57 -13.50 45.43
CA LEU A 874 -10.55 -14.34 46.04
C LEU A 874 -10.06 -13.75 47.37
N GLY A 875 -10.21 -12.44 47.52
CA GLY A 875 -9.89 -11.78 48.77
C GLY A 875 -10.97 -11.91 49.83
N ASP A 876 -12.17 -11.44 49.51
CA ASP A 876 -13.27 -11.41 50.48
C ASP A 876 -13.72 -12.79 50.90
N ALA A 877 -13.76 -13.73 49.96
CA ALA A 877 -14.15 -15.10 50.27
C ALA A 877 -13.13 -15.76 51.18
N HIS A 878 -11.89 -15.31 51.08
CA HIS A 878 -10.82 -15.81 51.94
C HIS A 878 -10.93 -15.21 53.34
N PHE A 879 -11.16 -13.91 53.40
CA PHE A 879 -11.28 -13.21 54.67
C PHE A 879 -12.53 -13.64 55.44
N ALA A 880 -13.68 -13.58 54.76
CA ALA A 880 -14.94 -13.97 55.37
C ALA A 880 -15.91 -14.54 54.34
N GLY A 881 -17.21 -14.42 54.61
CA GLY A 881 -18.22 -15.00 53.75
C GLY A 881 -18.77 -14.04 52.71
N MET A 882 -19.01 -12.79 53.12
CA MET A 882 -19.60 -11.79 52.24
C MET A 882 -18.59 -11.32 51.19
N HIS A 883 -19.07 -10.51 50.25
CA HIS A 883 -18.24 -10.05 49.14
C HIS A 883 -17.58 -8.70 49.41
N GLY A 884 -18.19 -7.90 50.28
CA GLY A 884 -17.69 -6.57 50.56
C GLY A 884 -16.91 -6.48 51.86
N CYS A 885 -16.32 -7.59 52.28
CA CYS A 885 -15.57 -7.63 53.53
C CYS A 885 -14.07 -7.46 53.30
N THR A 886 -13.72 -6.65 52.30
CA THR A 886 -12.32 -6.36 52.01
C THR A 886 -12.14 -4.91 51.60
N ALA A 887 -10.97 -4.35 51.89
CA ALA A 887 -10.67 -2.96 51.55
C ALA A 887 -10.58 -2.76 50.05
N PHE A 888 -10.03 -3.76 49.36
CA PHE A 888 -9.90 -3.70 47.92
C PHE A 888 -11.16 -4.20 47.21
N GLY A 889 -11.75 -5.28 47.75
CA GLY A 889 -12.90 -5.90 47.13
C GLY A 889 -14.19 -5.12 47.21
N TRP A 890 -14.21 -4.09 48.06
CA TRP A 890 -15.42 -3.30 48.25
C TRP A 890 -15.54 -2.20 47.19
N MET A 891 -14.41 -1.70 46.72
CA MET A 891 -14.38 -0.62 45.76
C MET A 891 -14.64 -1.13 44.34
N THR A 892 -14.36 -2.41 44.10
CA THR A 892 -14.53 -2.99 42.77
C THR A 892 -16.00 -3.09 42.39
N LEU A 893 -16.81 -3.59 43.31
CA LEU A 893 -18.23 -3.80 43.06
C LEU A 893 -19.07 -2.62 43.56
N GLN A 894 -18.51 -1.42 43.46
CA GLN A 894 -19.16 -0.23 43.96
C GLN A 894 -19.42 0.79 42.84
N GLY A 895 -18.61 0.73 41.80
CA GLY A 895 -18.70 1.70 40.71
C GLY A 895 -19.45 1.20 39.49
N ARG A 896 -20.13 2.13 38.81
CA ARG A 896 -20.83 1.82 37.56
C ARG A 896 -20.29 2.70 36.45
N LYS A 897 -20.01 2.10 35.29
CA LYS A 897 -19.38 2.82 34.18
C LYS A 897 -20.32 3.85 33.54
N SER A 898 -21.60 3.52 33.48
CA SER A 898 -22.60 4.44 32.92
C SER A 898 -22.80 5.64 33.84
N ARG A 899 -22.61 6.83 33.28
CA ARG A 899 -22.67 8.12 34.00
C ARG A 899 -22.10 8.08 35.42
N GLY A 900 -21.10 7.22 35.65
CA GLY A 900 -20.53 7.07 36.97
C GLY A 900 -19.01 6.96 36.94
N THR A 901 -18.47 6.19 37.88
CA THR A 901 -17.04 6.05 38.01
C THR A 901 -16.65 4.69 38.58
N ASP A 902 -15.94 3.90 37.78
CA ASP A 902 -15.46 2.59 38.20
C ASP A 902 -14.23 2.74 39.07
N LEU A 903 -13.64 1.62 39.48
CA LEU A 903 -12.42 1.64 40.27
C LEU A 903 -11.26 2.18 39.43
N HIS A 904 -11.14 1.66 38.21
CA HIS A 904 -10.14 2.16 37.27
C HIS A 904 -10.35 3.64 37.01
N SER A 905 -11.60 4.03 36.88
CA SER A 905 -11.96 5.43 36.64
C SER A 905 -11.75 6.28 37.88
N LYS A 906 -11.84 5.65 39.06
CA LYS A 906 -11.62 6.36 40.31
C LYS A 906 -10.14 6.60 40.55
N THR A 907 -9.31 5.71 40.00
CA THR A 907 -7.88 5.87 40.07
C THR A 907 -7.38 6.78 38.93
N ALA A 908 -8.19 6.88 37.88
CA ALA A 908 -7.85 7.70 36.72
C ALA A 908 -8.23 9.16 36.93
N THR A 909 -9.06 9.42 37.93
CA THR A 909 -9.47 10.77 38.25
C THR A 909 -8.87 11.19 39.60
N THR A 910 -7.54 11.06 39.71
CA THR A 910 -6.83 11.42 40.93
C THR A 910 -6.20 12.83 41.00
N VAL A 911 -5.56 13.35 39.94
CA VAL A 911 -5.39 12.75 38.63
C VAL A 911 -3.92 12.45 38.34
N GLY A 912 -3.64 11.38 37.57
CA GLY A 912 -4.66 10.51 37.03
C GLY A 912 -4.83 10.65 35.54
N ILE A 913 -4.97 9.50 34.86
CA ILE A 913 -5.14 9.49 33.41
C ILE A 913 -6.16 8.42 32.99
N SER A 914 -7.19 8.85 32.27
CA SER A 914 -8.25 7.94 31.85
C SER A 914 -8.01 7.40 30.45
N ARG A 915 -8.20 6.09 30.27
CA ARG A 915 -8.59 5.20 31.35
C ARG A 915 -7.78 3.90 31.27
N GLU A 916 -7.36 3.56 30.06
CA GLU A 916 -6.58 2.35 29.81
C GLU A 916 -5.27 2.36 30.60
N HIS A 917 -4.70 3.54 30.74
CA HIS A 917 -3.43 3.72 31.46
C HIS A 917 -3.58 3.34 32.93
N ALA A 918 -4.67 3.81 33.55
CA ALA A 918 -4.95 3.47 34.94
C ALA A 918 -5.22 1.98 35.10
N LYS A 919 -5.79 1.39 34.06
CA LYS A 919 -6.02 -0.06 34.03
C LYS A 919 -4.68 -0.80 34.04
N ILE A 920 -3.75 -0.32 33.22
CA ILE A 920 -2.39 -0.88 33.18
C ILE A 920 -1.70 -0.72 34.53
N PHE A 921 -1.95 0.41 35.18
CA PHE A 921 -1.33 0.70 36.47
C PHE A 921 -1.86 -0.24 37.55
N ASN A 922 -3.17 -0.46 37.55
CA ASN A 922 -3.80 -1.35 38.52
C ASN A 922 -3.43 -2.81 38.30
N TYR A 923 -3.66 -3.32 37.09
CA TYR A 923 -3.34 -4.70 36.77
C TYR A 923 -1.84 -4.96 36.87
N GLY A 924 -1.04 -3.91 36.72
CA GLY A 924 0.39 -4.01 36.92
C GLY A 924 0.73 -4.02 38.40
N ARG A 925 -0.12 -3.35 39.19
CA ARG A 925 0.07 -3.29 40.63
C ARG A 925 -0.26 -4.62 41.29
N ILE A 926 -1.27 -5.31 40.75
CA ILE A 926 -1.67 -6.59 41.31
C ILE A 926 -0.61 -7.67 41.12
N TYR A 927 0.15 -7.57 40.01
CA TYR A 927 1.11 -8.62 39.67
C TYR A 927 2.55 -8.14 39.83
N GLY A 928 2.77 -7.16 40.71
CA GLY A 928 4.10 -6.68 40.99
C GLY A 928 4.29 -5.19 40.73
N ALA A 929 3.84 -4.37 41.67
CA ALA A 929 4.00 -2.93 41.56
C ALA A 929 5.40 -2.51 41.97
N GLY A 930 6.38 -2.82 41.13
CA GLY A 930 7.74 -2.41 41.37
C GLY A 930 7.83 -0.90 41.44
N GLN A 931 8.56 -0.39 42.43
CA GLN A 931 8.69 1.05 42.62
C GLN A 931 9.18 1.79 41.36
N PRO A 932 10.30 1.33 40.76
CA PRO A 932 10.74 2.08 39.56
C PRO A 932 9.81 1.86 38.37
N PHE A 933 9.18 0.70 38.29
CA PHE A 933 8.25 0.39 37.21
C PHE A 933 7.05 1.33 37.27
N ALA A 934 6.35 1.30 38.39
CA ALA A 934 5.21 2.19 38.60
C ALA A 934 5.65 3.65 38.47
N GLU A 935 6.89 3.91 38.84
CA GLU A 935 7.47 5.25 38.73
C GLU A 935 7.48 5.73 37.28
N ARG A 936 8.30 5.09 36.46
CA ARG A 936 8.45 5.55 35.08
C ARG A 936 7.15 5.37 34.28
N LEU A 937 6.30 4.46 34.75
CA LEU A 937 5.01 4.23 34.09
C LEU A 937 4.07 5.41 34.33
N LEU A 938 3.77 5.68 35.60
CA LEU A 938 2.87 6.77 35.96
C LEU A 938 3.43 8.12 35.51
N MET A 939 4.76 8.24 35.51
CA MET A 939 5.41 9.46 35.06
C MET A 939 5.33 9.59 33.54
N GLN A 940 5.37 8.46 32.83
CA GLN A 940 5.21 8.45 31.39
C GLN A 940 3.80 8.83 30.99
N PHE A 941 2.82 8.37 31.77
CA PHE A 941 1.42 8.57 31.43
C PHE A 941 0.87 9.93 31.87
N ASN A 942 1.39 10.46 32.97
CA ASN A 942 0.86 11.71 33.52
C ASN A 942 1.66 12.94 33.07
N HIS A 943 2.91 12.73 32.71
CA HIS A 943 3.79 13.79 32.23
C HIS A 943 3.92 14.96 33.22
N ARG A 944 4.66 14.74 34.30
CA ARG A 944 4.96 15.79 35.27
C ARG A 944 6.36 15.60 35.83
N LEU A 945 6.61 16.12 37.03
CA LEU A 945 7.93 16.02 37.64
C LEU A 945 8.03 14.81 38.58
N THR A 946 9.24 14.29 38.73
CA THR A 946 9.47 13.00 39.38
C THR A 946 9.22 12.98 40.89
N GLN A 947 9.35 14.13 41.55
CA GLN A 947 9.20 14.18 43.00
C GLN A 947 7.73 14.04 43.44
N GLN A 948 6.87 14.90 42.89
CA GLN A 948 5.45 14.82 43.15
C GLN A 948 4.90 13.46 42.76
N GLU A 949 5.37 12.96 41.62
CA GLU A 949 5.04 11.63 41.16
C GLU A 949 5.40 10.59 42.22
N ALA A 950 6.63 10.68 42.71
CA ALA A 950 7.12 9.76 43.75
C ALA A 950 6.22 9.81 44.97
N ALA A 951 5.75 11.00 45.31
CA ALA A 951 4.79 11.15 46.40
C ALA A 951 3.51 10.39 46.10
N GLU A 952 3.02 10.53 44.87
CA GLU A 952 1.79 9.84 44.45
C GLU A 952 1.92 8.33 44.56
N LYS A 953 3.04 7.79 44.07
CA LYS A 953 3.32 6.37 44.15
C LYS A 953 3.38 5.91 45.60
N ALA A 954 4.17 6.62 46.39
CA ALA A 954 4.33 6.30 47.81
C ALA A 954 2.99 6.28 48.54
N GLN A 955 2.09 7.16 48.12
CA GLN A 955 0.73 7.18 48.66
C GLN A 955 -0.06 5.96 48.19
N GLN A 956 0.15 5.58 46.93
CA GLN A 956 -0.54 4.43 46.35
C GLN A 956 0.12 3.10 46.72
N MET A 957 1.33 3.19 47.25
CA MET A 957 2.06 1.98 47.68
C MET A 957 1.60 1.50 49.05
N TYR A 958 0.58 2.16 49.59
CA TYR A 958 0.05 1.80 50.90
C TYR A 958 -0.69 0.47 50.84
N ALA A 959 -1.07 0.07 49.64
CA ALA A 959 -1.92 -1.11 49.44
C ALA A 959 -1.17 -2.42 49.67
N ALA A 960 0.05 -2.52 49.13
CA ALA A 960 0.82 -3.74 49.23
C ALA A 960 1.51 -3.89 50.58
N THR A 961 1.76 -2.77 51.25
CA THR A 961 2.38 -2.78 52.59
C THR A 961 1.49 -3.50 53.60
N LYS A 962 2.10 -4.16 54.59
CA LYS A 962 3.56 -4.19 54.76
C LYS A 962 4.19 -5.42 54.12
N GLY A 963 4.12 -6.54 54.82
CA GLY A 963 4.73 -7.77 54.36
C GLY A 963 5.10 -8.68 55.51
N LEU A 964 6.27 -9.30 55.42
CA LEU A 964 6.74 -10.23 56.45
C LEU A 964 6.87 -9.52 57.80
N LEU A 997 19.00 -14.61 61.96
CA LEU A 997 20.09 -13.65 62.16
C LEU A 997 19.67 -12.27 61.65
N ARG A 998 20.23 -11.87 60.51
CA ARG A 998 19.85 -10.60 59.89
C ARG A 998 18.64 -10.80 58.97
N LYS A 999 17.71 -9.85 59.00
CA LYS A 999 16.46 -9.98 58.25
C LYS A 999 15.68 -8.66 58.20
N VAL A 1000 14.56 -8.69 57.50
CA VAL A 1000 13.64 -7.56 57.48
C VAL A 1000 13.02 -7.40 58.86
N GLN A 1001 12.97 -6.16 59.35
CA GLN A 1001 12.59 -5.90 60.73
C GLN A 1001 11.09 -6.09 61.00
N ARG A 1002 10.59 -7.29 60.71
CA ARG A 1002 9.20 -7.64 60.99
C ARG A 1002 8.98 -9.14 60.90
N GLU A 1003 8.62 -9.77 62.02
CA GLU A 1003 8.38 -11.21 62.06
C GLU A 1003 7.09 -11.52 62.80
N THR A 1004 6.94 -12.78 63.22
CA THR A 1004 5.78 -13.19 63.99
C THR A 1004 5.90 -12.71 65.43
N ALA A 1005 7.15 -12.52 65.87
CA ALA A 1005 7.40 -11.97 67.20
C ALA A 1005 7.00 -10.51 67.23
N ARG A 1006 6.57 -10.04 68.40
CA ARG A 1006 6.12 -8.66 68.55
C ARG A 1006 7.27 -7.69 68.34
N LYS A 1007 8.48 -8.14 68.64
CA LYS A 1007 9.69 -7.37 68.40
C LYS A 1007 10.81 -8.25 67.86
N SER A 1008 11.69 -7.68 67.05
CA SER A 1008 12.74 -8.44 66.39
C SER A 1008 13.95 -8.68 67.28
N GLN A 1009 14.26 -7.71 68.14
CA GLN A 1009 15.45 -7.78 68.98
C GLN A 1009 15.37 -8.89 70.02
N TRP A 1010 16.41 -9.73 70.05
CA TRP A 1010 16.51 -10.81 71.02
C TRP A 1010 17.97 -11.27 71.13
N LYS A 1011 18.25 -12.11 72.11
CA LYS A 1011 19.60 -12.61 72.32
C LYS A 1011 19.65 -14.14 72.34
N LYS A 1012 20.32 -14.71 71.34
CA LYS A 1012 20.49 -16.16 71.22
C LYS A 1012 19.14 -16.90 71.28
N TRP A 1013 18.20 -16.45 70.47
CA TRP A 1013 16.84 -17.00 70.49
C TRP A 1013 16.58 -17.90 69.28
N GLU A 1014 16.53 -19.21 69.54
CA GLU A 1014 16.32 -20.20 68.50
C GLU A 1014 14.89 -20.20 67.96
N VAL A 1015 14.70 -19.64 66.78
CA VAL A 1015 13.40 -19.62 66.13
C VAL A 1015 13.54 -19.80 64.62
N VAL A 1016 14.00 -20.98 64.21
CA VAL A 1016 14.11 -21.30 62.79
C VAL A 1016 12.81 -21.94 62.33
N ALA A 1017 11.90 -22.17 63.27
CA ALA A 1017 10.64 -22.82 62.96
C ALA A 1017 9.53 -21.81 62.62
N GLU A 1018 9.81 -20.53 62.85
CA GLU A 1018 8.82 -19.49 62.58
C GLU A 1018 9.03 -18.82 61.23
N ARG A 1019 10.26 -18.86 60.73
CA ARG A 1019 10.60 -18.21 59.47
C ARG A 1019 10.10 -19.02 58.27
N ALA A 1020 8.79 -19.25 58.23
CA ALA A 1020 8.18 -20.03 57.16
C ALA A 1020 6.87 -19.41 56.70
N TRP A 1021 6.51 -18.27 57.30
CA TRP A 1021 5.28 -17.58 56.93
C TRP A 1021 5.60 -16.26 56.24
N LYS A 1022 4.93 -16.03 55.12
CA LYS A 1022 5.07 -14.78 54.37
C LYS A 1022 3.70 -14.25 53.96
N GLY A 1023 3.39 -13.02 54.36
CA GLY A 1023 2.10 -12.43 54.03
C GLY A 1023 2.04 -10.92 54.20
N GLY A 1024 1.52 -10.24 53.19
CA GLY A 1024 1.32 -8.80 53.25
C GLY A 1024 0.18 -8.46 54.20
N THR A 1025 -0.03 -7.17 54.42
CA THR A 1025 -1.04 -6.72 55.37
C THR A 1025 -2.01 -5.69 54.79
N GLU A 1026 -2.97 -5.27 55.60
CA GLU A 1026 -3.86 -4.15 55.29
C GLU A 1026 -4.75 -4.33 54.06
N SER A 1027 -4.62 -3.41 53.11
CA SER A 1027 -5.60 -3.24 52.03
C SER A 1027 -5.79 -4.43 51.10
N GLU A 1028 -4.72 -4.91 50.49
CA GLU A 1028 -4.83 -5.91 49.44
C GLU A 1028 -4.91 -7.35 49.96
N MET A 1029 -5.01 -8.29 49.02
CA MET A 1029 -5.21 -9.70 49.34
C MET A 1029 -4.24 -10.58 48.57
N PHE A 1030 -3.02 -10.10 48.36
CA PHE A 1030 -2.01 -10.86 47.65
C PHE A 1030 -1.67 -12.17 48.37
N ASN A 1031 -2.03 -12.22 49.65
CA ASN A 1031 -1.78 -13.39 50.49
C ASN A 1031 -2.50 -14.63 49.99
N LYS A 1032 -3.67 -14.44 49.38
CA LYS A 1032 -4.46 -15.54 48.86
C LYS A 1032 -3.88 -16.04 47.54
N LEU A 1033 -3.44 -15.11 46.71
CA LEU A 1033 -2.83 -15.46 45.43
C LEU A 1033 -1.53 -16.21 45.69
N GLU A 1034 -0.77 -15.75 46.69
CA GLU A 1034 0.43 -16.46 47.13
C GLU A 1034 0.07 -17.78 47.78
N SER A 1035 -1.12 -17.86 48.37
CA SER A 1035 -1.59 -19.09 49.00
C SER A 1035 -1.86 -20.16 47.94
N ILE A 1036 -2.40 -19.73 46.80
CA ILE A 1036 -2.59 -20.63 45.68
C ILE A 1036 -1.24 -20.87 44.98
N ALA A 1037 -0.28 -19.97 45.24
CA ALA A 1037 1.04 -20.09 44.65
C ALA A 1037 2.00 -20.89 45.53
N THR A 1038 1.50 -21.36 46.68
CA THR A 1038 2.34 -22.09 47.60
C THR A 1038 2.12 -23.59 47.52
N SER A 1039 0.88 -23.99 47.26
CA SER A 1039 0.51 -25.41 47.21
C SER A 1039 1.33 -26.14 46.16
N ASP A 1040 1.95 -27.25 46.56
CA ASP A 1040 2.77 -28.05 45.65
C ASP A 1040 1.89 -28.97 44.80
N ILE A 1041 0.59 -28.84 44.97
CA ILE A 1041 -0.38 -29.73 44.34
C ILE A 1041 -1.51 -28.89 43.69
N PRO A 1042 -2.16 -29.42 42.64
CA PRO A 1042 -3.03 -28.68 41.72
C PRO A 1042 -2.97 -27.14 41.65
N ARG A 1043 -3.24 -26.44 42.74
CA ARG A 1043 -3.36 -24.98 42.73
C ARG A 1043 -4.44 -24.52 41.75
N THR A 1044 -5.65 -25.04 41.88
CA THR A 1044 -6.71 -24.80 40.89
C THR A 1044 -8.03 -24.29 41.45
N PRO A 1045 -8.19 -22.97 41.53
CA PRO A 1045 -9.49 -22.45 41.98
C PRO A 1045 -10.17 -21.51 40.98
N VAL A 1046 -11.47 -21.67 40.68
CA VAL A 1046 -12.35 -22.79 41.01
C VAL A 1046 -13.55 -22.69 40.06
N LEU A 1047 -13.64 -23.49 39.00
CA LEU A 1047 -12.67 -24.51 38.59
C LEU A 1047 -11.35 -23.90 38.10
N GLY A 1048 -10.26 -24.66 38.18
CA GLY A 1048 -10.26 -26.02 38.71
C GLY A 1048 -9.40 -26.96 37.88
N CYS A 1049 -8.52 -26.38 37.08
CA CYS A 1049 -7.63 -27.15 36.22
C CYS A 1049 -6.18 -26.97 36.63
N CYS A 1050 -5.45 -28.07 36.82
CA CYS A 1050 -4.04 -27.98 37.20
C CYS A 1050 -3.15 -27.83 35.97
N ILE A 1051 -2.28 -26.83 36.00
CA ILE A 1051 -1.45 -26.50 34.86
C ILE A 1051 0.03 -26.84 35.03
N SER A 1052 0.67 -27.21 33.92
CA SER A 1052 2.12 -27.27 33.80
C SER A 1052 2.84 -28.15 34.81
N ARG A 1053 3.38 -29.27 34.34
CA ARG A 1053 4.31 -30.04 35.15
C ARG A 1053 5.64 -29.29 35.27
N ALA A 1054 5.72 -28.14 34.60
CA ALA A 1054 6.93 -27.33 34.55
C ALA A 1054 6.89 -26.14 35.52
N LEU A 1055 5.73 -25.86 36.09
CA LEU A 1055 5.60 -24.76 37.03
C LEU A 1055 5.09 -25.22 38.39
N GLU A 1056 4.59 -26.46 38.42
CA GLU A 1056 4.15 -27.07 39.66
C GLU A 1056 5.33 -27.12 40.62
N PRO A 1057 5.26 -26.34 41.71
CA PRO A 1057 6.35 -26.15 42.68
C PRO A 1057 6.98 -27.45 43.16
N SER A 1058 6.25 -28.56 43.08
CA SER A 1058 6.87 -29.85 43.35
C SER A 1058 7.91 -30.12 42.26
N ALA A 1059 9.17 -30.17 42.67
CA ALA A 1059 10.33 -30.32 41.79
C ALA A 1059 10.56 -29.09 40.91
N VAL A 1060 10.12 -27.93 41.38
CA VAL A 1060 10.47 -26.65 40.75
C VAL A 1060 10.84 -25.67 41.87
N GLN A 1061 11.84 -24.82 41.62
CA GLN A 1061 12.45 -24.00 42.67
C GLN A 1061 11.54 -23.13 43.58
N GLU A 1062 10.63 -22.31 43.04
CA GLU A 1062 10.28 -22.24 41.62
C GLU A 1062 10.71 -20.93 40.96
N GLU A 1063 10.82 -19.87 41.76
CA GLU A 1063 11.25 -18.54 41.32
C GLU A 1063 10.39 -17.94 40.20
N PHE A 1064 9.31 -18.63 39.86
CA PHE A 1064 8.36 -18.15 38.86
C PHE A 1064 7.05 -17.73 39.52
N MET A 1065 7.12 -16.78 40.44
CA MET A 1065 5.97 -16.41 41.26
C MET A 1065 4.94 -15.58 40.51
N THR A 1066 5.39 -14.50 39.89
CA THR A 1066 4.52 -13.58 39.16
C THR A 1066 3.69 -14.30 38.10
N SER A 1067 4.35 -15.17 37.35
CA SER A 1067 3.70 -15.96 36.31
C SER A 1067 2.59 -16.82 36.88
N ARG A 1068 2.73 -17.20 38.15
CA ARG A 1068 1.75 -18.08 38.80
C ARG A 1068 0.62 -17.31 39.48
N VAL A 1069 0.89 -16.11 39.99
CA VAL A 1069 -0.18 -15.26 40.49
C VAL A 1069 -1.09 -14.90 39.31
N ASN A 1070 -0.43 -14.42 38.26
CA ASN A 1070 -1.10 -14.14 36.99
C ASN A 1070 -1.79 -15.39 36.47
N TRP A 1071 -1.16 -16.55 36.67
CA TRP A 1071 -1.79 -17.81 36.28
C TRP A 1071 -3.12 -17.97 37.00
N VAL A 1072 -3.13 -17.73 38.31
CA VAL A 1072 -4.34 -17.93 39.09
C VAL A 1072 -5.48 -17.03 38.61
N VAL A 1073 -5.22 -15.72 38.62
CA VAL A 1073 -6.28 -14.78 38.29
C VAL A 1073 -6.75 -14.91 36.83
N GLN A 1074 -5.80 -15.07 35.92
CA GLN A 1074 -6.11 -15.19 34.50
C GLN A 1074 -6.79 -16.52 34.21
N SER A 1075 -6.52 -17.51 35.05
CA SER A 1075 -7.19 -18.80 34.95
C SER A 1075 -8.64 -18.64 35.31
N SER A 1076 -8.90 -17.91 36.40
CA SER A 1076 -10.26 -17.60 36.75
C SER A 1076 -10.94 -16.87 35.59
N ALA A 1077 -10.20 -16.01 34.91
CA ALA A 1077 -10.73 -15.30 33.74
C ALA A 1077 -11.07 -16.25 32.58
N VAL A 1078 -10.23 -17.26 32.37
CA VAL A 1078 -10.41 -18.18 31.25
C VAL A 1078 -11.51 -19.19 31.53
N ASP A 1079 -11.62 -19.63 32.77
CA ASP A 1079 -12.71 -20.49 33.19
C ASP A 1079 -14.02 -19.70 33.12
N TYR A 1080 -13.92 -18.39 33.39
CA TYR A 1080 -15.04 -17.49 33.18
C TYR A 1080 -15.45 -17.53 31.72
N LEU A 1081 -14.45 -17.45 30.84
CA LEU A 1081 -14.67 -17.52 29.39
C LEU A 1081 -15.39 -18.81 28.98
N HIS A 1082 -14.87 -19.94 29.42
CA HIS A 1082 -15.43 -21.25 29.09
C HIS A 1082 -16.86 -21.38 29.60
N LEU A 1083 -17.07 -20.95 30.84
CA LEU A 1083 -18.41 -20.94 31.42
C LEU A 1083 -19.36 -20.13 30.57
N MET A 1084 -18.91 -18.97 30.12
CA MET A 1084 -19.72 -18.14 29.24
C MET A 1084 -20.05 -18.85 27.94
N LEU A 1085 -19.05 -19.54 27.38
CA LEU A 1085 -19.26 -20.28 26.14
C LEU A 1085 -20.31 -21.37 26.28
N VAL A 1086 -20.14 -22.26 27.26
CA VAL A 1086 -21.06 -23.37 27.43
C VAL A 1086 -22.44 -22.89 27.84
N ALA A 1087 -22.51 -21.83 28.64
CA ALA A 1087 -23.78 -21.28 29.06
C ALA A 1087 -24.53 -20.72 27.86
N MET A 1088 -23.81 -19.96 27.02
CA MET A 1088 -24.41 -19.40 25.82
C MET A 1088 -24.86 -20.49 24.86
N LYS A 1089 -24.08 -21.56 24.76
CA LYS A 1089 -24.42 -22.67 23.88
C LYS A 1089 -25.65 -23.42 24.38
N TRP A 1090 -25.81 -23.47 25.71
CA TRP A 1090 -26.90 -24.26 26.30
C TRP A 1090 -28.28 -23.69 25.97
N LEU A 1091 -28.42 -22.36 26.02
CA LEU A 1091 -29.73 -21.75 25.82
C LEU A 1091 -29.86 -21.20 24.40
N PHE A 1092 -28.91 -21.54 23.52
CA PHE A 1092 -28.99 -21.16 22.12
C PHE A 1092 -29.58 -22.30 21.30
N GLU A 1093 -29.35 -23.53 21.74
CA GLU A 1093 -29.90 -24.70 21.08
C GLU A 1093 -31.26 -25.06 21.67
N GLU A 1094 -31.41 -24.78 22.96
CA GLU A 1094 -32.66 -25.05 23.67
C GLU A 1094 -33.79 -24.16 23.17
N PHE A 1095 -33.45 -22.93 22.82
CA PHE A 1095 -34.43 -21.98 22.31
C PHE A 1095 -34.18 -21.65 20.85
N ALA A 1096 -35.17 -21.03 20.21
CA ALA A 1096 -35.08 -20.72 18.78
C ALA A 1096 -34.25 -19.47 18.52
N ILE A 1097 -32.95 -19.57 18.77
CA ILE A 1097 -32.04 -18.46 18.49
C ILE A 1097 -31.02 -18.86 17.42
N ASP A 1098 -31.34 -18.53 16.17
CA ASP A 1098 -30.52 -18.90 15.03
C ASP A 1098 -29.15 -18.21 15.07
N GLY A 1099 -28.14 -18.89 14.57
CA GLY A 1099 -26.79 -18.34 14.55
C GLY A 1099 -26.09 -18.54 15.87
N ARG A 1100 -25.34 -19.64 15.98
CA ARG A 1100 -24.68 -19.99 17.23
C ARG A 1100 -23.16 -19.83 17.11
N PHE A 1101 -22.71 -19.33 15.95
CA PHE A 1101 -21.28 -19.17 15.70
C PHE A 1101 -20.64 -18.19 16.69
N CYS A 1102 -19.49 -18.59 17.23
CA CYS A 1102 -18.81 -17.83 18.28
C CYS A 1102 -17.56 -17.11 17.80
N ILE A 1103 -17.31 -15.92 18.35
CA ILE A 1103 -16.10 -15.16 18.08
C ILE A 1103 -15.64 -14.49 19.37
N SER A 1104 -14.72 -15.13 20.09
CA SER A 1104 -14.34 -14.64 21.42
C SER A 1104 -12.91 -14.09 21.47
N ILE A 1105 -12.74 -13.00 22.21
CA ILE A 1105 -11.42 -12.44 22.48
C ILE A 1105 -11.22 -12.23 23.98
N HIS A 1106 -10.85 -13.30 24.67
CA HIS A 1106 -10.55 -13.25 26.11
C HIS A 1106 -11.69 -12.69 26.94
N ASP A 1107 -11.63 -11.40 27.24
CA ASP A 1107 -12.64 -10.71 28.00
C ASP A 1107 -13.95 -10.62 27.22
N GLU A 1108 -13.83 -10.30 25.93
CA GLU A 1108 -14.99 -10.04 25.09
C GLU A 1108 -15.45 -11.30 24.36
N VAL A 1109 -16.70 -11.31 23.93
CA VAL A 1109 -17.24 -12.44 23.15
C VAL A 1109 -18.46 -12.00 22.33
N ARG A 1110 -18.44 -12.32 21.04
CA ARG A 1110 -19.50 -11.91 20.12
C ARG A 1110 -20.06 -13.09 19.31
N TYR A 1111 -21.38 -13.22 19.28
CA TYR A 1111 -22.02 -14.27 18.50
C TYR A 1111 -22.67 -13.72 17.23
N LEU A 1112 -22.68 -14.55 16.18
CA LEU A 1112 -23.24 -14.14 14.89
C LEU A 1112 -24.72 -14.52 14.79
N VAL A 1113 -25.58 -13.69 15.36
CA VAL A 1113 -27.01 -13.97 15.39
C VAL A 1113 -27.68 -13.42 14.13
N ARG A 1114 -29.01 -13.32 14.15
CA ARG A 1114 -29.74 -12.69 13.06
C ARG A 1114 -30.54 -11.49 13.55
N GLU A 1115 -31.04 -10.70 12.62
CA GLU A 1115 -31.67 -9.42 12.95
C GLU A 1115 -32.96 -9.55 13.75
N GLU A 1116 -33.60 -10.70 13.67
CA GLU A 1116 -34.89 -10.91 14.33
C GLU A 1116 -34.74 -11.62 15.68
N ASP A 1117 -33.53 -12.08 15.97
CA ASP A 1117 -33.25 -12.77 17.23
C ASP A 1117 -32.05 -12.19 17.95
N ARG A 1118 -31.88 -10.87 17.85
CA ARG A 1118 -30.71 -10.22 18.43
C ARG A 1118 -30.91 -9.84 19.90
N TYR A 1119 -32.09 -9.35 20.22
CA TYR A 1119 -32.39 -8.90 21.58
C TYR A 1119 -32.48 -10.08 22.55
N ARG A 1120 -33.02 -11.19 22.07
CA ARG A 1120 -33.12 -12.39 22.87
C ARG A 1120 -31.75 -13.03 23.05
N ALA A 1121 -30.88 -12.83 22.07
CA ALA A 1121 -29.51 -13.31 22.16
C ALA A 1121 -28.72 -12.47 23.17
N ALA A 1122 -28.97 -11.16 23.18
CA ALA A 1122 -28.37 -10.28 24.16
C ALA A 1122 -28.87 -10.64 25.55
N LEU A 1123 -30.14 -11.00 25.63
CA LEU A 1123 -30.75 -11.47 26.87
C LEU A 1123 -30.05 -12.75 27.32
N ALA A 1124 -29.73 -13.60 26.36
CA ALA A 1124 -28.98 -14.83 26.64
C ALA A 1124 -27.60 -14.52 27.16
N LEU A 1125 -27.00 -13.44 26.65
CA LEU A 1125 -25.69 -12.99 27.13
C LEU A 1125 -25.77 -12.51 28.58
N GLN A 1126 -26.82 -11.76 28.89
CA GLN A 1126 -27.02 -11.27 30.24
C GLN A 1126 -27.23 -12.42 31.23
N ILE A 1127 -28.10 -13.35 30.85
CA ILE A 1127 -28.34 -14.55 31.65
C ILE A 1127 -27.04 -15.31 31.87
N THR A 1128 -26.28 -15.47 30.79
CA THR A 1128 -24.99 -16.15 30.84
C THR A 1128 -24.06 -15.50 31.86
N ASN A 1129 -23.89 -14.18 31.74
CA ASN A 1129 -23.03 -13.43 32.65
C ASN A 1129 -23.48 -13.57 34.10
N LEU A 1130 -24.78 -13.45 34.33
CA LEU A 1130 -25.35 -13.61 35.65
C LEU A 1130 -25.02 -14.98 36.25
N LEU A 1131 -25.27 -16.02 35.47
CA LEU A 1131 -25.02 -17.39 35.91
C LEU A 1131 -23.54 -17.65 36.18
N THR A 1132 -22.67 -17.05 35.37
CA THR A 1132 -21.23 -17.24 35.55
C THR A 1132 -20.72 -16.53 36.81
N ARG A 1133 -21.18 -15.30 37.01
CA ARG A 1133 -20.85 -14.57 38.23
C ARG A 1133 -21.35 -15.32 39.46
N CYS A 1134 -22.57 -15.87 39.36
CA CYS A 1134 -23.15 -16.65 40.43
C CYS A 1134 -22.36 -17.93 40.67
N MET A 1135 -21.73 -18.44 39.62
CA MET A 1135 -20.89 -19.63 39.72
C MET A 1135 -19.62 -19.32 40.50
N PHE A 1136 -18.96 -18.23 40.12
CA PHE A 1136 -17.76 -17.79 40.83
C PHE A 1136 -18.07 -17.46 42.28
N ALA A 1137 -19.28 -16.96 42.53
CA ALA A 1137 -19.70 -16.66 43.89
C ALA A 1137 -19.95 -17.95 44.67
N TYR A 1138 -20.53 -18.94 44.00
CA TYR A 1138 -20.90 -20.19 44.64
C TYR A 1138 -19.70 -21.07 44.97
N LYS A 1139 -18.67 -21.03 44.11
CA LYS A 1139 -17.49 -21.85 44.32
C LYS A 1139 -16.68 -21.46 45.55
N LEU A 1140 -17.02 -20.31 46.14
CA LEU A 1140 -16.31 -19.83 47.32
C LEU A 1140 -17.29 -19.45 48.44
N GLY A 1141 -18.53 -19.18 48.07
CA GLY A 1141 -19.53 -18.76 49.04
C GLY A 1141 -19.48 -17.27 49.31
N LEU A 1142 -20.65 -16.64 49.43
CA LEU A 1142 -21.93 -17.32 49.32
C LEU A 1142 -22.42 -17.34 47.87
N ASN A 1143 -23.53 -18.04 47.63
CA ASN A 1143 -24.17 -18.04 46.33
C ASN A 1143 -24.74 -16.66 46.03
N ASP A 1144 -24.98 -15.90 47.10
CA ASP A 1144 -25.39 -14.51 46.98
C ASP A 1144 -24.28 -13.69 46.34
N LEU A 1145 -24.67 -12.71 45.53
CA LEU A 1145 -23.70 -11.87 44.83
C LEU A 1145 -24.17 -10.42 44.76
N PRO A 1146 -23.23 -9.47 44.69
CA PRO A 1146 -23.52 -8.03 44.63
C PRO A 1146 -24.39 -7.63 43.43
N GLN A 1147 -24.75 -6.36 43.36
CA GLN A 1147 -25.65 -5.85 42.33
C GLN A 1147 -24.90 -5.37 41.09
N SER A 1148 -23.93 -4.48 41.30
CA SER A 1148 -23.19 -3.87 40.19
C SER A 1148 -22.10 -4.78 39.65
N VAL A 1149 -22.44 -6.04 39.41
CA VAL A 1149 -21.48 -7.02 38.90
C VAL A 1149 -22.23 -8.22 38.34
N ALA A 1150 -23.52 -8.29 38.61
CA ALA A 1150 -24.35 -9.42 38.20
C ALA A 1150 -24.58 -9.44 36.69
N PHE A 1151 -24.94 -8.29 36.14
CA PHE A 1151 -25.29 -8.21 34.72
C PHE A 1151 -24.32 -7.35 33.94
N PHE A 1152 -24.25 -7.60 32.63
CA PHE A 1152 -23.44 -6.78 31.73
C PHE A 1152 -23.94 -5.34 31.69
N SER A 1153 -23.04 -4.42 31.38
CA SER A 1153 -23.39 -3.02 31.29
C SER A 1153 -23.48 -2.58 29.83
N ALA A 1154 -22.67 -3.20 28.98
CA ALA A 1154 -22.64 -2.86 27.57
C ALA A 1154 -22.75 -4.09 26.68
N VAL A 1155 -23.80 -4.13 25.86
CA VAL A 1155 -23.98 -5.22 24.90
C VAL A 1155 -24.05 -4.67 23.48
N ASP A 1156 -23.00 -4.92 22.70
CA ASP A 1156 -22.90 -4.42 21.33
C ASP A 1156 -23.77 -5.25 20.39
N ILE A 1157 -24.58 -4.58 19.58
CA ILE A 1157 -25.46 -5.25 18.63
C ILE A 1157 -25.47 -4.56 17.28
N ASP A 1158 -24.71 -5.09 16.31
CA ASP A 1158 -24.69 -4.48 14.98
C ASP A 1158 -24.06 -5.36 13.91
N ARG A 1159 -23.86 -4.80 12.72
CA ARG A 1159 -23.40 -5.55 11.56
C ARG A 1159 -21.93 -5.97 11.68
N CYS A 1160 -21.05 -4.98 11.80
CA CYS A 1160 -19.63 -5.26 11.96
C CYS A 1160 -19.24 -5.19 13.45
N LEU A 1161 -18.22 -5.95 13.82
CA LEU A 1161 -17.78 -5.96 15.22
C LEU A 1161 -16.74 -4.88 15.46
N ARG A 1162 -16.92 -4.13 16.54
CA ARG A 1162 -15.99 -3.08 16.92
C ARG A 1162 -16.03 -2.86 18.43
N LYS A 1163 -15.40 -1.77 18.89
CA LYS A 1163 -15.29 -1.51 20.31
C LYS A 1163 -16.52 -0.76 20.82
N GLU A 1164 -16.54 0.55 20.59
CA GLU A 1164 -17.68 1.37 20.96
C GLU A 1164 -18.75 1.27 19.88
N VAL A 1165 -20.00 1.58 20.24
CA VAL A 1165 -21.08 1.52 19.29
C VAL A 1165 -20.89 2.54 18.17
N THR A 1166 -20.33 3.70 18.51
CA THR A 1166 -19.97 4.71 17.51
C THR A 1166 -18.55 4.45 17.02
N MET A 1167 -18.37 4.47 15.71
CA MET A 1167 -17.08 4.09 15.13
C MET A 1167 -16.65 5.01 13.99
N ASP A 1168 -15.49 5.64 14.18
CA ASP A 1168 -14.86 6.41 13.12
C ASP A 1168 -13.59 5.67 12.68
N CYS A 1169 -13.02 6.07 11.55
CA CYS A 1169 -11.85 5.38 11.03
C CYS A 1169 -11.00 6.27 10.12
N LYS A 1170 -9.85 5.73 9.70
CA LYS A 1170 -8.89 6.50 8.92
C LYS A 1170 -9.03 6.27 7.41
N THR A 1171 -8.67 5.07 6.96
CA THR A 1171 -8.58 4.77 5.53
C THR A 1171 -9.87 5.02 4.73
N PRO A 1172 -11.03 4.48 5.18
CA PRO A 1172 -12.23 4.78 4.39
C PRO A 1172 -12.74 6.19 4.66
N SER A 1173 -12.21 6.82 5.70
CA SER A 1173 -12.51 8.21 6.05
C SER A 1173 -13.98 8.40 6.42
N ASN A 1174 -14.87 8.00 5.53
CA ASN A 1174 -16.31 7.99 5.81
C ASN A 1174 -16.83 6.56 5.99
N PRO A 1175 -17.00 6.15 7.26
CA PRO A 1175 -17.49 4.80 7.59
C PRO A 1175 -18.89 4.53 7.05
N THR A 1176 -19.86 5.35 7.45
CA THR A 1176 -21.22 5.23 6.97
C THR A 1176 -21.29 5.69 5.52
N GLY A 1177 -20.25 6.39 5.07
CA GLY A 1177 -20.11 6.73 3.67
C GLY A 1177 -20.04 5.47 2.84
N MET A 1178 -19.29 4.49 3.34
CA MET A 1178 -19.32 3.14 2.78
C MET A 1178 -20.55 2.45 3.34
N GLU A 1179 -21.01 1.39 2.67
CA GLU A 1179 -22.24 0.72 3.06
C GLU A 1179 -22.16 0.15 4.48
N ARG A 1180 -22.57 0.96 5.46
CA ARG A 1180 -22.56 0.54 6.85
C ARG A 1180 -23.83 0.94 7.57
N ARG A 1181 -23.89 0.64 8.87
CA ARG A 1181 -25.03 1.02 9.71
C ARG A 1181 -24.54 1.69 10.99
N TYR A 1182 -25.28 1.48 12.08
CA TYR A 1182 -24.92 2.05 13.37
C TYR A 1182 -25.05 1.00 14.48
N GLY A 1183 -24.62 1.34 15.67
CA GLY A 1183 -24.71 0.44 16.81
C GLY A 1183 -25.69 0.90 17.86
N ILE A 1184 -25.95 0.06 18.86
CA ILE A 1184 -26.88 0.40 19.93
C ILE A 1184 -26.35 0.00 21.30
N PRO A 1185 -26.28 0.97 22.23
CA PRO A 1185 -25.89 0.71 23.62
C PRO A 1185 -26.94 -0.12 24.34
N GLN A 1186 -26.51 -1.07 25.17
CA GLN A 1186 -27.44 -1.96 25.86
C GLN A 1186 -26.82 -2.62 27.08
N GLY A 1187 -27.42 -2.40 28.25
CA GLY A 1187 -28.61 -1.58 28.37
C GLY A 1187 -29.63 -2.13 29.34
N GLU A 1188 -30.78 -1.49 29.41
CA GLU A 1188 -31.87 -1.91 30.28
C GLU A 1188 -33.13 -2.20 29.48
N ALA A 1189 -33.13 -1.81 28.21
CA ALA A 1189 -34.30 -1.97 27.35
C ALA A 1189 -34.39 -3.37 26.77
N LEU A 1190 -33.33 -4.16 26.93
CA LEU A 1190 -33.33 -5.53 26.45
C LEU A 1190 -33.86 -6.48 27.52
N ASP A 1191 -34.05 -5.95 28.71
CA ASP A 1191 -34.54 -6.74 29.84
C ASP A 1191 -36.07 -6.82 29.85
N ILE A 1192 -36.67 -6.67 28.67
CA ILE A 1192 -38.12 -6.79 28.53
C ILE A 1192 -38.48 -7.91 27.55
N TYR A 1193 -37.49 -8.38 26.80
CA TYR A 1193 -37.68 -9.49 25.87
C TYR A 1193 -37.16 -10.78 26.49
N GLN A 1194 -38.08 -11.62 26.96
CA GLN A 1194 -37.70 -12.88 27.61
C GLN A 1194 -37.11 -13.88 26.63
N ILE A 1195 -36.58 -14.98 27.16
CA ILE A 1195 -35.90 -15.99 26.35
C ILE A 1195 -36.88 -16.75 25.47
N ILE A 1196 -38.17 -16.66 25.80
CA ILE A 1196 -39.21 -17.32 25.02
C ILE A 1196 -39.33 -16.67 23.64
N GLU A 1197 -39.69 -17.47 22.64
CA GLU A 1197 -39.80 -16.99 21.26
C GLU A 1197 -40.82 -15.87 21.11
N LEU A 1198 -42.00 -16.07 21.67
CA LEU A 1198 -43.08 -15.09 21.54
C LEU A 1198 -42.83 -13.85 22.39
N THR A 1199 -42.31 -12.80 21.75
CA THR A 1199 -42.06 -11.53 22.42
C THR A 1199 -42.70 -10.37 21.67
N LYS A 1200 -42.51 -9.17 22.19
CA LYS A 1200 -43.02 -7.94 21.58
C LYS A 1200 -44.52 -7.98 21.36
N ALA B 44 11.27 33.14 -5.10
CA ALA B 44 10.92 34.26 -5.97
C ALA B 44 12.16 34.85 -6.64
N LEU B 45 13.17 34.01 -6.82
CA LEU B 45 14.41 34.42 -7.47
C LEU B 45 14.97 33.32 -8.36
N LEU B 46 14.14 32.33 -8.66
CA LEU B 46 14.52 31.25 -9.56
C LEU B 46 14.19 31.63 -11.00
N GLU B 47 13.57 32.80 -11.15
CA GLU B 47 13.16 33.29 -12.47
C GLU B 47 14.36 33.47 -13.38
N ILE B 48 15.48 33.90 -12.80
CA ILE B 48 16.71 34.08 -13.55
C ILE B 48 17.18 32.74 -14.10
N CYS B 49 16.92 31.67 -13.35
CA CYS B 49 17.26 30.32 -13.79
C CYS B 49 16.35 29.88 -14.91
N GLN B 50 15.14 30.46 -14.97
CA GLN B 50 14.17 30.12 -16.00
C GLN B 50 14.44 30.92 -17.27
N ARG B 51 15.08 32.08 -17.13
CA ARG B 51 15.44 32.88 -18.29
C ARG B 51 16.75 32.39 -18.90
N ARG B 52 17.77 32.25 -18.05
CA ARG B 52 19.08 31.79 -18.47
C ARG B 52 18.97 30.45 -19.19
N HIS B 53 18.32 29.51 -18.52
CA HIS B 53 18.01 28.21 -19.10
C HIS B 53 16.52 28.21 -19.44
N PHE B 54 16.22 28.27 -20.73
CA PHE B 54 14.89 28.64 -21.20
C PHE B 54 13.80 27.64 -20.88
N LEU B 55 13.26 27.72 -19.66
CA LEU B 55 12.01 27.04 -19.32
C LEU B 55 10.89 28.06 -19.42
N SER B 56 11.27 29.33 -19.58
CA SER B 56 10.32 30.42 -19.77
C SER B 56 10.91 31.46 -20.72
N GLY B 57 10.19 32.57 -20.90
CA GLY B 57 10.66 33.65 -21.75
C GLY B 57 11.73 34.47 -21.04
N SER B 58 12.57 35.14 -21.82
CA SER B 58 13.63 35.97 -21.27
C SER B 58 13.13 37.37 -20.94
N LYS B 59 11.82 37.58 -21.15
CA LYS B 59 11.19 38.85 -20.84
C LYS B 59 11.16 39.08 -19.33
N GLN B 60 11.45 40.31 -18.91
CA GLN B 60 11.43 40.65 -17.50
C GLN B 60 10.01 40.73 -16.98
N GLN B 61 9.09 41.15 -17.84
CA GLN B 61 7.68 41.27 -17.46
C GLN B 61 7.02 39.90 -17.37
N LEU B 62 7.38 39.15 -16.33
CA LEU B 62 6.79 37.84 -16.07
C LEU B 62 6.28 37.78 -14.64
N SER B 63 5.45 38.75 -14.26
CA SER B 63 4.89 38.81 -12.91
C SER B 63 4.01 37.60 -12.62
N ARG B 64 3.73 37.38 -11.35
CA ARG B 64 2.91 36.25 -10.94
C ARG B 64 1.51 36.36 -11.54
N ASP B 65 1.05 37.59 -11.73
CA ASP B 65 -0.24 37.83 -12.36
C ASP B 65 -0.21 37.43 -13.83
N SER B 66 0.88 37.77 -14.51
CA SER B 66 1.04 37.46 -15.93
C SER B 66 1.19 35.96 -16.16
N LEU B 67 1.66 35.25 -15.14
CA LEU B 67 1.85 33.81 -15.23
C LEU B 67 0.58 33.07 -14.84
N LEU B 68 -0.19 33.65 -13.92
CA LEU B 68 -1.41 33.03 -13.43
C LEU B 68 -2.61 33.34 -14.32
N SER B 69 -2.47 34.37 -15.15
CA SER B 69 -3.53 34.75 -16.08
C SER B 69 -3.39 34.02 -17.41
N GLY B 70 -2.17 33.64 -17.74
CA GLY B 70 -1.90 32.99 -19.01
C GLY B 70 -1.57 34.00 -20.10
N CYS B 71 -1.33 35.24 -19.68
CA CYS B 71 -0.99 36.32 -20.59
C CYS B 71 0.51 36.40 -20.84
N HIS B 72 1.22 35.36 -20.43
CA HIS B 72 2.67 35.27 -20.64
C HIS B 72 2.97 35.11 -22.14
N PRO B 73 4.13 35.63 -22.58
CA PRO B 73 4.51 35.56 -23.99
C PRO B 73 4.74 34.13 -24.48
N GLY B 74 4.88 33.19 -23.55
CA GLY B 74 5.07 31.80 -23.91
C GLY B 74 6.13 31.13 -23.05
N PHE B 75 6.29 29.83 -23.26
CA PHE B 75 7.27 29.05 -22.52
C PHE B 75 8.47 28.70 -23.40
N GLY B 76 9.63 28.53 -22.78
CA GLY B 76 10.82 28.12 -23.51
C GLY B 76 10.74 26.65 -23.89
N PRO B 77 11.72 26.18 -24.66
CA PRO B 77 11.77 24.78 -25.11
C PRO B 77 11.79 23.79 -23.94
N LEU B 78 12.59 24.07 -22.93
CA LEU B 78 12.66 23.21 -21.76
C LEU B 78 11.35 23.24 -20.99
N GLY B 79 10.69 24.39 -21.01
CA GLY B 79 9.41 24.56 -20.33
C GLY B 79 8.29 23.82 -21.03
N VAL B 80 8.23 23.95 -22.35
CA VAL B 80 7.19 23.28 -23.12
C VAL B 80 7.46 21.77 -23.15
N GLU B 81 8.73 21.38 -22.97
CA GLU B 81 9.07 19.96 -22.88
C GLU B 81 8.65 19.40 -21.53
N LEU B 82 8.89 20.17 -20.48
CA LEU B 82 8.47 19.81 -19.13
C LEU B 82 6.96 19.63 -19.09
N ARG B 83 6.23 20.60 -19.63
CA ARG B 83 4.78 20.53 -19.72
C ARG B 83 4.35 19.37 -20.61
N LYS B 84 5.15 19.07 -21.63
CA LYS B 84 4.86 17.95 -22.52
C LYS B 84 4.87 16.63 -21.76
N ASN B 85 5.94 16.40 -21.01
CA ASN B 85 6.05 15.19 -20.21
C ASN B 85 5.00 15.15 -19.10
N LEU B 86 4.63 16.32 -18.60
CA LEU B 86 3.59 16.41 -17.57
C LEU B 86 2.24 15.97 -18.13
N ALA B 87 1.90 16.49 -19.31
CA ALA B 87 0.64 16.15 -19.96
C ALA B 87 0.63 14.69 -20.41
N ALA B 88 1.79 14.17 -20.79
CA ALA B 88 1.91 12.77 -21.16
C ALA B 88 1.69 11.89 -19.94
N GLU B 89 2.23 12.32 -18.81
CA GLU B 89 2.08 11.58 -17.56
C GLU B 89 0.62 11.63 -17.10
N TRP B 90 -0.06 12.73 -17.42
CA TRP B 90 -1.51 12.81 -17.22
C TRP B 90 -2.20 11.75 -18.07
N TRP B 91 -1.91 11.77 -19.36
CA TRP B 91 -2.57 10.89 -20.32
C TRP B 91 -2.36 9.42 -20.00
N THR B 92 -1.21 9.10 -19.41
CA THR B 92 -0.92 7.73 -19.02
C THR B 92 -1.75 7.31 -17.81
N SER B 93 -1.76 8.17 -16.79
CA SER B 93 -2.41 7.83 -15.52
C SER B 93 -3.87 8.29 -15.44
N VAL B 94 -4.49 8.54 -16.60
CA VAL B 94 -5.90 8.92 -16.63
C VAL B 94 -6.64 8.20 -17.76
N VAL B 95 -5.99 8.07 -18.91
CA VAL B 95 -6.64 7.52 -20.10
C VAL B 95 -6.25 6.08 -20.40
N VAL B 96 -4.96 5.80 -20.44
CA VAL B 96 -4.46 4.50 -20.90
C VAL B 96 -4.81 3.36 -19.96
N PHE B 97 -4.30 3.43 -18.73
CA PHE B 97 -4.47 2.33 -17.77
C PHE B 97 -5.93 2.08 -17.41
N ARG B 98 -6.73 3.14 -17.37
CA ARG B 98 -8.14 3.00 -17.03
C ARG B 98 -8.98 2.83 -18.29
N GLU B 99 -9.68 1.71 -18.38
CA GLU B 99 -10.59 1.46 -19.50
C GLU B 99 -11.81 2.35 -19.39
N GLN B 100 -12.71 2.25 -20.38
CA GLN B 100 -13.92 3.07 -20.45
C GLN B 100 -13.61 4.56 -20.59
N VAL B 101 -12.36 4.89 -20.91
CA VAL B 101 -11.98 6.27 -21.13
C VAL B 101 -11.33 6.44 -22.49
N PHE B 102 -11.92 7.30 -23.32
CA PHE B 102 -11.48 7.48 -24.68
C PHE B 102 -11.18 8.95 -24.99
N PRO B 103 -10.24 9.22 -25.90
CA PRO B 103 -9.89 10.58 -26.30
C PRO B 103 -11.00 11.26 -27.09
N VAL B 104 -11.17 12.56 -26.87
CA VAL B 104 -12.19 13.33 -27.59
C VAL B 104 -11.55 14.59 -28.19
N ASP B 105 -11.98 14.96 -29.39
CA ASP B 105 -11.45 16.13 -30.07
C ASP B 105 -12.49 17.24 -30.18
N ALA B 106 -12.41 18.21 -29.28
CA ALA B 106 -13.30 19.36 -29.32
C ALA B 106 -12.66 20.51 -30.07
N LEU B 107 -13.47 21.24 -30.84
CA LEU B 107 -12.98 22.38 -31.59
C LEU B 107 -12.66 23.54 -30.67
N HIS B 108 -11.97 24.55 -31.20
CA HIS B 108 -11.58 25.71 -30.41
C HIS B 108 -12.67 26.80 -30.43
N HIS B 109 -13.62 26.68 -31.34
CA HIS B 109 -14.64 27.71 -31.52
C HIS B 109 -16.03 27.13 -31.74
N LYS B 110 -16.98 28.00 -32.07
CA LYS B 110 -18.34 27.59 -32.41
C LYS B 110 -18.69 28.00 -33.84
N PRO B 111 -19.42 27.13 -34.56
CA PRO B 111 -19.83 27.38 -35.94
C PRO B 111 -20.64 28.67 -36.10
N GLY B 112 -21.41 29.02 -35.06
CA GLY B 112 -22.22 30.22 -35.10
C GLY B 112 -21.41 31.49 -34.98
N GLY B 155 -14.66 38.30 -31.96
CA GLY B 155 -15.00 36.90 -31.76
C GLY B 155 -14.35 36.32 -30.51
N LYS B 156 -15.11 35.51 -29.79
CA LYS B 156 -14.61 34.87 -28.58
C LYS B 156 -14.52 33.35 -28.75
N LEU B 157 -13.55 32.75 -28.06
CA LEU B 157 -13.31 31.31 -28.19
C LEU B 157 -13.84 30.54 -26.99
N ARG B 158 -13.49 29.26 -26.91
CA ARG B 158 -13.94 28.39 -25.84
C ARG B 158 -13.29 28.74 -24.49
N GLU B 159 -14.10 28.78 -23.44
CA GLU B 159 -13.58 29.02 -22.10
C GLU B 159 -13.20 27.71 -21.43
N ASN B 160 -13.90 26.64 -21.81
CA ASN B 160 -13.61 25.32 -21.28
C ASN B 160 -13.91 24.24 -22.32
N LEU B 161 -13.12 23.17 -22.29
CA LEU B 161 -13.27 22.10 -23.26
C LEU B 161 -14.14 20.96 -22.69
N LEU B 162 -15.03 21.33 -21.78
CA LEU B 162 -16.00 20.39 -21.23
C LEU B 162 -17.17 20.21 -22.19
N HIS B 163 -17.74 21.32 -22.64
CA HIS B 163 -18.93 21.29 -23.50
C HIS B 163 -18.65 20.61 -24.83
N GLY B 164 -17.48 20.88 -25.40
CA GLY B 164 -17.07 20.25 -26.65
C GLY B 164 -17.00 18.74 -26.51
N ALA B 165 -16.68 18.27 -25.32
CA ALA B 165 -16.65 16.84 -25.05
C ALA B 165 -18.05 16.32 -24.77
N LEU B 166 -18.89 17.18 -24.22
CA LEU B 166 -20.29 16.84 -23.98
C LEU B 166 -21.04 16.63 -25.29
N GLU B 167 -20.60 17.32 -26.33
CA GLU B 167 -21.20 17.20 -27.65
C GLU B 167 -20.89 15.85 -28.29
N HIS B 168 -19.89 15.15 -27.76
CA HIS B 168 -19.47 13.87 -28.29
C HIS B 168 -19.95 12.69 -27.44
N TYR B 169 -21.00 12.91 -26.67
CA TYR B 169 -21.46 11.90 -25.72
C TYR B 169 -22.11 10.69 -26.40
N VAL B 170 -22.95 10.93 -27.40
CA VAL B 170 -23.74 9.87 -28.01
C VAL B 170 -22.92 8.85 -28.80
N ASN B 171 -22.05 9.34 -29.68
CA ASN B 171 -21.19 8.45 -30.47
C ASN B 171 -20.28 7.62 -29.58
N CYS B 172 -19.72 8.27 -28.56
CA CYS B 172 -18.85 7.59 -27.62
C CYS B 172 -19.64 6.62 -26.76
N LEU B 173 -20.94 6.87 -26.62
CA LEU B 173 -21.84 5.90 -26.00
C LEU B 173 -21.97 4.69 -26.93
N ASP B 174 -21.99 4.96 -28.23
CA ASP B 174 -22.15 3.91 -29.22
C ASP B 174 -20.90 3.01 -29.31
N LEU B 175 -19.73 3.60 -29.07
CA LEU B 175 -18.50 2.81 -29.14
C LEU B 175 -18.24 2.06 -27.84
N VAL B 176 -19.03 2.34 -26.81
CA VAL B 176 -18.88 1.65 -25.53
C VAL B 176 -20.09 0.75 -25.28
N ASN B 177 -21.00 0.73 -26.25
CA ASN B 177 -22.25 -0.05 -26.18
C ASN B 177 -23.09 0.37 -24.97
N LYS B 178 -23.25 1.68 -24.81
CA LYS B 178 -24.06 2.27 -23.74
C LYS B 178 -23.65 1.79 -22.34
N ARG B 179 -22.38 1.39 -22.19
CA ARG B 179 -21.89 0.94 -20.89
C ARG B 179 -21.24 2.07 -20.12
N LEU B 180 -22.00 2.71 -19.24
CA LEU B 180 -21.46 3.72 -18.35
C LEU B 180 -21.28 3.08 -16.96
N PRO B 181 -20.36 3.62 -16.13
CA PRO B 181 -19.55 4.83 -16.26
C PRO B 181 -18.52 4.79 -17.39
N TYR B 182 -18.36 5.91 -18.08
CA TYR B 182 -17.34 6.04 -19.11
C TYR B 182 -16.96 7.51 -19.26
N GLY B 183 -15.71 7.77 -19.64
CA GLY B 183 -15.22 9.14 -19.69
C GLY B 183 -14.57 9.57 -20.98
N LEU B 184 -14.54 10.88 -21.20
CA LEU B 184 -13.86 11.46 -22.35
C LEU B 184 -12.78 12.44 -21.90
N ALA B 185 -11.55 12.21 -22.34
CA ALA B 185 -10.43 13.03 -21.90
C ALA B 185 -9.79 13.79 -23.07
N GLN B 186 -9.31 14.99 -22.79
CA GLN B 186 -8.72 15.85 -23.81
C GLN B 186 -7.83 16.92 -23.18
N ILE B 187 -6.62 17.07 -23.70
CA ILE B 187 -5.71 18.10 -23.23
C ILE B 187 -5.59 19.21 -24.27
N GLY B 188 -6.28 20.31 -24.04
CA GLY B 188 -6.29 21.41 -24.99
C GLY B 188 -6.21 22.77 -24.35
N VAL B 189 -5.68 23.74 -25.10
CA VAL B 189 -5.56 25.10 -24.61
C VAL B 189 -6.91 25.80 -24.62
N CYS B 190 -7.23 26.50 -23.55
CA CYS B 190 -8.48 27.25 -23.47
C CYS B 190 -8.21 28.74 -23.37
N PHE B 191 -9.17 29.53 -23.83
CA PHE B 191 -9.03 30.98 -23.90
C PHE B 191 -9.96 31.68 -22.91
N HIS B 192 -9.37 32.47 -22.02
CA HIS B 192 -10.13 33.13 -20.97
C HIS B 192 -10.05 34.65 -21.10
N PRO B 193 -11.22 35.31 -21.12
CA PRO B 193 -11.27 36.78 -21.14
C PRO B 193 -10.81 37.36 -19.81
N VAL B 194 -9.90 38.34 -19.85
CA VAL B 194 -9.36 38.92 -18.63
C VAL B 194 -9.32 40.45 -18.69
N PHE B 195 -9.90 41.07 -17.68
CA PHE B 195 -9.89 42.53 -17.56
C PHE B 195 -8.74 42.99 -16.66
N ASP B 196 -7.61 43.29 -17.27
CA ASP B 196 -6.42 43.69 -16.53
C ASP B 196 -6.59 45.07 -15.89
N THR B 197 -6.59 45.09 -14.56
CA THR B 197 -6.74 46.34 -13.81
C THR B 197 -5.39 46.88 -13.33
N LYS B 205 -9.11 43.90 -20.41
CA LYS B 205 -9.45 44.13 -21.81
C LYS B 205 -8.76 43.12 -22.71
N SER B 206 -7.92 42.29 -22.13
CA SER B 206 -7.14 41.32 -22.90
C SER B 206 -7.71 39.91 -22.77
N ILE B 207 -7.02 38.94 -23.39
CA ILE B 207 -7.45 37.55 -23.35
C ILE B 207 -6.25 36.62 -23.20
N GLY B 208 -6.29 35.76 -22.19
CA GLY B 208 -5.17 34.88 -21.91
C GLY B 208 -5.50 33.42 -22.17
N GLU B 209 -4.58 32.72 -22.83
CA GLU B 209 -4.77 31.30 -23.13
C GLU B 209 -3.91 30.43 -22.23
N LYS B 210 -4.42 29.25 -21.89
CA LYS B 210 -3.67 28.32 -21.05
C LYS B 210 -4.10 26.87 -21.28
N THR B 211 -3.11 25.98 -21.34
CA THR B 211 -3.34 24.55 -21.58
C THR B 211 -4.05 23.89 -20.41
N GLU B 212 -5.17 23.23 -20.70
CA GLU B 212 -5.95 22.54 -19.68
C GLU B 212 -6.20 21.09 -20.04
N ALA B 213 -6.04 20.20 -19.07
CA ALA B 213 -6.32 18.78 -19.26
C ALA B 213 -7.64 18.43 -18.59
N SER B 214 -8.65 18.11 -19.40
CA SER B 214 -9.99 17.85 -18.88
C SER B 214 -10.47 16.43 -19.12
N LEU B 215 -11.08 15.85 -18.09
CA LEU B 215 -11.77 14.58 -18.19
C LEU B 215 -13.23 14.73 -17.77
N VAL B 216 -14.15 14.39 -18.66
CA VAL B 216 -15.56 14.40 -18.33
C VAL B 216 -16.03 12.96 -18.12
N TRP B 217 -16.44 12.67 -16.88
CA TRP B 217 -16.76 11.32 -16.45
C TRP B 217 -18.27 11.12 -16.35
N PHE B 218 -18.85 10.49 -17.37
CA PHE B 218 -20.28 10.17 -17.37
C PHE B 218 -20.54 8.98 -16.46
N THR B 219 -21.23 9.23 -15.35
CA THR B 219 -21.43 8.20 -14.33
C THR B 219 -22.86 8.21 -13.77
N PRO B 220 -23.41 7.02 -13.51
CA PRO B 220 -24.77 6.87 -12.95
C PRO B 220 -24.95 7.63 -11.64
N PRO B 221 -26.15 8.18 -11.43
CA PRO B 221 -26.50 8.96 -10.24
C PRO B 221 -26.30 8.18 -8.94
N ARG B 222 -26.48 6.87 -9.01
CA ARG B 222 -26.35 6.00 -7.84
C ARG B 222 -24.94 6.02 -7.27
N THR B 223 -23.96 6.21 -8.15
CA THR B 223 -22.55 6.16 -7.74
C THR B 223 -21.78 7.42 -8.15
N SER B 224 -22.47 8.56 -8.18
CA SER B 224 -21.84 9.82 -8.56
C SER B 224 -20.83 10.29 -7.52
N ASN B 225 -21.27 10.41 -6.27
CA ASN B 225 -20.42 10.87 -5.19
C ASN B 225 -19.20 9.98 -4.98
N GLN B 226 -19.41 8.68 -5.12
CA GLN B 226 -18.33 7.71 -4.96
C GLN B 226 -17.23 7.94 -5.99
N TRP B 227 -17.64 8.17 -7.24
CA TRP B 227 -16.68 8.46 -8.30
C TRP B 227 -16.04 9.83 -8.10
N LEU B 228 -16.78 10.74 -7.48
CA LEU B 228 -16.24 12.07 -7.18
C LEU B 228 -15.10 11.98 -6.18
N ASP B 229 -15.33 11.25 -5.08
CA ASP B 229 -14.30 11.04 -4.07
C ASP B 229 -13.15 10.24 -4.66
N PHE B 230 -13.48 9.27 -5.49
CA PHE B 230 -12.50 8.45 -6.21
C PHE B 230 -11.53 9.33 -6.97
N TRP B 231 -12.06 10.12 -7.90
CA TRP B 231 -11.25 10.98 -8.73
C TRP B 231 -10.54 12.05 -7.90
N LEU B 232 -11.16 12.49 -6.81
CA LEU B 232 -10.51 13.41 -5.89
C LEU B 232 -9.20 12.81 -5.38
N ARG B 233 -9.31 11.67 -4.73
CA ARG B 233 -8.16 10.98 -4.15
C ARG B 233 -7.11 10.64 -5.22
N HIS B 234 -7.57 10.23 -6.40
CA HIS B 234 -6.64 9.77 -7.43
C HIS B 234 -5.89 10.92 -8.12
N ARG B 235 -6.61 12.00 -8.41
CA ARG B 235 -5.98 13.18 -8.99
C ARG B 235 -5.01 13.79 -7.99
N LEU B 236 -5.47 13.96 -6.74
CA LEU B 236 -4.62 14.50 -5.69
C LEU B 236 -3.37 13.63 -5.49
N GLN B 237 -3.55 12.32 -5.64
CA GLN B 237 -2.41 11.40 -5.55
C GLN B 237 -1.46 11.62 -6.72
N TRP B 238 -2.01 11.84 -7.90
CA TRP B 238 -1.22 12.04 -9.10
C TRP B 238 -0.41 13.33 -9.02
N TRP B 239 -0.94 14.31 -8.31
CA TRP B 239 -0.26 15.59 -8.20
C TRP B 239 0.68 15.64 -6.99
N ARG B 240 0.42 14.79 -6.00
CA ARG B 240 1.25 14.76 -4.80
C ARG B 240 2.53 13.94 -5.01
N LYS B 241 2.57 13.16 -6.08
CA LYS B 241 3.83 12.57 -6.51
C LYS B 241 4.51 13.56 -7.44
N PHE B 242 5.70 13.20 -7.94
CA PHE B 242 6.55 14.10 -8.73
C PHE B 242 7.02 15.32 -7.92
N ALA B 243 6.56 15.43 -6.68
CA ALA B 243 6.88 16.58 -5.84
C ALA B 243 7.88 16.24 -4.76
N MET B 244 8.75 17.20 -4.44
CA MET B 244 9.74 17.01 -3.39
C MET B 244 9.10 17.19 -2.03
N SER B 245 8.06 18.03 -2.00
CA SER B 245 7.29 18.26 -0.78
C SER B 245 5.80 18.21 -1.09
N PRO B 246 5.21 17.00 -1.04
CA PRO B 246 3.81 16.75 -1.38
C PRO B 246 2.82 17.48 -0.49
N SER B 247 3.30 18.03 0.63
CA SER B 247 2.45 18.72 1.58
C SER B 247 1.82 19.99 1.00
N ASN B 248 2.43 20.53 -0.04
CA ASN B 248 1.96 21.77 -0.65
C ASN B 248 0.64 21.61 -1.42
N PHE B 249 0.42 20.41 -1.95
CA PHE B 249 -0.80 20.13 -2.70
C PHE B 249 -1.94 19.76 -1.77
N SER B 250 -3.05 20.50 -1.85
CA SER B 250 -4.17 20.27 -0.95
C SER B 250 -5.48 20.14 -1.70
N SER B 251 -6.51 19.69 -0.98
CA SER B 251 -7.84 19.53 -1.55
C SER B 251 -8.88 20.23 -0.68
N SER B 252 -9.84 20.87 -1.32
CA SER B 252 -10.88 21.60 -0.60
C SER B 252 -12.27 21.13 -1.03
N ASP B 253 -13.05 20.68 -0.05
CA ASP B 253 -14.41 20.24 -0.30
C ASP B 253 -15.36 21.45 -0.28
N CYS B 254 -16.12 21.61 -1.36
CA CYS B 254 -17.00 22.76 -1.49
C CYS B 254 -18.31 22.39 -2.18
N GLN B 255 -19.37 23.14 -1.88
CA GLN B 255 -20.67 22.91 -2.51
C GLN B 255 -20.98 24.01 -3.52
N ASP B 256 -22.01 23.76 -4.34
CA ASP B 256 -22.41 24.71 -5.37
C ASP B 256 -23.42 25.72 -4.82
N GLU B 257 -23.92 26.59 -5.69
CA GLU B 257 -24.92 27.57 -5.28
C GLU B 257 -26.28 26.90 -5.11
N GLU B 258 -26.46 25.77 -5.78
CA GLU B 258 -27.70 24.99 -5.65
C GLU B 258 -27.52 23.87 -4.63
N GLY B 259 -26.31 23.33 -4.54
CA GLY B 259 -26.02 22.30 -3.58
C GLY B 259 -25.13 21.19 -4.11
N ARG B 260 -24.75 21.29 -5.39
CA ARG B 260 -23.93 20.27 -6.02
C ARG B 260 -22.54 20.20 -5.37
N LYS B 261 -22.12 18.98 -5.03
CA LYS B 261 -20.83 18.77 -4.39
C LYS B 261 -19.69 18.95 -5.39
N GLY B 262 -18.51 19.28 -4.88
CA GLY B 262 -17.34 19.50 -5.71
C GLY B 262 -16.06 19.64 -4.91
N ASN B 263 -14.94 19.43 -5.57
CA ASN B 263 -13.64 19.52 -4.91
C ASN B 263 -12.63 20.33 -5.72
N LYS B 264 -11.87 21.18 -5.02
CA LYS B 264 -10.83 21.96 -5.67
C LYS B 264 -9.45 21.47 -5.24
N LEU B 265 -8.45 21.67 -6.09
CA LEU B 265 -7.08 21.31 -5.76
C LEU B 265 -6.17 22.53 -5.77
N TYR B 266 -5.38 22.68 -4.71
CA TYR B 266 -4.52 23.84 -4.58
C TYR B 266 -3.05 23.44 -4.50
N TYR B 267 -2.18 24.36 -4.94
CA TYR B 267 -0.74 24.23 -4.69
C TYR B 267 -0.25 25.41 -3.89
N ASN B 268 0.53 25.14 -2.85
CA ASN B 268 1.01 26.19 -1.97
C ASN B 268 2.24 26.91 -2.53
N PHE B 269 1.99 27.94 -3.34
CA PHE B 269 3.05 28.80 -3.84
C PHE B 269 3.63 29.61 -2.69
N PRO B 270 4.84 30.17 -2.86
CA PRO B 270 5.47 30.98 -1.81
C PRO B 270 4.64 32.17 -1.33
N TRP B 271 3.61 32.55 -2.09
CA TRP B 271 2.76 33.67 -1.73
C TRP B 271 1.37 33.24 -1.29
N GLY B 272 1.16 31.93 -1.20
CA GLY B 272 -0.13 31.38 -0.80
C GLY B 272 -0.59 30.28 -1.73
N LYS B 273 -1.72 29.66 -1.39
CA LYS B 273 -2.26 28.57 -2.21
C LYS B 273 -2.87 29.12 -3.50
N GLU B 274 -2.87 28.29 -4.54
CA GLU B 274 -3.44 28.69 -5.83
C GLU B 274 -4.13 27.50 -6.49
N LEU B 275 -5.24 27.77 -7.16
CA LEU B 275 -6.04 26.73 -7.80
C LEU B 275 -5.31 26.11 -9.00
N ILE B 276 -5.24 24.78 -9.02
CA ILE B 276 -4.54 24.08 -10.10
C ILE B 276 -5.43 23.05 -10.78
N GLU B 277 -6.50 22.64 -10.11
CA GLU B 277 -7.44 21.66 -10.66
C GLU B 277 -8.78 21.73 -9.95
N THR B 278 -9.85 21.48 -10.68
CA THR B 278 -11.19 21.54 -10.13
C THR B 278 -12.05 20.33 -10.51
N LEU B 279 -12.80 19.82 -9.55
CA LEU B 279 -13.67 18.66 -9.77
C LEU B 279 -15.10 18.96 -9.33
N TRP B 280 -16.04 18.88 -10.26
CA TRP B 280 -17.44 19.18 -9.97
C TRP B 280 -18.38 18.08 -10.45
N ASN B 281 -19.52 17.95 -9.77
CA ASN B 281 -20.54 16.98 -10.13
C ASN B 281 -21.77 17.67 -10.72
N LEU B 282 -21.90 17.63 -12.04
CA LEU B 282 -22.99 18.29 -12.73
C LEU B 282 -24.19 17.36 -12.88
N GLY B 283 -25.29 17.72 -12.23
CA GLY B 283 -26.48 16.87 -12.20
C GLY B 283 -27.27 16.82 -13.49
N ASP B 284 -26.67 16.24 -14.53
CA ASP B 284 -27.29 15.99 -15.84
C ASP B 284 -28.20 17.12 -16.36
N HIS B 285 -27.84 18.36 -16.05
CA HIS B 285 -28.62 19.51 -16.50
C HIS B 285 -28.29 19.87 -17.94
N GLU B 286 -27.00 20.03 -18.22
CA GLU B 286 -26.54 20.45 -19.54
C GLU B 286 -26.88 19.44 -20.62
N LEU B 287 -26.74 18.15 -20.30
CA LEU B 287 -27.09 17.09 -21.24
C LEU B 287 -28.59 17.11 -21.54
N LEU B 288 -29.38 17.38 -20.52
CA LEU B 288 -30.83 17.49 -20.69
C LEU B 288 -31.18 18.68 -21.57
N HIS B 289 -30.44 19.77 -21.41
CA HIS B 289 -30.70 20.98 -22.19
C HIS B 289 -30.24 20.82 -23.64
N MET B 290 -29.21 20.00 -23.85
CA MET B 290 -28.68 19.76 -25.19
C MET B 290 -29.59 18.85 -26.01
N TYR B 291 -30.32 17.98 -25.32
CA TYR B 291 -31.22 17.05 -26.00
C TYR B 291 -32.62 17.11 -25.40
N PRO B 292 -33.39 18.15 -25.76
CA PRO B 292 -34.74 18.33 -25.22
C PRO B 292 -35.78 17.45 -25.91
N GLY B 293 -35.55 17.13 -27.17
CA GLY B 293 -36.48 16.30 -27.93
C GLY B 293 -36.51 14.88 -27.43
N ASN B 294 -35.57 14.07 -27.90
CA ASN B 294 -35.48 12.68 -27.50
C ASN B 294 -34.38 12.46 -26.46
N VAL B 295 -34.80 12.19 -25.22
CA VAL B 295 -33.85 11.93 -24.14
C VAL B 295 -33.51 10.44 -24.09
N SER B 296 -34.14 9.66 -24.97
CA SER B 296 -33.90 8.23 -25.05
C SER B 296 -32.50 7.94 -25.56
N LYS B 297 -31.92 8.89 -26.29
CA LYS B 297 -30.57 8.73 -26.82
C LYS B 297 -29.54 9.18 -25.79
N LEU B 298 -30.01 9.42 -24.56
CA LEU B 298 -29.13 9.80 -23.47
C LEU B 298 -29.02 8.69 -22.43
N HIS B 299 -30.02 7.80 -22.43
CA HIS B 299 -30.07 6.69 -21.48
C HIS B 299 -28.84 5.79 -21.60
N GLY B 300 -28.22 5.49 -20.46
CA GLY B 300 -27.07 4.61 -20.42
C GLY B 300 -27.31 3.44 -19.49
N ARG B 301 -26.88 2.25 -19.90
CA ARG B 301 -27.09 1.05 -19.10
C ARG B 301 -26.25 1.04 -17.82
N ASP B 302 -26.91 1.33 -16.70
CA ASP B 302 -26.27 1.25 -15.39
C ASP B 302 -25.98 -0.19 -15.02
N GLY B 303 -26.77 -1.10 -15.58
CA GLY B 303 -26.61 -2.52 -15.33
C GLY B 303 -27.84 -3.29 -15.77
N ARG B 304 -28.85 -3.33 -14.90
CA ARG B 304 -30.10 -4.01 -15.20
C ARG B 304 -31.15 -2.99 -15.63
N LYS B 305 -30.73 -1.75 -15.78
CA LYS B 305 -31.63 -0.65 -16.11
C LYS B 305 -30.89 0.53 -16.71
N ASN B 306 -31.53 1.22 -17.64
CA ASN B 306 -30.94 2.39 -18.28
C ASN B 306 -31.33 3.68 -17.57
N VAL B 307 -30.32 4.43 -17.13
CA VAL B 307 -30.55 5.65 -16.37
C VAL B 307 -29.90 6.84 -17.06
N VAL B 308 -30.36 8.05 -16.74
CA VAL B 308 -29.76 9.28 -17.24
C VAL B 308 -28.45 9.57 -16.52
N PRO B 309 -27.36 9.73 -17.29
CA PRO B 309 -26.02 9.89 -16.75
C PRO B 309 -25.80 11.22 -16.02
N CYS B 310 -25.21 11.15 -14.84
CA CYS B 310 -24.76 12.35 -14.15
C CYS B 310 -23.35 12.69 -14.64
N VAL B 311 -23.11 13.97 -14.90
CA VAL B 311 -21.88 14.40 -15.57
C VAL B 311 -20.81 14.89 -14.60
N LEU B 312 -19.89 14.01 -14.23
CA LEU B 312 -18.74 14.40 -13.43
C LEU B 312 -17.74 15.13 -14.31
N SER B 313 -16.95 16.03 -13.73
CA SER B 313 -16.01 16.81 -14.53
C SER B 313 -14.76 17.20 -13.75
N VAL B 314 -13.59 16.92 -14.31
CA VAL B 314 -12.34 17.33 -13.69
C VAL B 314 -11.46 18.08 -14.70
N ASN B 315 -11.09 19.30 -14.35
CA ASN B 315 -10.29 20.14 -15.23
C ASN B 315 -9.02 20.59 -14.53
N GLY B 316 -7.87 20.29 -15.13
CA GLY B 316 -6.60 20.62 -14.52
C GLY B 316 -5.72 21.56 -15.34
N ASP B 317 -5.42 22.72 -14.76
CA ASP B 317 -4.51 23.67 -15.38
C ASP B 317 -3.08 23.16 -15.35
N LEU B 318 -2.56 22.79 -16.51
CA LEU B 318 -1.22 22.21 -16.60
C LEU B 318 -0.14 23.27 -16.70
N ASP B 319 -0.52 24.51 -16.98
CA ASP B 319 0.43 25.61 -16.97
C ASP B 319 0.77 25.96 -15.52
N ARG B 320 -0.26 26.18 -14.72
CA ARG B 320 -0.08 26.45 -13.30
C ARG B 320 0.55 25.24 -12.60
N GLY B 321 0.32 24.05 -13.15
CA GLY B 321 0.90 22.83 -12.61
C GLY B 321 2.37 22.72 -12.95
N MET B 322 2.72 23.09 -14.17
CA MET B 322 4.10 23.07 -14.61
C MET B 322 4.90 24.11 -13.82
N LEU B 323 4.28 25.26 -13.58
CA LEU B 323 4.88 26.29 -12.74
C LEU B 323 4.97 25.81 -11.28
N ALA B 324 3.99 25.02 -10.87
CA ALA B 324 3.95 24.48 -9.52
C ALA B 324 5.12 23.55 -9.29
N TYR B 325 5.37 22.66 -10.25
CA TYR B 325 6.49 21.73 -10.16
C TYR B 325 7.80 22.47 -10.33
N LEU B 326 7.76 23.56 -11.09
CA LEU B 326 8.94 24.39 -11.31
C LEU B 326 9.38 25.04 -10.00
N TYR B 327 8.41 25.55 -9.24
CA TYR B 327 8.70 26.14 -7.93
C TYR B 327 9.07 25.06 -6.92
N ASP B 328 8.39 23.92 -7.00
CA ASP B 328 8.60 22.83 -6.06
C ASP B 328 9.98 22.20 -6.20
N SER B 329 10.51 22.24 -7.42
CA SER B 329 11.81 21.63 -7.70
C SER B 329 12.96 22.36 -7.01
N PHE B 330 12.82 23.68 -6.87
CA PHE B 330 13.87 24.50 -6.27
C PHE B 330 13.80 24.48 -4.76
N GLN B 331 14.95 24.62 -4.11
CA GLN B 331 15.03 24.61 -2.65
C GLN B 331 14.43 25.89 -2.07
N THR B 338 15.54 24.79 4.65
CA THR B 338 16.32 25.86 4.03
C THR B 338 17.05 26.70 5.07
N ARG B 339 17.76 26.02 5.97
CA ARG B 339 18.52 26.67 7.03
C ARG B 339 19.62 25.73 7.54
N LYS B 340 20.68 26.31 8.10
CA LYS B 340 21.86 25.61 8.63
C LYS B 340 22.37 24.48 7.73
N LYS B 341 22.17 24.60 6.43
CA LYS B 341 22.71 23.64 5.48
C LYS B 341 24.22 23.84 5.30
N ASN B 342 24.68 25.02 5.72
CA ASN B 342 26.10 25.39 5.73
C ASN B 342 26.75 25.49 4.34
N LEU B 343 26.09 24.98 3.31
CA LEU B 343 26.61 25.04 1.95
C LEU B 343 25.49 24.84 0.93
N HIS B 344 25.36 25.79 0.00
CA HIS B 344 24.25 25.78 -0.94
C HIS B 344 24.71 25.74 -2.40
N ARG B 345 23.96 24.98 -3.21
CA ARG B 345 24.20 24.92 -4.65
C ARG B 345 22.87 25.10 -5.39
N LYS B 346 22.90 25.91 -6.44
CA LYS B 346 21.69 26.19 -7.22
C LYS B 346 21.32 25.01 -8.12
N VAL B 347 20.24 24.33 -7.75
CA VAL B 347 19.75 23.19 -8.53
C VAL B 347 18.27 22.96 -8.26
N LEU B 348 17.49 22.80 -9.32
CA LEU B 348 16.08 22.46 -9.19
C LEU B 348 15.89 20.96 -9.38
N LYS B 349 15.16 20.33 -8.45
CA LYS B 349 14.99 18.89 -8.45
C LYS B 349 13.62 18.47 -9.00
N LEU B 350 13.53 18.37 -10.33
CA LEU B 350 12.30 17.88 -10.96
C LEU B 350 12.31 16.36 -11.01
N HIS B 351 11.12 15.78 -10.99
CA HIS B 351 10.98 14.32 -11.08
C HIS B 351 11.53 13.81 -12.40
N PRO B 352 12.32 12.73 -12.36
CA PRO B 352 12.97 12.13 -13.53
C PRO B 352 12.00 11.81 -14.67
N CYS B 353 10.73 11.56 -14.35
CA CYS B 353 9.72 11.26 -15.36
C CYS B 353 9.39 12.48 -16.21
N LEU B 354 9.15 13.61 -15.55
CA LEU B 354 8.71 14.81 -16.26
C LEU B 354 9.87 15.76 -16.58
N ALA B 355 11.07 15.41 -16.14
CA ALA B 355 12.25 16.23 -16.42
C ALA B 355 12.47 16.37 -17.92
N PRO B 356 12.59 17.62 -18.39
CA PRO B 356 12.72 17.93 -19.83
C PRO B 356 13.87 17.20 -20.50
N ILE B 357 15.10 17.45 -20.04
CA ILE B 357 16.27 16.76 -20.58
C ILE B 357 16.79 15.74 -19.58
N LYS B 358 16.75 14.46 -19.96
CA LYS B 358 17.14 13.37 -19.07
C LYS B 358 18.64 13.35 -18.81
N VAL B 359 19.41 13.04 -19.85
CA VAL B 359 20.86 12.92 -19.70
C VAL B 359 21.57 13.99 -20.53
N ALA B 360 22.84 14.22 -20.24
CA ALA B 360 23.63 15.21 -20.97
C ALA B 360 24.98 14.64 -21.40
N LEU B 361 25.17 14.52 -22.71
CA LEU B 361 26.38 13.95 -23.27
C LEU B 361 27.39 15.02 -23.67
N ASP B 362 28.64 14.86 -23.25
CA ASP B 362 29.68 15.84 -23.56
C ASP B 362 30.96 15.17 -24.03
N VAL B 363 32.02 15.95 -24.14
CA VAL B 363 33.32 15.44 -24.56
C VAL B 363 34.41 15.89 -23.57
N GLY B 364 35.12 14.92 -23.00
CA GLY B 364 36.18 15.21 -22.06
C GLY B 364 37.52 14.68 -22.51
N ARG B 365 38.57 15.47 -22.26
CA ARG B 365 39.94 15.14 -22.66
C ARG B 365 40.05 14.63 -24.09
N GLY B 366 39.92 15.51 -25.08
CA GLY B 366 39.71 16.93 -24.83
C GLY B 366 40.98 17.74 -24.82
N PRO B 367 41.52 18.06 -26.01
CA PRO B 367 40.96 17.63 -27.31
C PRO B 367 41.47 16.26 -27.73
N THR B 368 40.60 15.47 -28.36
CA THR B 368 40.97 14.14 -28.85
C THR B 368 40.34 13.86 -30.21
N LEU B 369 41.20 13.64 -31.20
CA LEU B 369 40.76 13.42 -32.57
C LEU B 369 41.33 12.10 -33.12
N GLU B 370 40.54 11.40 -33.93
CA GLU B 370 39.21 11.83 -34.32
C GLU B 370 38.21 10.68 -34.27
N LEU B 371 38.31 9.87 -33.21
CA LEU B 371 37.35 8.79 -33.00
C LEU B 371 36.25 9.26 -32.07
N ARG B 372 35.85 10.51 -32.22
CA ARG B 372 34.83 11.11 -31.37
C ARG B 372 33.44 10.92 -31.97
N GLN B 373 33.36 10.13 -33.04
CA GLN B 373 32.09 9.84 -33.69
C GLN B 373 31.30 8.80 -32.90
N VAL B 374 31.92 8.29 -31.83
CA VAL B 374 31.25 7.35 -30.94
C VAL B 374 30.17 8.08 -30.14
N CYS B 375 30.38 9.37 -29.92
CA CYS B 375 29.40 10.21 -29.23
C CYS B 375 28.11 10.26 -30.05
N GLN B 376 28.26 10.29 -31.37
CA GLN B 376 27.10 10.25 -32.26
C GLN B 376 26.36 8.94 -32.11
N GLY B 377 27.12 7.85 -32.00
CA GLY B 377 26.55 6.53 -31.79
C GLY B 377 25.73 6.46 -30.52
N LEU B 378 26.32 6.90 -29.41
CA LEU B 378 25.63 6.91 -28.13
C LEU B 378 24.42 7.83 -28.19
N PHE B 379 24.53 8.89 -29.00
CA PHE B 379 23.46 9.87 -29.16
C PHE B 379 22.23 9.24 -29.81
N ASN B 380 22.42 8.67 -31.00
CA ASN B 380 21.30 8.07 -31.72
C ASN B 380 20.77 6.85 -30.95
N GLU B 381 21.66 6.10 -30.32
CA GLU B 381 21.25 4.95 -29.51
C GLU B 381 20.35 5.41 -28.37
N LEU B 382 20.71 6.52 -27.74
CA LEU B 382 19.94 7.06 -26.62
C LEU B 382 18.58 7.58 -27.08
N LEU B 383 18.55 8.40 -28.12
CA LEU B 383 17.29 8.95 -28.59
C LEU B 383 16.37 7.87 -29.17
N GLU B 384 16.96 6.75 -29.60
CA GLU B 384 16.17 5.63 -30.10
C GLU B 384 15.32 5.00 -29.01
N ASN B 385 15.79 5.08 -27.77
CA ASN B 385 15.06 4.52 -26.64
C ASN B 385 14.10 5.53 -26.01
N GLY B 386 14.08 6.74 -26.56
CA GLY B 386 13.14 7.76 -26.12
C GLY B 386 13.54 8.49 -24.86
N ILE B 387 14.85 8.65 -24.64
CA ILE B 387 15.33 9.43 -23.51
C ILE B 387 16.03 10.70 -23.99
N SER B 388 15.69 11.82 -23.39
CA SER B 388 16.21 13.12 -23.79
C SER B 388 17.71 13.25 -23.50
N VAL B 389 18.46 13.68 -24.51
CA VAL B 389 19.91 13.83 -24.36
C VAL B 389 20.39 15.17 -24.92
N TRP B 390 21.03 15.96 -24.06
CA TRP B 390 21.61 17.24 -24.48
C TRP B 390 23.02 17.03 -25.03
N PRO B 391 23.30 17.60 -26.21
CA PRO B 391 24.59 17.41 -26.87
C PRO B 391 25.62 18.48 -26.50
N GLY B 392 26.72 18.04 -25.90
CA GLY B 392 27.80 18.94 -25.55
C GLY B 392 28.97 18.78 -26.50
N TYR B 393 28.72 19.09 -27.77
CA TYR B 393 29.74 18.94 -28.81
C TYR B 393 30.39 20.28 -29.12
N LEU B 394 29.73 21.09 -29.94
CA LEU B 394 30.24 22.43 -30.25
C LEU B 394 30.09 23.33 -29.03
N GLU B 395 31.22 23.70 -28.44
CA GLU B 395 31.22 24.44 -27.19
C GLU B 395 32.21 25.61 -27.21
N THR B 396 31.95 26.60 -26.36
CA THR B 396 32.87 27.72 -26.18
C THR B 396 33.65 27.52 -24.89
N MET B 397 33.17 26.61 -24.06
CA MET B 397 33.81 26.28 -22.79
C MET B 397 34.20 24.80 -22.75
N GLN B 398 35.47 24.43 -22.58
CA GLN B 398 36.66 25.29 -22.35
C GLN B 398 36.51 26.19 -21.12
N SER B 399 36.20 25.57 -19.99
CA SER B 399 36.08 26.25 -18.71
C SER B 399 36.09 25.24 -17.57
N SER B 400 35.80 25.72 -16.36
CA SER B 400 35.71 24.85 -15.19
C SER B 400 34.53 23.91 -15.34
N LEU B 401 34.69 22.67 -14.87
CA LEU B 401 33.63 21.68 -14.97
C LEU B 401 32.45 22.05 -14.09
N GLU B 402 32.72 22.82 -13.04
CA GLU B 402 31.67 23.31 -12.15
C GLU B 402 30.67 24.17 -12.91
N GLN B 403 31.17 24.86 -13.94
CA GLN B 403 30.34 25.74 -14.75
C GLN B 403 29.24 24.98 -15.50
N LEU B 404 29.62 23.96 -16.27
CA LEU B 404 28.64 23.20 -17.03
C LEU B 404 27.90 22.20 -16.16
N TYR B 405 28.48 21.86 -15.01
CA TYR B 405 27.78 21.03 -14.04
C TYR B 405 26.61 21.80 -13.46
N SER B 406 26.86 23.05 -13.06
CA SER B 406 25.80 23.92 -12.56
C SER B 406 24.83 24.29 -13.67
N LYS B 407 25.37 24.40 -14.88
CA LYS B 407 24.56 24.66 -16.07
C LYS B 407 23.56 23.54 -16.31
N TYR B 408 24.00 22.31 -16.05
CA TYR B 408 23.13 21.15 -16.21
C TYR B 408 22.18 20.98 -15.02
N ASP B 409 22.64 21.38 -13.84
CA ASP B 409 21.81 21.31 -12.65
C ASP B 409 20.67 22.33 -12.70
N GLU B 410 20.91 23.42 -13.41
CA GLU B 410 19.89 24.44 -13.60
C GLU B 410 18.88 24.00 -14.66
N MET B 411 19.25 22.98 -15.42
CA MET B 411 18.37 22.42 -16.45
C MET B 411 17.71 21.14 -15.96
N SER B 412 17.91 20.84 -14.67
CA SER B 412 17.33 19.66 -14.02
C SER B 412 17.72 18.36 -14.71
N ILE B 413 18.87 18.36 -15.38
CA ILE B 413 19.34 17.18 -16.07
C ILE B 413 19.76 16.10 -15.08
N LEU B 414 19.15 14.92 -15.22
CA LEU B 414 19.35 13.81 -14.29
C LEU B 414 20.81 13.38 -14.18
N PHE B 415 21.41 13.04 -15.31
CA PHE B 415 22.77 12.53 -15.31
C PHE B 415 23.65 13.23 -16.33
N THR B 416 24.94 13.29 -16.05
CA THR B 416 25.91 13.86 -16.97
C THR B 416 26.93 12.80 -17.38
N VAL B 417 26.77 12.28 -18.60
CA VAL B 417 27.68 11.28 -19.13
C VAL B 417 28.86 11.93 -19.85
N LEU B 418 30.07 11.57 -19.44
CA LEU B 418 31.27 12.17 -20.00
C LEU B 418 32.11 11.12 -20.73
N VAL B 419 32.34 11.35 -22.03
CA VAL B 419 33.16 10.45 -22.83
C VAL B 419 34.57 10.98 -22.94
N THR B 420 35.54 10.16 -22.53
CA THR B 420 36.95 10.57 -22.57
C THR B 420 37.79 9.51 -23.29
N GLU B 421 39.00 9.88 -23.67
CA GLU B 421 39.86 9.01 -24.49
C GLU B 421 40.20 7.69 -23.79
N THR B 422 40.20 7.69 -22.46
CA THR B 422 40.44 6.46 -21.71
C THR B 422 39.25 5.53 -21.90
N THR B 423 38.05 6.10 -21.97
CA THR B 423 36.85 5.32 -22.25
C THR B 423 36.89 4.84 -23.69
N LEU B 424 37.54 5.62 -24.55
CA LEU B 424 37.75 5.24 -25.94
C LEU B 424 38.67 4.03 -25.97
N GLU B 425 39.59 3.96 -25.02
CA GLU B 425 40.50 2.82 -24.91
C GLU B 425 39.78 1.58 -24.38
N ASN B 426 39.32 1.64 -23.14
CA ASN B 426 38.64 0.51 -22.52
C ASN B 426 37.15 0.44 -22.88
N GLY B 427 36.36 1.34 -22.30
CA GLY B 427 34.93 1.36 -22.55
C GLY B 427 34.12 1.70 -21.30
N LEU B 428 34.65 2.60 -20.48
CA LEU B 428 33.99 2.99 -19.24
C LEU B 428 33.90 4.50 -19.09
N ILE B 429 32.75 5.07 -19.47
CA ILE B 429 32.58 6.52 -19.43
C ILE B 429 32.27 7.03 -18.03
N HIS B 430 32.34 8.36 -17.86
CA HIS B 430 32.05 8.98 -16.57
C HIS B 430 30.57 9.31 -16.44
N LEU B 431 30.09 9.43 -15.21
CA LEU B 431 28.70 9.73 -14.94
C LEU B 431 28.52 10.55 -13.67
N ARG B 432 27.89 11.70 -13.79
CA ARG B 432 27.61 12.53 -12.61
C ARG B 432 26.10 12.70 -12.39
N SER B 433 25.60 12.15 -11.30
CA SER B 433 24.19 12.27 -10.97
C SER B 433 23.85 13.66 -10.47
N ARG B 434 22.59 14.04 -10.59
CA ARG B 434 22.13 15.37 -10.17
C ARG B 434 21.71 15.36 -8.70
N ASP B 435 20.95 14.34 -8.32
CA ASP B 435 20.46 14.23 -6.95
C ASP B 435 21.62 14.12 -5.97
N THR B 436 22.65 13.38 -6.36
CA THR B 436 23.86 13.26 -5.56
C THR B 436 25.09 13.48 -6.41
N THR B 437 25.63 14.70 -6.35
CA THR B 437 26.80 15.06 -7.14
C THR B 437 28.00 14.16 -6.83
N MET B 438 28.16 13.11 -7.60
CA MET B 438 29.22 12.14 -7.37
C MET B 438 29.67 11.46 -8.66
N LYS B 439 30.98 11.44 -8.89
CA LYS B 439 31.56 10.81 -10.06
C LYS B 439 31.38 9.29 -10.02
N GLU B 440 30.96 8.72 -11.13
CA GLU B 440 30.74 7.27 -11.21
C GLU B 440 31.05 6.72 -12.59
N MET B 441 31.77 5.60 -12.62
CA MET B 441 32.14 4.95 -13.87
C MET B 441 31.08 3.92 -14.28
N MET B 442 30.92 3.71 -15.58
CA MET B 442 29.91 2.79 -16.09
C MET B 442 30.19 2.41 -17.55
N HIS B 443 29.56 1.35 -18.02
CA HIS B 443 29.73 0.89 -19.40
C HIS B 443 28.64 1.51 -20.30
N ILE B 444 28.85 1.46 -21.61
CA ILE B 444 28.00 2.18 -22.56
C ILE B 444 26.56 1.65 -22.64
N SER B 445 26.41 0.40 -23.11
CA SER B 445 25.08 -0.19 -23.20
C SER B 445 24.51 -0.35 -21.80
N LYS B 446 25.41 -0.56 -20.84
CA LYS B 446 25.04 -0.58 -19.43
C LYS B 446 24.49 0.78 -19.02
N LEU B 447 25.02 1.85 -19.60
CA LEU B 447 24.52 3.19 -19.32
C LEU B 447 23.13 3.37 -19.93
N LYS B 448 22.95 2.89 -21.15
CA LYS B 448 21.65 2.92 -21.81
C LYS B 448 20.58 2.22 -20.96
N ASP B 449 20.82 0.96 -20.66
CA ASP B 449 19.90 0.16 -19.87
C ASP B 449 19.72 0.73 -18.46
N PHE B 450 20.77 1.37 -17.95
CA PHE B 450 20.69 2.01 -16.63
C PHE B 450 19.74 3.20 -16.66
N LEU B 451 19.77 3.94 -17.76
CA LEU B 451 18.89 5.10 -17.91
C LEU B 451 17.45 4.66 -18.10
N ILE B 452 17.25 3.67 -18.97
CA ILE B 452 15.91 3.14 -19.22
C ILE B 452 15.31 2.58 -17.93
N LYS B 453 16.11 1.79 -17.21
CA LYS B 453 15.66 1.21 -15.94
C LYS B 453 15.45 2.30 -14.90
N TYR B 454 16.24 3.38 -14.98
CA TYR B 454 16.13 4.48 -14.03
C TYR B 454 14.80 5.18 -14.19
N ILE B 455 14.46 5.57 -15.43
CA ILE B 455 13.18 6.23 -15.69
C ILE B 455 12.00 5.30 -15.40
N SER B 456 12.10 4.07 -15.92
CA SER B 456 11.02 3.09 -15.76
C SER B 456 10.72 2.79 -14.30
N SER B 457 11.78 2.67 -13.49
CA SER B 457 11.61 2.39 -12.07
C SER B 457 11.19 3.65 -11.32
N ALA B 458 11.58 4.81 -11.85
CA ALA B 458 11.15 6.08 -11.29
C ALA B 458 9.65 6.24 -11.44
N LYS B 459 9.12 5.68 -12.52
CA LYS B 459 7.68 5.66 -12.74
C LYS B 459 7.00 4.84 -11.64
N ASN B 460 7.68 3.79 -11.19
CA ASN B 460 7.16 2.94 -10.12
C ASN B 460 7.39 3.53 -8.74
N VAL B 461 7.23 2.71 -7.71
CA VAL B 461 7.41 3.15 -6.33
C VAL B 461 8.89 3.33 -6.02
N GLU C 43 -16.12 8.01 -50.89
CA GLU C 43 -16.76 6.79 -51.36
C GLU C 43 -17.32 6.00 -50.18
N ALA C 44 -17.12 4.68 -50.20
CA ALA C 44 -17.56 3.81 -49.13
C ALA C 44 -16.56 3.78 -47.98
N LEU C 45 -15.63 4.73 -48.00
CA LEU C 45 -14.61 4.85 -46.97
C LEU C 45 -15.03 5.84 -45.90
N LEU C 46 -15.71 6.90 -46.32
CA LEU C 46 -16.17 7.93 -45.39
C LEU C 46 -17.23 7.38 -44.44
N GLU C 47 -17.89 6.31 -44.84
CA GLU C 47 -18.95 5.72 -44.03
C GLU C 47 -18.40 4.74 -42.99
N ILE C 48 -17.26 4.12 -43.31
CA ILE C 48 -16.62 3.19 -42.37
C ILE C 48 -15.69 3.94 -41.43
N CYS C 49 -15.68 5.26 -41.54
CA CYS C 49 -14.96 6.12 -40.60
C CYS C 49 -15.96 6.72 -39.62
N GLN C 50 -17.23 6.68 -40.00
CA GLN C 50 -18.31 7.17 -39.15
C GLN C 50 -18.77 6.08 -38.18
N ARG C 51 -18.86 4.84 -38.69
CA ARG C 51 -19.32 3.72 -37.89
C ARG C 51 -18.18 3.13 -37.06
N ARG C 52 -16.96 3.57 -37.32
CA ARG C 52 -15.80 3.09 -36.57
C ARG C 52 -15.14 4.22 -35.79
N HIS C 53 -15.81 5.36 -35.76
CA HIS C 53 -15.41 6.51 -34.95
C HIS C 53 -14.01 7.04 -35.29
N PHE C 54 -13.76 7.27 -36.57
CA PHE C 54 -12.57 8.00 -36.99
C PHE C 54 -12.92 9.48 -37.12
N LEU C 55 -14.13 9.74 -37.62
CA LEU C 55 -14.64 11.10 -37.75
C LEU C 55 -15.83 11.29 -36.82
N SER C 56 -16.25 12.54 -36.62
CA SER C 56 -17.38 12.85 -35.77
C SER C 56 -18.69 12.66 -36.53
N GLY C 57 -19.78 12.52 -35.79
CA GLY C 57 -21.09 12.27 -36.38
C GLY C 57 -21.63 13.42 -37.20
N SER C 58 -21.84 13.17 -38.48
CA SER C 58 -22.40 14.16 -39.39
C SER C 58 -23.21 13.49 -40.49
N LYS C 59 -24.14 14.22 -41.08
CA LYS C 59 -25.00 13.68 -42.12
C LYS C 59 -24.97 14.54 -43.38
N GLN C 60 -24.53 15.80 -43.22
CA GLN C 60 -24.46 16.72 -44.35
C GLN C 60 -23.04 17.23 -44.55
N GLN C 61 -22.34 17.45 -43.44
CA GLN C 61 -20.95 17.90 -43.49
C GLN C 61 -19.99 16.71 -43.43
N LEU C 62 -20.36 15.63 -44.11
CA LEU C 62 -19.53 14.44 -44.17
C LEU C 62 -18.82 14.32 -45.50
N SER C 63 -19.08 15.27 -46.39
CA SER C 63 -18.51 15.26 -47.73
C SER C 63 -17.00 15.48 -47.71
N ARG C 64 -16.33 15.11 -48.80
CA ARG C 64 -14.89 15.28 -48.92
C ARG C 64 -14.51 16.75 -48.91
N ASP C 65 -15.42 17.59 -49.41
CA ASP C 65 -15.17 19.02 -49.47
C ASP C 65 -15.19 19.64 -48.06
N SER C 66 -16.05 19.09 -47.20
CA SER C 66 -16.15 19.57 -45.83
C SER C 66 -15.03 19.00 -44.97
N LEU C 67 -14.43 17.91 -45.43
CA LEU C 67 -13.32 17.29 -44.73
C LEU C 67 -12.01 18.00 -45.06
N LEU C 68 -11.82 18.31 -46.34
CA LEU C 68 -10.66 19.06 -46.79
C LEU C 68 -10.69 20.47 -46.19
N SER C 69 -11.89 21.04 -46.11
CA SER C 69 -12.09 22.30 -45.40
C SER C 69 -11.84 22.09 -43.92
N GLY C 70 -11.40 23.15 -43.23
CA GLY C 70 -11.14 23.07 -41.81
C GLY C 70 -12.41 22.88 -41.00
N CYS C 71 -13.55 23.15 -41.63
CA CYS C 71 -14.85 23.04 -40.97
C CYS C 71 -15.15 21.61 -40.54
N HIS C 72 -15.71 21.48 -39.34
CA HIS C 72 -15.95 20.18 -38.72
C HIS C 72 -17.04 20.36 -37.65
N PRO C 73 -17.73 19.28 -37.22
CA PRO C 73 -17.61 17.83 -37.10
C PRO C 73 -16.20 17.30 -36.88
N GLY C 74 -15.65 17.62 -35.71
CA GLY C 74 -14.26 17.39 -35.36
C GLY C 74 -13.62 16.06 -35.73
N PHE C 75 -13.44 15.20 -34.74
CA PHE C 75 -12.74 13.93 -34.96
C PHE C 75 -13.16 12.86 -33.95
N GLY C 76 -13.07 11.60 -34.39
CA GLY C 76 -13.37 10.48 -33.52
C GLY C 76 -12.11 9.96 -32.84
N PRO C 77 -12.28 9.22 -31.74
CA PRO C 77 -11.19 8.68 -30.91
C PRO C 77 -10.11 7.97 -31.73
N LEU C 78 -10.52 7.16 -32.69
CA LEU C 78 -9.58 6.46 -33.56
C LEU C 78 -8.74 7.45 -34.36
N GLY C 79 -9.42 8.46 -34.90
CA GLY C 79 -8.74 9.50 -35.66
C GLY C 79 -7.84 10.36 -34.80
N VAL C 80 -8.25 10.59 -33.55
CA VAL C 80 -7.46 11.36 -32.61
C VAL C 80 -6.17 10.63 -32.27
N GLU C 81 -6.28 9.34 -31.95
CA GLU C 81 -5.10 8.53 -31.65
C GLU C 81 -4.20 8.39 -32.86
N LEU C 82 -4.81 8.28 -34.04
CA LEU C 82 -4.06 8.19 -35.29
C LEU C 82 -3.25 9.47 -35.51
N ARG C 83 -3.88 10.62 -35.21
CA ARG C 83 -3.24 11.92 -35.35
C ARG C 83 -2.13 12.09 -34.33
N LYS C 84 -2.33 11.53 -33.13
CA LYS C 84 -1.35 11.66 -32.06
C LYS C 84 -0.12 10.81 -32.38
N ASN C 85 -0.34 9.63 -32.94
CA ASN C 85 0.75 8.75 -33.34
C ASN C 85 1.49 9.33 -34.55
N LEU C 86 0.74 9.93 -35.46
CA LEU C 86 1.31 10.56 -36.65
C LEU C 86 2.20 11.74 -36.24
N ALA C 87 1.68 12.56 -35.33
CA ALA C 87 2.41 13.71 -34.81
C ALA C 87 3.62 13.26 -34.02
N ALA C 88 3.49 12.13 -33.35
CA ALA C 88 4.59 11.57 -32.56
C ALA C 88 5.72 11.12 -33.49
N GLU C 89 5.36 10.47 -34.58
CA GLU C 89 6.34 10.03 -35.57
C GLU C 89 6.94 11.24 -36.29
N TRP C 90 6.16 12.30 -36.40
CA TRP C 90 6.64 13.54 -37.01
C TRP C 90 7.72 14.17 -36.13
N TRP C 91 7.41 14.25 -34.84
CA TRP C 91 8.34 14.83 -33.86
C TRP C 91 9.55 13.93 -33.67
N THR C 92 9.39 12.64 -33.98
CA THR C 92 10.47 11.67 -33.84
C THR C 92 11.41 11.74 -35.04
N SER C 93 10.87 12.07 -36.20
CA SER C 93 11.66 12.13 -37.42
C SER C 93 12.37 13.48 -37.57
N VAL C 94 12.26 14.32 -36.55
CA VAL C 94 12.95 15.61 -36.55
C VAL C 94 13.81 15.77 -35.29
N VAL C 95 13.65 14.85 -34.35
CA VAL C 95 14.46 14.87 -33.13
C VAL C 95 15.76 14.09 -33.37
N VAL C 96 15.73 13.22 -34.38
CA VAL C 96 16.93 12.49 -34.79
C VAL C 96 17.80 13.39 -35.65
N PHE C 97 17.24 14.53 -36.03
CA PHE C 97 17.93 15.50 -36.88
C PHE C 97 18.95 16.32 -36.09
N ARG C 98 20.21 16.22 -36.51
CA ARG C 98 21.31 16.97 -35.92
C ARG C 98 21.36 18.39 -36.51
N GLU C 99 21.80 19.36 -35.73
CA GLU C 99 22.30 19.16 -34.37
C GLU C 99 21.20 19.19 -33.32
N GLN C 100 20.52 20.34 -33.22
CA GLN C 100 19.48 20.51 -32.21
C GLN C 100 18.37 21.44 -32.67
N VAL C 101 17.13 20.95 -32.59
CA VAL C 101 15.96 21.74 -32.93
C VAL C 101 15.04 21.85 -31.71
N PHE C 102 14.82 23.08 -31.25
CA PHE C 102 14.04 23.31 -30.04
C PHE C 102 12.55 23.43 -30.32
N PRO C 103 11.73 22.67 -29.58
CA PRO C 103 10.28 22.76 -29.69
C PRO C 103 9.73 24.00 -28.98
N VAL C 104 8.76 24.67 -29.59
CA VAL C 104 8.13 25.84 -28.98
C VAL C 104 6.62 25.81 -29.15
N ASP C 105 5.94 26.77 -28.54
CA ASP C 105 4.51 26.91 -28.71
C ASP C 105 4.13 28.38 -28.89
N ALA C 106 3.30 28.65 -29.89
CA ALA C 106 2.90 30.02 -30.21
C ALA C 106 1.47 30.28 -29.76
N LEU C 107 1.17 31.55 -29.48
CA LEU C 107 -0.18 31.95 -29.10
C LEU C 107 -1.12 31.78 -30.29
N HIS C 108 -2.42 31.73 -30.00
CA HIS C 108 -3.42 31.54 -31.05
C HIS C 108 -4.03 32.86 -31.48
N HIS C 109 -4.33 33.71 -30.50
CA HIS C 109 -4.93 35.02 -30.78
C HIS C 109 -3.85 36.07 -31.03
N LYS C 110 -4.29 37.30 -31.27
CA LYS C 110 -3.36 38.41 -31.52
C LYS C 110 -2.82 38.99 -30.22
N PRO C 111 -1.52 39.22 -30.18
CA PRO C 111 -0.86 39.76 -29.00
C PRO C 111 -1.30 41.19 -28.72
N GLY C 112 -1.63 41.93 -29.77
CA GLY C 112 -2.07 43.30 -29.65
C GLY C 112 -3.58 43.42 -29.63
N PRO C 113 -4.26 42.35 -29.25
CA PRO C 113 -5.71 42.34 -29.19
C PRO C 113 -6.30 41.12 -29.88
N LYS C 156 -8.03 37.90 -35.79
CA LYS C 156 -7.07 37.89 -34.68
C LYS C 156 -6.38 36.54 -34.57
N LEU C 157 -7.10 35.48 -34.92
CA LEU C 157 -6.55 34.13 -34.84
C LEU C 157 -5.47 33.90 -35.88
N ARG C 158 -4.51 33.03 -35.57
CA ARG C 158 -3.37 32.79 -36.42
C ARG C 158 -3.74 32.02 -37.69
N GLU C 159 -2.97 32.24 -38.75
CA GLU C 159 -3.17 31.55 -40.01
C GLU C 159 -2.04 30.55 -40.25
N ASN C 160 -0.81 31.03 -40.10
CA ASN C 160 0.37 30.20 -40.25
C ASN C 160 1.01 29.95 -38.89
N LEU C 161 2.07 29.15 -38.87
CA LEU C 161 2.79 28.85 -37.64
C LEU C 161 4.23 29.34 -37.77
N LEU C 162 4.39 30.55 -38.28
CA LEU C 162 5.70 31.11 -38.58
C LEU C 162 6.08 32.20 -37.59
N HIS C 163 5.18 33.17 -37.42
CA HIS C 163 5.44 34.34 -36.58
C HIS C 163 5.83 33.98 -35.16
N GLY C 164 5.08 33.05 -34.57
CA GLY C 164 5.35 32.60 -33.21
C GLY C 164 6.73 31.95 -33.09
N ALA C 165 7.18 31.32 -34.16
CA ALA C 165 8.49 30.70 -34.18
C ALA C 165 9.58 31.75 -34.41
N LEU C 166 9.20 32.85 -35.04
CA LEU C 166 10.12 33.94 -35.31
C LEU C 166 10.30 34.83 -34.08
N GLU C 167 9.32 34.82 -33.19
CA GLU C 167 9.41 35.59 -31.95
C GLU C 167 10.39 34.99 -30.96
N HIS C 168 10.57 33.68 -31.02
CA HIS C 168 11.45 32.97 -30.10
C HIS C 168 12.82 32.72 -30.69
N TYR C 169 13.10 33.34 -31.83
CA TYR C 169 14.39 33.17 -32.50
C TYR C 169 15.54 33.77 -31.68
N VAL C 170 15.41 35.05 -31.35
CA VAL C 170 16.45 35.78 -30.64
C VAL C 170 16.74 35.15 -29.27
N ASN C 171 15.73 34.53 -28.66
CA ASN C 171 15.90 33.87 -27.38
C ASN C 171 16.66 32.56 -27.52
N CYS C 172 16.21 31.72 -28.45
CA CYS C 172 16.85 30.43 -28.70
C CYS C 172 18.28 30.61 -29.23
N LEU C 173 18.58 31.81 -29.70
CA LEU C 173 19.94 32.16 -30.10
C LEU C 173 20.92 31.94 -28.94
N ASP C 174 20.47 32.25 -27.73
CA ASP C 174 21.30 32.06 -26.55
C ASP C 174 21.54 30.57 -26.28
N LEU C 175 20.50 29.77 -26.50
CA LEU C 175 20.57 28.35 -26.20
C LEU C 175 21.43 27.60 -27.23
N VAL C 176 21.41 28.09 -28.47
CA VAL C 176 22.28 27.52 -29.49
C VAL C 176 23.65 28.19 -29.44
N ASN C 177 23.78 29.17 -28.53
CA ASN C 177 25.02 29.91 -28.32
C ASN C 177 25.51 30.59 -29.60
N LYS C 178 24.58 30.95 -30.47
CA LYS C 178 24.86 31.65 -31.72
C LYS C 178 25.85 30.89 -32.61
N ARG C 179 25.98 29.58 -32.38
CA ARG C 179 27.06 28.80 -32.96
C ARG C 179 26.84 28.46 -34.44
N LEU C 180 25.65 27.98 -34.78
CA LEU C 180 25.37 27.54 -36.14
C LEU C 180 23.90 27.76 -36.53
N PRO C 181 23.57 27.57 -37.82
CA PRO C 181 22.18 27.49 -38.26
C PRO C 181 21.35 26.52 -37.43
N TYR C 182 20.11 26.87 -37.11
CA TYR C 182 19.30 26.04 -36.24
C TYR C 182 17.81 26.23 -36.52
N GLY C 183 16.99 25.29 -36.06
CA GLY C 183 15.57 25.33 -36.37
C GLY C 183 14.66 25.29 -35.16
N LEU C 184 13.38 25.62 -35.39
CA LEU C 184 12.36 25.55 -34.35
C LEU C 184 11.11 24.88 -34.90
N ALA C 185 10.77 23.72 -34.34
CA ALA C 185 9.60 22.97 -34.77
C ALA C 185 8.47 23.11 -33.77
N GLN C 186 7.24 23.02 -34.27
CA GLN C 186 6.06 23.12 -33.41
C GLN C 186 4.82 22.58 -34.11
N ILE C 187 3.95 21.94 -33.33
CA ILE C 187 2.68 21.44 -33.85
C ILE C 187 1.53 22.18 -33.20
N GLY C 188 0.68 22.80 -34.02
CA GLY C 188 -0.40 23.61 -33.48
C GLY C 188 -1.65 23.63 -34.32
N VAL C 189 -2.74 24.13 -33.74
CA VAL C 189 -4.02 24.21 -34.43
C VAL C 189 -4.21 25.60 -35.04
N CYS C 190 -3.80 25.76 -36.30
CA CYS C 190 -3.96 27.03 -36.99
C CYS C 190 -5.33 27.10 -37.66
N PHE C 191 -5.77 28.31 -37.99
CA PHE C 191 -7.10 28.52 -38.53
C PHE C 191 -7.07 29.07 -39.95
N HIS C 192 -8.21 28.99 -40.63
CA HIS C 192 -8.35 29.57 -41.97
C HIS C 192 -9.81 29.78 -42.30
N PRO C 193 -10.14 30.94 -42.89
CA PRO C 193 -11.54 31.28 -43.22
C PRO C 193 -12.11 30.38 -44.32
N VAL C 194 -13.25 29.74 -44.02
CA VAL C 194 -13.92 28.89 -45.00
C VAL C 194 -15.22 29.54 -45.48
N PHE C 195 -15.36 29.67 -46.78
CA PHE C 195 -16.52 30.33 -47.37
C PHE C 195 -17.57 29.31 -47.81
N GLY C 203 -24.88 32.12 -48.02
CA GLY C 203 -25.07 32.66 -46.68
C GLY C 203 -23.80 33.29 -46.12
N VAL C 204 -23.64 33.20 -44.81
CA VAL C 204 -22.46 33.77 -44.15
C VAL C 204 -21.29 32.79 -44.25
N LYS C 205 -20.08 33.30 -43.99
CA LYS C 205 -18.88 32.48 -44.07
C LYS C 205 -18.36 32.13 -42.68
N SER C 206 -17.81 30.93 -42.56
CA SER C 206 -17.37 30.43 -41.25
C SER C 206 -15.85 30.30 -41.16
N ILE C 207 -15.39 29.68 -40.08
CA ILE C 207 -13.96 29.52 -39.85
C ILE C 207 -13.59 28.05 -39.61
N GLY C 208 -12.56 27.58 -40.31
CA GLY C 208 -12.13 26.20 -40.18
C GLY C 208 -10.79 26.06 -39.47
N GLU C 209 -10.58 24.89 -38.88
CA GLU C 209 -9.35 24.61 -38.13
C GLU C 209 -8.54 23.49 -38.77
N LYS C 210 -7.22 23.56 -38.62
CA LYS C 210 -6.35 22.48 -39.05
C LYS C 210 -5.14 22.36 -38.13
N THR C 211 -4.79 21.14 -37.76
CA THR C 211 -3.62 20.90 -36.94
C THR C 211 -2.41 20.68 -37.82
N GLU C 212 -1.57 21.70 -37.93
CA GLU C 212 -0.40 21.64 -38.78
C GLU C 212 0.89 21.54 -37.98
N ALA C 213 1.89 20.90 -38.57
CA ALA C 213 3.21 20.77 -37.98
C ALA C 213 4.23 21.55 -38.81
N SER C 214 4.82 22.56 -38.19
CA SER C 214 5.73 23.45 -38.90
C SER C 214 7.15 23.35 -38.36
N LEU C 215 8.11 23.65 -39.24
CA LEU C 215 9.51 23.68 -38.86
C LEU C 215 10.22 24.88 -39.50
N VAL C 216 10.61 25.83 -38.68
CA VAL C 216 11.30 27.03 -39.17
C VAL C 216 12.81 26.87 -39.04
N TRP C 217 13.47 26.62 -40.16
CA TRP C 217 14.91 26.34 -40.16
C TRP C 217 15.72 27.56 -40.59
N PHE C 218 16.36 28.20 -39.62
CA PHE C 218 17.24 29.34 -39.88
C PHE C 218 18.60 28.87 -40.38
N THR C 219 18.95 29.28 -41.60
CA THR C 219 20.16 28.82 -42.26
C THR C 219 20.79 29.91 -43.13
N PRO C 220 22.14 29.98 -43.16
CA PRO C 220 22.86 30.98 -43.96
C PRO C 220 22.44 30.97 -45.42
N PRO C 221 22.36 32.16 -46.04
CA PRO C 221 21.91 32.37 -47.42
C PRO C 221 22.67 31.53 -48.44
N ARG C 222 23.96 31.29 -48.20
CA ARG C 222 24.79 30.52 -49.12
C ARG C 222 24.49 29.03 -49.05
N THR C 223 23.97 28.59 -47.91
CA THR C 223 23.64 27.18 -47.71
C THR C 223 22.18 26.99 -47.33
N SER C 224 21.30 27.75 -47.98
CA SER C 224 19.88 27.69 -47.70
C SER C 224 19.16 26.78 -48.69
N ASN C 225 19.51 26.91 -49.97
CA ASN C 225 18.89 26.12 -51.03
C ASN C 225 19.21 24.63 -50.89
N GLN C 226 20.47 24.33 -50.59
CA GLN C 226 20.91 22.95 -50.42
C GLN C 226 20.18 22.29 -49.25
N TRP C 227 20.02 23.03 -48.17
CA TRP C 227 19.32 22.55 -46.99
C TRP C 227 17.82 22.42 -47.26
N LEU C 228 17.33 23.26 -48.17
CA LEU C 228 15.93 23.19 -48.58
C LEU C 228 15.69 21.90 -49.36
N ASP C 229 16.63 21.54 -50.22
CA ASP C 229 16.57 20.30 -50.96
C ASP C 229 16.69 19.11 -50.01
N PHE C 230 17.55 19.26 -49.01
CA PHE C 230 17.72 18.26 -47.97
C PHE C 230 16.41 17.98 -47.25
N TRP C 231 15.74 19.04 -46.83
CA TRP C 231 14.44 18.90 -46.16
C TRP C 231 13.37 18.39 -47.11
N LEU C 232 13.51 18.70 -48.39
CA LEU C 232 12.60 18.18 -49.41
C LEU C 232 12.68 16.66 -49.41
N ARG C 233 13.90 16.15 -49.55
CA ARG C 233 14.13 14.71 -49.59
C ARG C 233 13.69 14.04 -48.29
N HIS C 234 14.05 14.65 -47.16
CA HIS C 234 13.73 14.06 -45.86
C HIS C 234 12.23 14.02 -45.59
N ARG C 235 11.51 15.05 -46.01
CA ARG C 235 10.06 15.09 -45.82
C ARG C 235 9.35 14.13 -46.77
N LEU C 236 9.81 14.09 -48.02
CA LEU C 236 9.26 13.17 -49.00
C LEU C 236 9.44 11.72 -48.53
N GLN C 237 10.62 11.41 -48.03
CA GLN C 237 10.90 10.09 -47.48
C GLN C 237 10.10 9.83 -46.22
N TRP C 238 9.86 10.89 -45.45
CA TRP C 238 9.03 10.80 -44.24
C TRP C 238 7.62 10.35 -44.60
N TRP C 239 7.05 10.94 -45.64
CA TRP C 239 5.73 10.55 -46.10
C TRP C 239 5.79 9.18 -46.75
N ARG C 240 6.95 8.83 -47.30
CA ARG C 240 7.12 7.58 -48.02
C ARG C 240 7.18 6.36 -47.09
N LYS C 241 7.75 6.54 -45.91
CA LYS C 241 7.96 5.43 -44.97
C LYS C 241 6.65 4.75 -44.56
N PHE C 242 5.69 5.53 -44.09
CA PHE C 242 4.42 4.99 -43.62
C PHE C 242 3.44 4.76 -44.77
N ALA C 243 3.84 5.17 -45.97
CA ALA C 243 2.99 5.04 -47.15
C ALA C 243 2.95 3.62 -47.67
N MET C 244 1.76 3.18 -48.07
CA MET C 244 1.59 1.86 -48.68
C MET C 244 2.08 1.92 -50.12
N SER C 245 2.15 3.13 -50.66
CA SER C 245 2.64 3.36 -52.02
C SER C 245 3.33 4.72 -52.13
N PRO C 246 4.63 4.70 -52.48
CA PRO C 246 5.42 5.93 -52.62
C PRO C 246 5.00 6.75 -53.84
N SER C 247 4.36 6.10 -54.81
CA SER C 247 3.91 6.77 -56.02
C SER C 247 2.72 7.68 -55.75
N ASN C 248 2.02 7.42 -54.64
CA ASN C 248 0.86 8.20 -54.28
C ASN C 248 1.25 9.58 -53.77
N PHE C 249 2.46 9.69 -53.21
CA PHE C 249 2.99 10.97 -52.76
C PHE C 249 3.91 11.57 -53.81
N SER C 250 3.80 12.87 -54.03
CA SER C 250 4.58 13.55 -55.06
C SER C 250 5.24 14.82 -54.52
N SER C 251 6.28 15.28 -55.22
CA SER C 251 6.97 16.50 -54.84
C SER C 251 7.11 17.45 -56.04
N SER C 252 6.53 18.64 -55.92
CA SER C 252 6.56 19.63 -57.00
C SER C 252 7.50 20.79 -56.69
N ASP C 253 8.11 21.34 -57.72
CA ASP C 253 8.99 22.50 -57.58
C ASP C 253 8.30 23.78 -58.02
N CYS C 254 8.69 24.90 -57.42
CA CYS C 254 8.12 26.19 -57.75
C CYS C 254 9.01 27.34 -57.29
N GLN C 255 8.72 28.55 -57.76
CA GLN C 255 9.48 29.73 -57.38
C GLN C 255 8.71 31.01 -57.72
N ASP C 256 9.12 32.11 -57.10
CA ASP C 256 8.55 33.42 -57.39
C ASP C 256 9.51 34.54 -57.00
N GLU C 257 9.03 35.77 -57.13
CA GLU C 257 9.85 36.95 -56.83
C GLU C 257 9.98 37.17 -55.33
N GLU C 258 9.00 36.70 -54.56
CA GLU C 258 9.03 36.85 -53.10
C GLU C 258 9.81 35.73 -52.45
N GLY C 259 9.60 34.50 -52.93
CA GLY C 259 10.36 33.35 -52.47
C GLY C 259 11.17 32.79 -53.62
N ARG C 260 12.48 32.84 -53.48
CA ARG C 260 13.40 32.50 -54.57
C ARG C 260 13.23 31.06 -55.04
N LYS C 261 12.96 30.15 -54.10
CA LYS C 261 12.75 28.75 -54.46
C LYS C 261 11.93 28.03 -53.38
N GLY C 262 10.91 27.29 -53.82
CA GLY C 262 10.05 26.57 -52.91
C GLY C 262 9.61 25.23 -53.46
N ASN C 263 9.21 24.33 -52.57
CA ASN C 263 8.76 23.01 -52.98
C ASN C 263 7.46 22.64 -52.25
N LYS C 264 6.54 22.01 -52.98
CA LYS C 264 5.25 21.64 -52.40
C LYS C 264 4.98 20.14 -52.54
N LEU C 265 4.70 19.49 -51.42
CA LEU C 265 4.41 18.06 -51.41
C LEU C 265 2.94 17.79 -51.61
N TYR C 266 2.61 17.08 -52.69
CA TYR C 266 1.22 16.74 -52.99
C TYR C 266 0.94 15.27 -52.68
N TYR C 267 -0.34 14.95 -52.55
CA TYR C 267 -0.78 13.57 -52.38
C TYR C 267 -1.89 13.21 -53.34
N ASN C 268 -1.70 12.11 -54.08
CA ASN C 268 -2.69 11.61 -55.01
C ASN C 268 -3.75 10.78 -54.28
N PHE C 269 -5.02 11.03 -54.59
CA PHE C 269 -6.12 10.47 -53.81
C PHE C 269 -6.74 9.14 -54.30
N PRO C 270 -6.95 8.97 -55.62
CA PRO C 270 -6.69 9.77 -56.82
C PRO C 270 -7.92 10.49 -57.36
N TRP C 271 -8.74 11.04 -56.48
CA TRP C 271 -9.88 11.84 -56.92
C TRP C 271 -9.42 13.27 -57.18
N GLY C 272 -8.13 13.51 -56.93
CA GLY C 272 -7.52 14.81 -57.14
C GLY C 272 -6.33 15.01 -56.22
N LYS C 273 -5.16 15.26 -56.82
CA LYS C 273 -3.95 15.53 -56.05
C LYS C 273 -4.14 16.76 -55.17
N GLU C 274 -3.79 16.65 -53.89
CA GLU C 274 -4.03 17.73 -52.96
C GLU C 274 -2.78 18.15 -52.19
N LEU C 275 -2.73 19.42 -51.78
CA LEU C 275 -1.59 19.94 -51.04
C LEU C 275 -1.50 19.31 -49.65
N ILE C 276 -0.30 18.86 -49.30
CA ILE C 276 -0.09 18.19 -48.03
C ILE C 276 0.97 18.90 -47.19
N GLU C 277 1.91 19.56 -47.86
CA GLU C 277 3.02 20.23 -47.18
C GLU C 277 3.72 21.25 -48.08
N THR C 278 4.08 22.38 -47.51
CA THR C 278 4.79 23.43 -48.24
C THR C 278 6.19 23.67 -47.68
N LEU C 279 7.16 23.79 -48.57
CA LEU C 279 8.55 24.03 -48.16
C LEU C 279 9.09 25.27 -48.85
N TRP C 280 9.04 26.42 -48.16
CA TRP C 280 9.48 27.67 -48.76
C TRP C 280 10.84 28.12 -48.26
N ASN C 281 11.43 29.07 -48.98
CA ASN C 281 12.73 29.64 -48.62
C ASN C 281 12.64 31.16 -48.48
N LEU C 282 11.87 31.61 -47.50
CA LEU C 282 11.70 33.04 -47.26
C LEU C 282 13.02 33.70 -46.89
N GLY C 283 13.23 34.92 -47.37
CA GLY C 283 14.42 35.67 -47.03
C GLY C 283 14.36 36.16 -45.59
N ASP C 284 15.24 37.08 -45.25
CA ASP C 284 15.24 37.65 -43.91
C ASP C 284 14.22 38.78 -43.79
N HIS C 285 13.57 39.10 -44.91
CA HIS C 285 12.59 40.17 -44.95
C HIS C 285 11.45 39.96 -43.95
N GLU C 286 11.09 38.71 -43.73
CA GLU C 286 10.07 38.36 -42.75
C GLU C 286 10.56 38.68 -41.34
N LEU C 287 11.82 38.39 -41.09
CA LEU C 287 12.42 38.58 -39.77
C LEU C 287 12.91 40.01 -39.58
N LEU C 288 13.29 40.65 -40.70
CA LEU C 288 13.80 42.02 -40.66
C LEU C 288 12.68 43.03 -40.56
N HIS C 289 11.44 42.53 -40.57
CA HIS C 289 10.27 43.39 -40.51
C HIS C 289 9.76 43.53 -39.09
N MET C 290 10.09 42.54 -38.25
CA MET C 290 9.61 42.53 -36.87
C MET C 290 10.69 42.95 -35.88
N TYR C 291 11.92 43.07 -36.35
CA TYR C 291 13.01 43.55 -35.51
C TYR C 291 13.85 44.72 -36.06
N PRO C 292 13.21 45.73 -36.68
CA PRO C 292 14.10 46.86 -37.02
C PRO C 292 13.91 48.06 -36.10
N GLY C 293 14.96 48.42 -35.36
CA GLY C 293 16.22 47.70 -35.39
C GLY C 293 16.57 47.10 -34.04
N ASN C 294 17.86 47.02 -33.74
CA ASN C 294 18.89 47.48 -34.66
C ASN C 294 19.53 46.33 -35.41
N VAL C 295 18.78 45.23 -35.55
CA VAL C 295 19.16 44.02 -36.30
C VAL C 295 20.58 43.50 -36.05
N SER C 296 21.23 44.01 -35.00
CA SER C 296 22.56 43.55 -34.65
C SER C 296 22.48 42.25 -33.85
N LYS C 297 21.29 41.95 -33.36
CA LYS C 297 21.06 40.73 -32.59
C LYS C 297 20.78 39.54 -33.49
N LEU C 298 20.12 39.82 -34.62
CA LEU C 298 19.58 38.78 -35.49
C LEU C 298 20.66 37.92 -36.14
N HIS C 299 21.72 38.55 -36.61
CA HIS C 299 22.78 37.83 -37.33
C HIS C 299 23.52 36.87 -36.39
N GLY C 300 23.56 35.60 -36.77
CA GLY C 300 24.23 34.58 -36.00
C GLY C 300 25.62 34.29 -36.53
N ARG C 301 26.46 33.69 -35.69
CA ARG C 301 27.83 33.40 -36.08
C ARG C 301 27.88 32.21 -37.04
N ASP C 302 28.74 32.31 -38.06
CA ASP C 302 28.85 31.26 -39.07
C ASP C 302 30.30 31.07 -39.50
N GLY C 303 31.11 30.54 -38.60
CA GLY C 303 32.53 30.35 -38.87
C GLY C 303 33.28 31.66 -38.85
N ARG C 304 33.31 32.29 -37.68
CA ARG C 304 33.94 33.60 -37.49
C ARG C 304 33.34 34.62 -38.46
N LYS C 305 32.05 34.47 -38.75
CA LYS C 305 31.33 35.36 -39.66
C LYS C 305 29.96 35.73 -39.10
N ASN C 306 29.62 37.01 -39.19
CA ASN C 306 28.30 37.48 -38.79
C ASN C 306 27.39 37.63 -40.00
N VAL C 307 26.27 36.92 -40.00
CA VAL C 307 25.37 36.92 -41.16
C VAL C 307 23.92 36.67 -40.78
N VAL C 308 23.03 37.56 -41.20
CA VAL C 308 21.59 37.40 -41.00
C VAL C 308 21.10 36.19 -41.78
N PRO C 309 20.49 35.22 -41.09
CA PRO C 309 20.12 33.95 -41.70
C PRO C 309 18.85 34.00 -42.55
N CYS C 310 18.87 33.26 -43.66
CA CYS C 310 17.68 33.05 -44.46
C CYS C 310 16.76 32.06 -43.75
N VAL C 311 15.45 32.22 -43.94
CA VAL C 311 14.47 31.45 -43.20
C VAL C 311 13.78 30.39 -44.05
N LEU C 312 13.99 29.13 -43.69
CA LEU C 312 13.28 28.03 -44.34
C LEU C 312 11.95 27.75 -43.64
N SER C 313 10.87 27.70 -44.41
CA SER C 313 9.54 27.50 -43.84
C SER C 313 8.97 26.14 -44.23
N VAL C 314 9.02 25.20 -43.29
CA VAL C 314 8.37 23.91 -43.47
C VAL C 314 6.98 23.97 -42.85
N ASN C 315 5.98 23.50 -43.60
CA ASN C 315 4.60 23.55 -43.12
C ASN C 315 3.77 22.37 -43.61
N GLY C 316 3.67 21.35 -42.78
CA GLY C 316 2.92 20.15 -43.15
C GLY C 316 1.56 20.06 -42.48
N ASP C 317 0.63 19.37 -43.11
CA ASP C 317 -0.70 19.18 -42.56
C ASP C 317 -0.87 17.75 -42.06
N LEU C 318 -1.24 17.60 -40.80
CA LEU C 318 -1.39 16.28 -40.20
C LEU C 318 -2.82 15.75 -40.37
N ASP C 319 -3.77 16.66 -40.61
CA ASP C 319 -5.14 16.26 -40.86
C ASP C 319 -5.28 15.71 -42.27
N ARG C 320 -4.76 16.46 -43.24
CA ARG C 320 -4.71 16.03 -44.63
C ARG C 320 -3.85 14.78 -44.77
N GLY C 321 -2.85 14.66 -43.91
CA GLY C 321 -1.99 13.49 -43.89
C GLY C 321 -2.75 12.30 -43.32
N MET C 322 -3.55 12.56 -42.30
CA MET C 322 -4.40 11.53 -41.70
C MET C 322 -5.35 10.97 -42.75
N LEU C 323 -6.02 11.87 -43.46
CA LEU C 323 -6.92 11.48 -44.53
C LEU C 323 -6.16 10.76 -45.64
N ALA C 324 -4.92 11.20 -45.88
CA ALA C 324 -4.08 10.62 -46.90
C ALA C 324 -3.80 9.15 -46.62
N TYR C 325 -3.37 8.86 -45.39
CA TYR C 325 -3.08 7.49 -45.00
C TYR C 325 -4.36 6.67 -44.84
N LEU C 326 -5.46 7.35 -44.55
CA LEU C 326 -6.77 6.70 -44.48
C LEU C 326 -7.18 6.19 -45.86
N TYR C 327 -6.97 7.01 -46.88
CA TYR C 327 -7.27 6.61 -48.25
C TYR C 327 -6.19 5.67 -48.78
N ASP C 328 -5.04 5.68 -48.12
CA ASP C 328 -3.93 4.82 -48.52
C ASP C 328 -4.07 3.43 -47.92
N SER C 329 -4.89 3.32 -46.88
CA SER C 329 -5.05 2.04 -46.17
C SER C 329 -6.30 1.29 -46.62
N PHE C 330 -7.19 1.99 -47.31
CA PHE C 330 -8.47 1.40 -47.71
C PHE C 330 -8.30 0.35 -48.80
N GLN C 331 -8.54 -0.91 -48.45
CA GLN C 331 -8.44 -2.01 -49.38
C GLN C 331 -9.63 -2.95 -49.26
N HIS C 344 -15.34 -8.60 -51.30
CA HIS C 344 -16.33 -8.38 -50.25
C HIS C 344 -15.67 -7.80 -48.99
N ARG C 345 -14.35 -7.75 -48.99
CA ARG C 345 -13.59 -7.28 -47.82
C ARG C 345 -13.51 -5.76 -47.75
N LYS C 346 -13.54 -5.24 -46.53
CA LYS C 346 -13.34 -3.80 -46.30
C LYS C 346 -12.42 -3.60 -45.11
N VAL C 347 -11.12 -3.64 -45.36
CA VAL C 347 -10.13 -3.56 -44.30
C VAL C 347 -9.13 -2.42 -44.51
N LEU C 348 -8.97 -1.60 -43.47
CA LEU C 348 -8.00 -0.50 -43.50
C LEU C 348 -6.64 -0.98 -43.02
N LYS C 349 -5.67 -1.07 -43.93
CA LYS C 349 -4.35 -1.55 -43.58
C LYS C 349 -3.39 -0.40 -43.29
N LEU C 350 -3.66 0.35 -42.21
CA LEU C 350 -2.76 1.41 -41.78
C LEU C 350 -1.44 0.83 -41.32
N HIS C 351 -0.40 1.66 -41.31
CA HIS C 351 0.92 1.23 -40.87
C HIS C 351 0.88 0.83 -39.40
N PRO C 352 1.56 -0.27 -39.06
CA PRO C 352 1.63 -0.79 -37.68
C PRO C 352 2.07 0.28 -36.68
N CYS C 353 3.09 1.03 -37.02
CA CYS C 353 3.60 2.09 -36.15
C CYS C 353 2.67 3.30 -36.14
N LEU C 354 1.68 3.27 -37.03
CA LEU C 354 0.77 4.40 -37.19
C LEU C 354 -0.63 4.07 -36.71
N ALA C 355 -0.99 2.78 -36.76
CA ALA C 355 -2.32 2.33 -36.39
C ALA C 355 -2.66 2.68 -34.95
N PRO C 356 -3.86 3.25 -34.73
CA PRO C 356 -4.32 3.67 -33.40
C PRO C 356 -4.42 2.50 -32.43
N ILE C 357 -5.29 1.54 -32.73
CA ILE C 357 -5.40 0.34 -31.93
C ILE C 357 -4.78 -0.83 -32.69
N LYS C 358 -3.73 -1.42 -32.10
CA LYS C 358 -2.95 -2.42 -32.80
C LYS C 358 -3.31 -3.85 -32.41
N VAL C 359 -4.11 -4.01 -31.36
CA VAL C 359 -4.51 -5.33 -30.91
C VAL C 359 -5.84 -5.27 -30.15
N ALA C 360 -6.61 -6.35 -30.20
CA ALA C 360 -7.87 -6.44 -29.48
C ALA C 360 -8.10 -7.87 -29.02
N LEU C 361 -8.56 -8.03 -27.79
CA LEU C 361 -8.80 -9.37 -27.26
C LEU C 361 -10.20 -9.53 -26.66
N ASP C 362 -10.89 -10.58 -27.09
CA ASP C 362 -12.22 -10.92 -26.58
C ASP C 362 -12.21 -12.32 -25.98
N VAL C 363 -13.39 -12.82 -25.62
CA VAL C 363 -13.52 -14.20 -25.14
C VAL C 363 -14.37 -15.01 -26.13
N GLY C 364 -14.31 -16.33 -26.00
CA GLY C 364 -15.07 -17.21 -26.88
C GLY C 364 -16.04 -18.08 -26.10
N ARG C 365 -15.55 -18.63 -25.00
CA ARG C 365 -16.38 -19.41 -24.08
C ARG C 365 -17.48 -18.53 -23.50
N GLY C 366 -18.60 -19.15 -23.10
CA GLY C 366 -19.68 -18.43 -22.46
C GLY C 366 -19.20 -17.61 -21.27
N PRO C 367 -19.82 -16.44 -21.05
CA PRO C 367 -19.44 -15.44 -20.05
C PRO C 367 -19.06 -16.02 -18.69
N THR C 368 -17.75 -16.09 -18.43
CA THR C 368 -17.23 -16.61 -17.16
C THR C 368 -16.26 -15.60 -16.57
N LEU C 369 -16.24 -15.53 -15.23
CA LEU C 369 -15.39 -14.56 -14.52
C LEU C 369 -13.90 -14.80 -14.77
N GLU C 370 -13.51 -16.07 -14.85
CA GLU C 370 -12.11 -16.42 -15.04
C GLU C 370 -11.58 -15.91 -16.38
N LEU C 371 -12.41 -15.98 -17.41
CA LEU C 371 -12.07 -15.45 -18.72
C LEU C 371 -11.77 -13.96 -18.64
N ARG C 372 -12.58 -13.25 -17.86
CA ARG C 372 -12.41 -11.82 -17.66
C ARG C 372 -11.15 -11.53 -16.86
N GLN C 373 -10.82 -12.44 -15.95
CA GLN C 373 -9.60 -12.31 -15.16
C GLN C 373 -8.36 -12.41 -16.05
N VAL C 374 -8.32 -13.47 -16.86
CA VAL C 374 -7.22 -13.68 -17.80
C VAL C 374 -7.12 -12.53 -18.79
N CYS C 375 -8.27 -12.10 -19.32
CA CYS C 375 -8.29 -11.00 -20.29
C CYS C 375 -7.82 -9.69 -19.68
N GLN C 376 -8.17 -9.46 -18.42
CA GLN C 376 -7.72 -8.27 -17.70
C GLN C 376 -6.21 -8.36 -17.49
N GLY C 377 -5.74 -9.58 -17.27
CA GLY C 377 -4.32 -9.82 -17.12
C GLY C 377 -3.55 -9.44 -18.38
N LEU C 378 -3.99 -9.98 -19.51
CA LEU C 378 -3.37 -9.69 -20.80
C LEU C 378 -3.49 -8.20 -21.13
N PHE C 379 -4.60 -7.61 -20.72
CA PHE C 379 -4.85 -6.19 -20.91
C PHE C 379 -3.77 -5.36 -20.21
N ASN C 380 -3.61 -5.60 -18.91
CA ASN C 380 -2.59 -4.91 -18.13
C ASN C 380 -1.17 -5.17 -18.63
N GLU C 381 -0.90 -6.42 -19.01
CA GLU C 381 0.43 -6.79 -19.50
C GLU C 381 0.77 -6.06 -20.80
N LEU C 382 -0.17 -6.02 -21.72
CA LEU C 382 0.05 -5.35 -23.00
C LEU C 382 0.15 -3.84 -22.83
N LEU C 383 -0.67 -3.28 -21.95
CA LEU C 383 -0.62 -1.84 -21.67
C LEU C 383 0.63 -1.47 -20.89
N GLU C 384 1.26 -2.46 -20.27
CA GLU C 384 2.46 -2.22 -19.47
C GLU C 384 3.66 -1.95 -20.38
N ASN C 385 3.61 -2.49 -21.59
CA ASN C 385 4.71 -2.32 -22.54
C ASN C 385 4.36 -1.34 -23.66
N GLY C 386 3.33 -0.53 -23.44
CA GLY C 386 2.94 0.49 -24.40
C GLY C 386 2.35 -0.07 -25.68
N ILE C 387 1.35 -0.94 -25.54
CA ILE C 387 0.67 -1.51 -26.69
C ILE C 387 -0.84 -1.29 -26.58
N SER C 388 -1.38 -0.45 -27.47
CA SER C 388 -2.80 -0.13 -27.45
C SER C 388 -3.65 -1.38 -27.71
N VAL C 389 -4.50 -1.70 -26.74
CA VAL C 389 -5.34 -2.88 -26.83
C VAL C 389 -6.82 -2.54 -26.66
N TRP C 390 -7.63 -2.96 -27.63
CA TRP C 390 -9.07 -2.74 -27.57
C TRP C 390 -9.75 -3.86 -26.77
N PRO C 391 -10.47 -3.48 -25.70
CA PRO C 391 -11.16 -4.44 -24.84
C PRO C 391 -12.54 -4.79 -25.35
N GLY C 392 -12.68 -5.94 -25.98
CA GLY C 392 -13.97 -6.40 -26.48
C GLY C 392 -14.46 -7.60 -25.69
N TYR C 393 -13.86 -7.81 -24.53
CA TYR C 393 -14.18 -8.94 -23.68
C TYR C 393 -15.14 -8.53 -22.57
N LEU C 394 -15.70 -7.33 -22.70
CA LEU C 394 -16.57 -6.77 -21.67
C LEU C 394 -17.91 -7.49 -21.43
N GLU C 395 -18.71 -7.82 -22.46
CA GLU C 395 -18.43 -7.64 -23.89
C GLU C 395 -19.55 -7.02 -24.76
N THR C 396 -20.83 -7.36 -24.60
CA THR C 396 -21.37 -8.21 -23.54
C THR C 396 -21.85 -9.58 -24.01
N MET C 397 -22.10 -9.73 -25.31
CA MET C 397 -22.69 -10.96 -25.81
C MET C 397 -21.72 -11.84 -26.60
N GLN C 398 -20.80 -11.20 -27.34
CA GLN C 398 -19.93 -11.89 -28.29
C GLN C 398 -20.79 -12.74 -29.23
N SER C 399 -21.50 -12.06 -30.12
CA SER C 399 -22.43 -12.70 -31.03
C SER C 399 -21.73 -13.53 -32.11
N SER C 400 -21.20 -12.87 -33.11
CA SER C 400 -20.52 -13.55 -34.21
C SER C 400 -19.03 -13.27 -34.24
N LEU C 401 -18.31 -14.01 -35.07
CA LEU C 401 -16.86 -13.88 -35.18
C LEU C 401 -16.46 -13.16 -36.46
N GLU C 402 -17.22 -13.40 -37.53
CA GLU C 402 -16.92 -12.80 -38.83
C GLU C 402 -17.17 -11.29 -38.83
N GLN C 403 -18.30 -10.88 -38.27
CA GLN C 403 -18.65 -9.46 -38.22
C GLN C 403 -17.77 -8.74 -37.22
N LEU C 404 -17.31 -9.48 -36.20
CA LEU C 404 -16.37 -8.95 -35.23
C LEU C 404 -15.04 -8.68 -35.90
N TYR C 405 -14.57 -9.64 -36.69
CA TYR C 405 -13.34 -9.49 -37.45
C TYR C 405 -13.46 -8.36 -38.46
N SER C 406 -14.65 -8.21 -39.02
CA SER C 406 -14.90 -7.12 -39.97
C SER C 406 -14.80 -5.78 -39.26
N LYS C 407 -15.37 -5.69 -38.07
CA LYS C 407 -15.29 -4.48 -37.27
C LYS C 407 -13.84 -4.14 -36.92
N TYR C 408 -13.07 -5.16 -36.50
CA TYR C 408 -11.68 -4.94 -36.12
C TYR C 408 -10.78 -4.69 -37.32
N ASP C 409 -11.27 -5.05 -38.52
CA ASP C 409 -10.52 -4.79 -39.75
C ASP C 409 -10.83 -3.41 -40.28
N GLU C 410 -12.03 -2.90 -39.94
CA GLU C 410 -12.42 -1.55 -40.32
C GLU C 410 -11.81 -0.54 -39.36
N MET C 411 -11.30 -1.03 -38.24
CA MET C 411 -10.66 -0.18 -37.24
C MET C 411 -9.15 -0.26 -37.35
N SER C 412 -8.68 -0.97 -38.38
CA SER C 412 -7.25 -1.12 -38.66
C SER C 412 -6.47 -1.78 -37.52
N ILE C 413 -7.09 -2.75 -36.85
CA ILE C 413 -6.41 -3.50 -35.80
C ILE C 413 -5.46 -4.51 -36.43
N LEU C 414 -4.20 -4.51 -35.99
CA LEU C 414 -3.18 -5.39 -36.56
C LEU C 414 -3.48 -6.85 -36.26
N PHE C 415 -3.76 -7.16 -34.99
CA PHE C 415 -4.01 -8.53 -34.58
C PHE C 415 -5.20 -8.64 -33.64
N THR C 416 -6.03 -9.66 -33.85
CA THR C 416 -7.15 -9.92 -32.96
C THR C 416 -6.88 -11.19 -32.14
N VAL C 417 -7.10 -11.08 -30.83
CA VAL C 417 -6.79 -12.17 -29.91
C VAL C 417 -8.06 -12.76 -29.30
N LEU C 418 -8.17 -14.08 -29.33
CA LEU C 418 -9.33 -14.76 -28.76
C LEU C 418 -8.93 -15.66 -27.60
N VAL C 419 -9.56 -15.43 -26.45
CA VAL C 419 -9.30 -16.19 -25.24
C VAL C 419 -10.43 -17.17 -24.96
N THR C 420 -10.26 -18.41 -25.42
CA THR C 420 -11.27 -19.43 -25.24
C THR C 420 -11.12 -20.09 -23.86
N GLU C 421 -11.69 -21.28 -23.70
CA GLU C 421 -11.61 -22.00 -22.44
C GLU C 421 -10.37 -22.87 -22.37
N THR C 422 -9.81 -23.18 -23.53
CA THR C 422 -8.59 -23.99 -23.61
C THR C 422 -7.42 -23.22 -23.03
N THR C 423 -7.47 -21.91 -23.14
CA THR C 423 -6.44 -21.04 -22.60
C THR C 423 -6.30 -21.24 -21.10
N LEU C 424 -7.41 -21.63 -20.46
CA LEU C 424 -7.40 -21.90 -19.03
C LEU C 424 -6.86 -23.29 -18.72
N GLU C 425 -6.27 -23.92 -19.73
CA GLU C 425 -5.66 -25.24 -19.56
C GLU C 425 -4.24 -25.26 -20.09
N ASN C 426 -4.08 -24.92 -21.36
CA ASN C 426 -2.78 -24.96 -22.02
C ASN C 426 -2.16 -23.58 -22.20
N GLY C 427 -2.96 -22.54 -22.01
CA GLY C 427 -2.48 -21.17 -22.15
C GLY C 427 -2.47 -20.71 -23.59
N LEU C 428 -2.86 -21.59 -24.49
CA LEU C 428 -2.90 -21.26 -25.91
C LEU C 428 -4.00 -20.24 -26.21
N ILE C 429 -3.72 -19.33 -27.13
CA ILE C 429 -4.64 -18.25 -27.47
C ILE C 429 -4.78 -18.14 -28.98
N HIS C 430 -5.95 -17.69 -29.43
CA HIS C 430 -6.23 -17.62 -30.87
C HIS C 430 -5.87 -16.27 -31.48
N LEU C 431 -4.66 -16.20 -32.04
CA LEU C 431 -4.24 -15.00 -32.77
C LEU C 431 -4.88 -14.94 -34.14
N ARG C 432 -5.01 -13.75 -34.69
CA ARG C 432 -5.51 -13.59 -36.05
C ARG C 432 -5.00 -12.30 -36.67
N SER C 433 -4.18 -12.44 -37.71
CA SER C 433 -3.58 -11.28 -38.37
C SER C 433 -4.60 -10.50 -39.18
N ARG C 434 -4.18 -9.34 -39.69
CA ARG C 434 -5.05 -8.49 -40.48
C ARG C 434 -4.61 -8.46 -41.95
N ASP C 435 -3.31 -8.27 -42.16
CA ASP C 435 -2.76 -8.16 -43.50
C ASP C 435 -2.79 -9.50 -44.22
N THR C 436 -2.84 -10.58 -43.46
CA THR C 436 -2.86 -11.93 -44.05
C THR C 436 -4.12 -12.69 -43.64
N THR C 437 -4.76 -12.22 -42.58
CA THR C 437 -5.97 -12.84 -42.03
C THR C 437 -5.76 -14.33 -41.72
N MET C 438 -4.58 -14.66 -41.22
CA MET C 438 -4.26 -16.05 -40.89
C MET C 438 -4.62 -16.36 -39.44
N LYS C 439 -5.58 -17.27 -39.26
CA LYS C 439 -5.96 -17.71 -37.93
C LYS C 439 -4.87 -18.59 -37.32
N GLU C 440 -4.10 -18.00 -36.41
CA GLU C 440 -2.99 -18.69 -35.78
C GLU C 440 -3.30 -18.97 -34.31
N MET C 441 -2.45 -19.77 -33.67
CA MET C 441 -2.58 -20.04 -32.24
C MET C 441 -1.21 -20.01 -31.57
N MET C 442 -1.10 -19.24 -30.49
CA MET C 442 0.16 -19.17 -29.76
C MET C 442 -0.05 -18.98 -28.27
N HIS C 443 0.91 -19.44 -27.47
CA HIS C 443 0.83 -19.33 -26.02
C HIS C 443 0.71 -17.87 -25.60
N ILE C 444 -0.11 -17.62 -24.57
CA ILE C 444 -0.42 -16.26 -24.13
C ILE C 444 0.81 -15.53 -23.58
N SER C 445 1.79 -16.29 -23.11
CA SER C 445 2.98 -15.71 -22.52
C SER C 445 3.90 -15.08 -23.57
N LYS C 446 3.86 -15.62 -24.79
CA LYS C 446 4.75 -15.17 -25.85
C LYS C 446 4.05 -14.19 -26.80
N LEU C 447 2.99 -13.54 -26.30
CA LEU C 447 2.23 -12.61 -27.12
C LEU C 447 2.84 -11.20 -27.09
N LYS C 448 3.23 -10.76 -25.90
CA LYS C 448 3.86 -9.46 -25.70
C LYS C 448 5.12 -9.32 -26.55
N ASP C 449 6.01 -10.29 -26.41
CA ASP C 449 7.27 -10.30 -27.15
C ASP C 449 7.01 -10.30 -28.65
N PHE C 450 5.99 -11.04 -29.08
CA PHE C 450 5.64 -11.12 -30.49
C PHE C 450 5.17 -9.77 -31.04
N LEU C 451 4.23 -9.14 -30.33
CA LEU C 451 3.71 -7.84 -30.76
C LEU C 451 4.80 -6.77 -30.77
N ILE C 452 5.59 -6.72 -29.70
CA ILE C 452 6.67 -5.76 -29.59
C ILE C 452 7.69 -5.95 -30.71
N LYS C 453 8.07 -7.20 -30.96
CA LYS C 453 9.03 -7.50 -32.02
C LYS C 453 8.45 -7.17 -33.40
N TYR C 454 7.14 -7.32 -33.54
CA TYR C 454 6.47 -7.04 -34.80
C TYR C 454 6.45 -5.53 -35.09
N ILE C 455 6.14 -4.75 -34.06
CA ILE C 455 6.16 -3.29 -34.19
C ILE C 455 7.58 -2.80 -34.43
N SER C 456 8.54 -3.40 -33.73
CA SER C 456 9.94 -3.01 -33.86
C SER C 456 10.51 -3.42 -35.22
N SER C 457 9.90 -4.43 -35.84
CA SER C 457 10.34 -4.89 -37.15
C SER C 457 9.87 -3.96 -38.25
N ALA C 458 8.89 -3.13 -37.93
CA ALA C 458 8.37 -2.14 -38.88
C ALA C 458 9.20 -0.87 -38.86
N LYS C 459 10.23 -0.86 -38.01
CA LYS C 459 11.16 0.26 -37.93
C LYS C 459 12.28 0.12 -38.94
N ASN C 460 12.06 0.65 -40.14
CA ASN C 460 13.06 0.61 -41.19
C ASN C 460 12.82 1.69 -42.25
N VAL C 461 13.90 2.10 -42.93
CA VAL C 461 13.80 3.14 -43.95
C VAL C 461 14.70 2.82 -45.14
#